data_2JFD
#
_entry.id   2JFD
#
_cell.length_a   85.980
_cell.length_b   92.690
_cell.length_c   259.870
_cell.angle_alpha   90.00
_cell.angle_beta   90.00
_cell.angle_gamma   90.00
#
_symmetry.space_group_name_H-M   'P 21 21 21'
#
loop_
_entity.id
_entity.type
_entity.pdbx_description
1 polymer 'FATTY ACID SYNTHASE'
2 water water
#
_entity_poly.entity_id   1
_entity_poly.type   'polypeptide(L)'
_entity_poly.pdbx_seq_one_letter_code
;MHHHHHHSSGVDLGTENLYFQSMRLLRASGRTPEAVQKLLEQGLRHSQDLAFLSMLNDIAAVPATAMPFRGYAVLGGERG
GPEVQQVPAGERPLWFICSGMGTQWRGMGLSLMRLDRFRDSILRSDEAVKPFGLKVSQLLLSTDESTFDDIVHSFVSLTA
IQIGLIDLLSCMGLRPDGIVGHSLGEVACGYADGCLSQEEAVLAAYWRGQCIKEAHLPPGAMAAVGLSWEECKQRCPPGV
VPACHNSKDTVTISGPQAPVFEFVEQLRKEGVFAKEVRTGGMAFHSYFMEAIAPPLLQELKKVIREPKPRSARWLSTSIP
EAQWHSSLARTSSAEYNVNNLVSPVLFQEALWHVPEHAVVLEIAPHALLQAVLKRGLKPSCTIIPLMKKDHRDNLEFFLA
GIGRLHLSGIDANPNALFPPVEFPA
;
_entity_poly.pdbx_strand_id   A,B,C,D
#
# COMPACT_ATOMS: atom_id res chain seq x y z
N GLN A 21 -20.53 15.59 -82.05
CA GLN A 21 -20.26 14.16 -82.46
C GLN A 21 -20.11 13.27 -81.21
N SER A 22 -21.27 12.94 -80.63
CA SER A 22 -21.37 12.36 -79.28
C SER A 22 -20.62 11.07 -79.02
N MET A 23 -20.61 10.19 -80.00
CA MET A 23 -20.28 8.76 -79.83
C MET A 23 -19.03 8.53 -78.98
N ARG A 24 -19.11 7.60 -78.02
CA ARG A 24 -17.99 7.29 -77.12
C ARG A 24 -17.84 5.80 -76.87
N LEU A 25 -16.60 5.39 -76.58
CA LEU A 25 -16.35 4.03 -76.14
C LEU A 25 -16.38 4.03 -74.64
N LEU A 26 -17.16 3.11 -74.07
CA LEU A 26 -17.16 2.87 -72.65
C LEU A 26 -16.61 1.47 -72.39
N ARG A 27 -15.64 1.40 -71.46
CA ARG A 27 -15.06 0.15 -71.02
C ARG A 27 -15.37 -0.05 -69.54
N ALA A 28 -15.53 -1.29 -69.13
CA ALA A 28 -15.87 -1.60 -67.76
C ALA A 28 -15.11 -2.82 -67.27
N SER A 29 -15.02 -2.94 -65.95
CA SER A 29 -14.35 -4.07 -65.31
C SER A 29 -15.01 -4.38 -63.98
N GLY A 30 -14.89 -5.62 -63.50
CA GLY A 30 -15.50 -5.97 -62.23
C GLY A 30 -15.35 -7.42 -61.88
N ARG A 31 -15.55 -7.75 -60.62
CA ARG A 31 -15.30 -9.12 -60.18
C ARG A 31 -16.38 -10.09 -60.64
N THR A 32 -17.36 -9.57 -61.38
CA THR A 32 -18.38 -10.45 -61.88
C THR A 32 -19.00 -9.90 -63.14
N PRO A 33 -19.43 -10.77 -64.05
CA PRO A 33 -19.95 -10.25 -65.31
C PRO A 33 -21.06 -9.24 -65.07
N GLU A 34 -21.88 -9.55 -64.07
CA GLU A 34 -23.06 -8.76 -63.75
C GLU A 34 -22.67 -7.36 -63.30
N ALA A 35 -21.52 -7.27 -62.63
CA ALA A 35 -20.92 -5.99 -62.24
C ALA A 35 -20.71 -5.12 -63.48
N VAL A 36 -20.18 -5.75 -64.52
CA VAL A 36 -19.78 -5.03 -65.72
C VAL A 36 -21.06 -4.63 -66.47
N GLN A 37 -21.99 -5.56 -66.61
CA GLN A 37 -23.26 -5.28 -67.29
C GLN A 37 -23.97 -4.13 -66.65
N LYS A 38 -24.09 -4.21 -65.32
CA LYS A 38 -24.69 -3.13 -64.54
C LYS A 38 -23.95 -1.81 -64.82
N LEU A 39 -22.63 -1.91 -64.91
CA LEU A 39 -21.80 -0.74 -65.14
C LEU A 39 -22.10 -0.17 -66.50
N LEU A 40 -22.11 -1.03 -67.50
CA LEU A 40 -22.37 -0.58 -68.84
C LEU A 40 -23.77 0.01 -68.95
N GLU A 41 -24.75 -0.64 -68.31
CA GLU A 41 -26.10 -0.08 -68.24
C GLU A 41 -26.08 1.34 -67.75
N GLN A 42 -25.28 1.66 -66.74
CA GLN A 42 -25.30 3.02 -66.18
C GLN A 42 -24.74 4.04 -67.17
N GLY A 43 -23.67 3.68 -67.85
CA GLY A 43 -23.10 4.53 -68.88
C GLY A 43 -24.10 4.78 -69.98
N LEU A 44 -24.83 3.73 -70.36
CA LEU A 44 -25.85 3.83 -71.39
C LEU A 44 -26.90 4.84 -70.97
N ARG A 45 -27.38 4.76 -69.73
CA ARG A 45 -28.40 5.70 -69.28
C ARG A 45 -27.82 7.06 -68.87
N HIS A 46 -26.52 7.25 -69.13
CA HIS A 46 -25.89 8.56 -68.98
C HIS A 46 -25.08 8.84 -70.25
N SER A 47 -25.57 8.34 -71.38
CA SER A 47 -24.85 8.43 -72.65
C SER A 47 -24.30 9.81 -72.92
N GLN A 48 -25.06 10.85 -72.62
CA GLN A 48 -24.67 12.20 -73.04
C GLN A 48 -23.85 12.98 -72.00
N ASP A 49 -23.51 12.36 -70.87
CA ASP A 49 -22.65 13.00 -69.88
C ASP A 49 -21.20 12.57 -70.04
N LEU A 50 -20.42 13.40 -70.74
CA LEU A 50 -19.06 13.04 -71.07
C LEU A 50 -18.14 13.04 -69.85
N ALA A 51 -18.31 13.98 -68.93
CA ALA A 51 -17.52 14.00 -67.69
C ALA A 51 -17.66 12.67 -66.93
N PHE A 52 -18.90 12.16 -66.92
CA PHE A 52 -19.27 10.92 -66.25
C PHE A 52 -18.64 9.71 -66.94
N LEU A 53 -18.81 9.65 -68.26
CA LEU A 53 -18.20 8.57 -69.02
C LEU A 53 -16.68 8.54 -68.87
N SER A 54 -16.06 9.72 -68.92
CA SER A 54 -14.61 9.82 -68.79
C SER A 54 -14.19 9.18 -67.49
N MET A 55 -14.97 9.43 -66.46
CA MET A 55 -14.71 8.87 -65.14
C MET A 55 -14.80 7.37 -65.18
N LEU A 56 -15.90 6.85 -65.69
CA LEU A 56 -16.05 5.41 -65.81
C LEU A 56 -14.86 4.78 -66.50
N ASN A 57 -14.37 5.44 -67.56
CA ASN A 57 -13.27 4.86 -68.32
C ASN A 57 -11.98 4.82 -67.51
N ASP A 58 -11.74 5.82 -66.67
CA ASP A 58 -10.54 5.83 -65.80
C ASP A 58 -10.60 4.66 -64.79
N ILE A 59 -11.80 4.42 -64.27
CA ILE A 59 -12.08 3.38 -63.29
C ILE A 59 -11.80 1.96 -63.76
N ALA A 60 -11.98 1.73 -65.06
CA ALA A 60 -11.92 0.38 -65.62
C ALA A 60 -10.52 -0.22 -65.60
N ALA A 61 -9.52 0.62 -65.42
CA ALA A 61 -8.14 0.16 -65.37
C ALA A 61 -7.87 -0.65 -64.09
N VAL A 62 -8.23 -1.92 -64.10
CA VAL A 62 -8.09 -2.76 -62.93
C VAL A 62 -7.62 -4.16 -63.37
N PRO A 63 -6.48 -4.58 -62.85
CA PRO A 63 -5.94 -5.91 -63.12
C PRO A 63 -6.99 -7.01 -63.11
N ALA A 64 -6.89 -7.93 -64.07
CA ALA A 64 -7.76 -9.11 -64.12
C ALA A 64 -7.65 -9.91 -62.84
N THR A 65 -6.44 -9.98 -62.27
CA THR A 65 -6.21 -10.47 -60.92
C THR A 65 -7.33 -10.09 -59.98
N ALA A 66 -7.58 -8.80 -59.92
CA ALA A 66 -8.57 -8.20 -59.03
C ALA A 66 -9.97 -8.34 -59.58
N MET A 67 -10.16 -7.86 -60.81
CA MET A 67 -11.46 -7.85 -61.46
C MET A 67 -11.38 -8.60 -62.78
N PRO A 68 -11.63 -9.92 -62.75
CA PRO A 68 -11.50 -10.76 -63.92
C PRO A 68 -12.59 -10.69 -65.00
N PHE A 69 -13.57 -9.80 -64.85
CA PHE A 69 -14.52 -9.61 -65.91
C PHE A 69 -14.40 -8.20 -66.47
N ARG A 70 -14.26 -8.12 -67.79
CA ARG A 70 -14.19 -6.84 -68.48
C ARG A 70 -15.25 -6.81 -69.59
N GLY A 71 -15.72 -5.61 -69.90
CA GLY A 71 -16.70 -5.42 -70.95
C GLY A 71 -16.54 -4.09 -71.64
N TYR A 72 -17.25 -3.91 -72.76
CA TYR A 72 -17.28 -2.61 -73.43
C TYR A 72 -18.58 -2.38 -74.21
N ALA A 73 -18.83 -1.11 -74.50
CA ALA A 73 -19.93 -0.74 -75.35
C ALA A 73 -19.60 0.57 -76.01
N VAL A 74 -19.95 0.69 -77.27
CA VAL A 74 -19.79 1.93 -78.02
C VAL A 74 -21.12 2.66 -77.99
N LEU A 75 -21.19 3.71 -77.16
CA LEU A 75 -22.42 4.47 -76.99
C LEU A 75 -22.51 5.47 -78.13
N GLY A 76 -23.70 5.56 -78.75
CA GLY A 76 -23.85 6.24 -80.05
C GLY A 76 -23.75 5.21 -81.16
N GLY A 77 -24.62 5.31 -82.16
CA GLY A 77 -24.67 4.30 -83.22
C GLY A 77 -25.09 2.93 -82.72
N GLU A 78 -25.09 1.93 -83.61
CA GLU A 78 -25.54 0.58 -83.23
C GLU A 78 -24.63 -0.57 -83.70
N ARG A 79 -23.39 -0.56 -83.23
CA ARG A 79 -22.64 -1.81 -82.99
C ARG A 79 -22.53 -1.80 -81.48
N GLY A 80 -23.59 -1.30 -80.86
CA GLY A 80 -23.56 -0.76 -79.50
C GLY A 80 -23.99 -1.72 -78.42
N GLY A 81 -24.63 -2.83 -78.81
CA GLY A 81 -24.84 -3.98 -77.91
C GLY A 81 -23.55 -4.26 -77.14
N PRO A 82 -23.67 -4.68 -75.87
CA PRO A 82 -22.51 -4.70 -74.99
C PRO A 82 -21.76 -5.99 -75.22
N GLU A 83 -20.45 -6.00 -74.95
CA GLU A 83 -19.69 -7.24 -74.98
C GLU A 83 -18.96 -7.40 -73.67
N VAL A 84 -19.12 -8.58 -73.07
CA VAL A 84 -18.53 -8.86 -71.78
C VAL A 84 -17.95 -10.26 -71.82
N GLN A 85 -16.79 -10.39 -71.20
CA GLN A 85 -16.14 -11.67 -71.10
C GLN A 85 -15.08 -11.70 -70.00
N GLN A 86 -14.70 -12.91 -69.61
CA GLN A 86 -13.69 -13.06 -68.59
C GLN A 86 -12.32 -12.84 -69.20
N VAL A 87 -11.49 -12.07 -68.52
CA VAL A 87 -10.13 -11.87 -68.98
C VAL A 87 -9.22 -12.80 -68.26
N PRO A 88 -8.30 -13.43 -68.99
CA PRO A 88 -7.33 -14.28 -68.34
C PRO A 88 -6.16 -13.48 -67.75
N ALA A 89 -5.61 -14.02 -66.66
CA ALA A 89 -4.49 -13.41 -65.97
C ALA A 89 -3.26 -13.37 -66.87
N GLY A 90 -2.40 -12.38 -66.62
CA GLY A 90 -1.07 -12.34 -67.22
C GLY A 90 -0.88 -11.30 -68.30
N GLU A 91 0.36 -11.26 -68.79
CA GLU A 91 0.82 -10.30 -69.77
C GLU A 91 0.60 -10.90 -71.17
N ARG A 92 -0.04 -10.14 -72.05
CA ARG A 92 -0.09 -10.48 -73.47
C ARG A 92 0.62 -9.43 -74.31
N PRO A 93 1.50 -9.85 -75.21
CA PRO A 93 2.22 -8.93 -76.07
C PRO A 93 1.40 -8.37 -77.23
N LEU A 94 1.61 -7.09 -77.51
CA LEU A 94 0.88 -6.36 -78.51
C LEU A 94 1.67 -6.28 -79.81
N TRP A 95 1.02 -6.63 -80.91
CA TRP A 95 1.66 -6.62 -82.20
C TRP A 95 0.90 -5.82 -83.22
N PHE A 96 1.67 -5.03 -83.97
CA PHE A 96 1.14 -4.21 -85.04
C PHE A 96 1.40 -4.88 -86.40
N ILE A 97 0.36 -5.06 -87.20
CA ILE A 97 0.54 -5.53 -88.57
C ILE A 97 0.13 -4.40 -89.49
N CYS A 98 1.01 -4.02 -90.40
CA CYS A 98 0.70 -3.00 -91.39
C CYS A 98 0.55 -3.63 -92.75
N SER A 99 -0.67 -3.56 -93.26
CA SER A 99 -1.01 -4.08 -94.55
C SER A 99 -0.56 -3.09 -95.62
N GLY A 100 -0.51 -3.56 -96.86
CA GLY A 100 -0.12 -2.72 -98.01
C GLY A 100 -0.82 -3.07 -99.31
N MET A 101 -0.84 -4.36 -99.62
CA MET A 101 -1.52 -4.90 -100.80
C MET A 101 -2.94 -4.27 -100.97
N GLY A 102 -3.03 -3.19 -101.77
CA GLY A 102 -4.31 -2.63 -102.25
C GLY A 102 -5.53 -2.52 -101.33
N THR A 103 -5.33 -1.94 -100.16
CA THR A 103 -6.42 -1.78 -99.20
C THR A 103 -7.20 -0.47 -99.42
N GLN A 104 -7.30 -0.01 -100.67
CA GLN A 104 -7.89 1.32 -100.97
C GLN A 104 -9.39 1.22 -101.27
N TRP A 105 -10.12 2.30 -100.97
CA TRP A 105 -11.55 2.39 -101.30
C TRP A 105 -12.12 3.80 -101.25
N ARG A 106 -13.19 4.04 -101.99
CA ARG A 106 -13.74 5.41 -102.14
C ARG A 106 -14.39 5.86 -100.84
N GLY A 107 -13.69 6.73 -100.11
CA GLY A 107 -14.20 7.30 -98.86
C GLY A 107 -13.48 6.82 -97.60
N MET A 108 -12.31 6.20 -97.75
CA MET A 108 -11.45 5.83 -96.61
C MET A 108 -11.33 6.99 -95.63
N GLY A 109 -11.54 6.74 -94.35
CA GLY A 109 -11.11 7.68 -93.32
C GLY A 109 -11.96 8.91 -93.02
N LEU A 110 -12.89 9.27 -93.91
CA LEU A 110 -13.81 10.38 -93.63
C LEU A 110 -14.55 10.04 -92.34
N SER A 111 -15.03 8.80 -92.26
CA SER A 111 -15.42 8.13 -91.02
C SER A 111 -14.64 8.61 -89.78
N LEU A 112 -13.32 8.38 -89.79
CA LEU A 112 -12.43 8.67 -88.63
C LEU A 112 -11.98 10.09 -88.51
N MET A 113 -12.33 10.91 -89.48
CA MET A 113 -11.81 12.27 -89.55
C MET A 113 -12.35 13.10 -88.37
N ARG A 114 -13.42 12.61 -87.74
CA ARG A 114 -14.01 13.25 -86.59
C ARG A 114 -13.09 13.28 -85.37
N LEU A 115 -12.20 12.30 -85.24
CA LEU A 115 -11.22 12.32 -84.16
C LEU A 115 -10.14 13.34 -84.46
N ASP A 116 -10.10 14.39 -83.65
CA ASP A 116 -9.17 15.49 -83.89
C ASP A 116 -7.72 15.01 -84.07
N ARG A 117 -7.28 14.09 -83.23
CA ARG A 117 -5.92 13.55 -83.35
C ARG A 117 -5.71 12.94 -84.73
N PHE A 118 -6.75 12.27 -85.25
CA PHE A 118 -6.69 11.66 -86.58
C PHE A 118 -6.65 12.73 -87.66
N ARG A 119 -7.66 13.59 -87.68
CA ARG A 119 -7.68 14.69 -88.62
C ARG A 119 -6.34 15.47 -88.57
N ASP A 120 -5.83 15.76 -87.37
CA ASP A 120 -4.58 16.51 -87.26
C ASP A 120 -3.40 15.77 -87.87
N SER A 121 -3.37 14.46 -87.74
CA SER A 121 -2.32 13.66 -88.37
C SER A 121 -2.36 13.82 -89.89
N ILE A 122 -3.55 13.69 -90.45
CA ILE A 122 -3.72 13.70 -91.91
C ILE A 122 -3.36 15.06 -92.47
N LEU A 123 -3.75 16.13 -91.77
CA LEU A 123 -3.38 17.47 -92.21
C LEU A 123 -1.86 17.63 -92.12
N ARG A 124 -1.26 17.13 -91.03
CA ARG A 124 0.20 17.10 -90.88
C ARG A 124 0.84 16.35 -92.06
N SER A 125 0.17 15.31 -92.56
CA SER A 125 0.64 14.59 -93.74
C SER A 125 0.55 15.47 -94.97
N ASP A 126 -0.58 16.16 -95.12
CA ASP A 126 -0.79 17.05 -96.25
C ASP A 126 0.37 18.01 -96.38
N GLU A 127 0.84 18.50 -95.23
CA GLU A 127 1.98 19.41 -95.17
C GLU A 127 3.19 18.86 -95.94
N ALA A 128 3.48 17.57 -95.74
CA ALA A 128 4.56 16.89 -96.46
C ALA A 128 4.35 16.87 -97.98
N VAL A 129 3.09 16.82 -98.42
CA VAL A 129 2.78 16.79 -99.86
C VAL A 129 2.07 18.07 -100.37
N LYS A 130 2.26 19.19 -99.64
CA LYS A 130 1.82 20.52 -100.11
C LYS A 130 2.45 20.81 -101.48
N PRO A 131 3.79 20.72 -101.57
CA PRO A 131 4.40 20.61 -102.90
C PRO A 131 3.94 19.31 -103.55
N PHE A 132 4.17 19.19 -104.85
CA PHE A 132 3.51 18.15 -105.66
C PHE A 132 2.00 18.39 -105.78
N GLY A 133 1.52 19.51 -105.23
CA GLY A 133 0.09 19.84 -105.19
C GLY A 133 -0.82 18.65 -104.96
N LEU A 134 -0.76 18.07 -103.76
CA LEU A 134 -1.70 17.02 -103.39
C LEU A 134 -2.19 17.22 -101.96
N LYS A 135 -3.51 17.21 -101.79
CA LYS A 135 -4.12 17.29 -100.47
C LYS A 135 -4.73 15.93 -100.13
N VAL A 136 -4.05 15.17 -99.27
CA VAL A 136 -4.54 13.87 -98.83
C VAL A 136 -5.97 13.96 -98.30
N SER A 137 -6.23 15.03 -97.55
CA SER A 137 -7.60 15.33 -97.10
C SER A 137 -8.52 15.55 -98.29
N GLN A 138 -8.12 16.38 -99.25
CA GLN A 138 -8.89 16.55 -100.48
C GLN A 138 -9.09 15.18 -101.15
N LEU A 139 -8.05 14.34 -101.12
CA LEU A 139 -8.11 12.97 -101.66
C LEU A 139 -9.19 12.16 -100.98
N LEU A 140 -9.16 12.15 -99.66
CA LEU A 140 -10.13 11.37 -98.89
C LEU A 140 -11.51 12.00 -99.03
N LEU A 141 -11.56 13.33 -98.92
CA LEU A 141 -12.83 14.08 -99.02
C LEU A 141 -13.41 14.05 -100.43
N SER A 142 -12.59 13.66 -101.41
CA SER A 142 -13.05 13.48 -102.79
C SER A 142 -14.20 12.47 -102.88
N THR A 143 -14.88 12.51 -104.03
CA THR A 143 -16.05 11.68 -104.28
C THR A 143 -16.02 11.10 -105.70
N ASP A 144 -14.84 10.99 -106.29
CA ASP A 144 -14.71 10.43 -107.63
C ASP A 144 -14.33 8.96 -107.54
N GLU A 145 -15.12 8.10 -108.18
CA GLU A 145 -14.92 6.66 -108.10
C GLU A 145 -13.58 6.20 -108.67
N SER A 146 -12.98 7.04 -109.53
CA SER A 146 -11.66 6.75 -110.12
C SER A 146 -10.51 7.39 -109.34
N THR A 147 -10.83 8.13 -108.29
CA THR A 147 -9.81 8.91 -107.58
C THR A 147 -8.62 8.06 -107.11
N PHE A 148 -8.89 6.85 -106.62
CA PHE A 148 -7.83 5.98 -106.12
C PHE A 148 -7.35 4.98 -107.17
N ASP A 149 -7.75 5.17 -108.42
CA ASP A 149 -7.16 4.38 -109.50
C ASP A 149 -5.73 4.85 -109.80
N ASP A 150 -5.44 6.09 -109.43
CA ASP A 150 -4.09 6.63 -109.49
C ASP A 150 -3.20 5.96 -108.43
N ILE A 151 -2.00 5.54 -108.82
CA ILE A 151 -1.08 4.85 -107.91
C ILE A 151 -0.60 5.76 -106.80
N VAL A 152 -0.19 6.98 -107.15
CA VAL A 152 0.34 7.88 -106.14
C VAL A 152 -0.74 8.25 -105.13
N HIS A 153 -1.95 8.52 -105.63
CA HIS A 153 -3.08 8.80 -104.74
C HIS A 153 -3.26 7.71 -103.70
N SER A 154 -3.41 6.47 -104.17
CA SER A 154 -3.58 5.33 -103.28
C SER A 154 -2.40 5.19 -102.32
N PHE A 155 -1.21 5.06 -102.86
CA PHE A 155 -0.01 4.91 -102.03
C PHE A 155 0.06 5.89 -100.86
N VAL A 156 -0.01 7.19 -101.17
CA VAL A 156 0.05 8.19 -100.10
C VAL A 156 -1.12 8.05 -99.14
N SER A 157 -2.32 7.90 -99.69
CA SER A 157 -3.51 7.76 -98.85
C SER A 157 -3.40 6.58 -97.89
N LEU A 158 -3.02 5.42 -98.42
CA LEU A 158 -2.82 4.24 -97.58
C LEU A 158 -1.89 4.62 -96.44
N THR A 159 -0.71 5.11 -96.77
CA THR A 159 0.28 5.36 -95.73
C THR A 159 -0.15 6.48 -94.76
N ALA A 160 -0.82 7.51 -95.29
CA ALA A 160 -1.37 8.56 -94.46
C ALA A 160 -2.23 7.99 -93.35
N ILE A 161 -3.17 7.13 -93.77
CA ILE A 161 -4.15 6.57 -92.87
C ILE A 161 -3.47 5.71 -91.81
N GLN A 162 -2.53 4.89 -92.25
CA GLN A 162 -1.79 4.04 -91.30
C GLN A 162 -1.16 4.91 -90.20
N ILE A 163 -0.56 6.01 -90.60
CA ILE A 163 0.06 6.91 -89.65
C ILE A 163 -0.98 7.43 -88.67
N GLY A 164 -2.12 7.85 -89.21
CA GLY A 164 -3.22 8.31 -88.38
C GLY A 164 -3.59 7.25 -87.35
N LEU A 165 -3.90 6.04 -87.84
CA LEU A 165 -4.24 4.96 -86.93
C LEU A 165 -3.13 4.81 -85.88
N ILE A 166 -1.88 4.82 -86.32
CA ILE A 166 -0.77 4.67 -85.39
C ILE A 166 -0.83 5.76 -84.34
N ASP A 167 -1.11 6.97 -84.78
CA ASP A 167 -1.14 8.09 -83.87
C ASP A 167 -2.27 7.95 -82.85
N LEU A 168 -3.44 7.50 -83.31
CA LEU A 168 -4.54 7.25 -82.39
C LEU A 168 -4.10 6.30 -81.30
N LEU A 169 -3.49 5.20 -81.73
CA LEU A 169 -3.04 4.17 -80.81
C LEU A 169 -2.00 4.71 -79.85
N SER A 170 -1.04 5.45 -80.37
CA SER A 170 0.03 5.95 -79.52
C SER A 170 -0.46 6.95 -78.48
N CYS A 171 -1.57 7.64 -78.79
CA CYS A 171 -2.11 8.65 -77.86
C CYS A 171 -2.72 8.02 -76.62
N MET A 172 -3.13 6.75 -76.74
CA MET A 172 -3.58 5.95 -75.62
C MET A 172 -2.42 5.22 -74.96
N GLY A 173 -1.20 5.56 -75.37
CA GLY A 173 0.01 5.01 -74.78
C GLY A 173 0.23 3.57 -75.14
N LEU A 174 -0.12 3.18 -76.36
CA LEU A 174 0.07 1.80 -76.77
C LEU A 174 1.42 1.68 -77.48
N ARG A 175 2.35 0.99 -76.84
CA ARG A 175 3.67 0.71 -77.40
C ARG A 175 3.68 -0.76 -77.86
N PRO A 176 3.92 -1.01 -79.15
CA PRO A 176 3.89 -2.38 -79.65
C PRO A 176 5.13 -3.14 -79.24
N ASP A 177 4.93 -4.42 -78.93
CA ASP A 177 6.04 -5.32 -78.59
C ASP A 177 6.65 -5.91 -79.84
N GLY A 178 5.88 -5.91 -80.94
CA GLY A 178 6.37 -6.39 -82.24
C GLY A 178 5.69 -5.67 -83.41
N ILE A 179 6.43 -5.46 -84.50
CA ILE A 179 5.88 -4.82 -85.68
C ILE A 179 6.26 -5.58 -86.93
N VAL A 180 5.26 -5.81 -87.78
CA VAL A 180 5.43 -6.56 -89.02
C VAL A 180 4.58 -5.93 -90.13
N GLY A 181 5.20 -5.75 -91.30
CA GLY A 181 4.55 -5.08 -92.41
C GLY A 181 4.48 -5.91 -93.68
N HIS A 182 3.67 -5.43 -94.60
CA HIS A 182 3.45 -6.13 -95.81
C HIS A 182 3.56 -5.14 -96.97
N SER A 183 4.56 -5.36 -97.84
CA SER A 183 4.96 -4.44 -98.88
C SER A 183 4.99 -3.01 -98.36
N LEU A 184 4.14 -2.14 -98.93
CA LEU A 184 4.14 -0.74 -98.58
C LEU A 184 4.01 -0.55 -97.07
N GLY A 185 3.26 -1.45 -96.42
CA GLY A 185 3.12 -1.46 -94.96
C GLY A 185 4.43 -1.28 -94.20
N GLU A 186 5.52 -1.82 -94.74
CA GLU A 186 6.85 -1.63 -94.14
C GLU A 186 7.25 -0.15 -94.03
N VAL A 187 6.57 0.74 -94.76
CA VAL A 187 6.80 2.17 -94.54
C VAL A 187 6.14 2.58 -93.22
N ALA A 188 4.86 2.29 -93.07
CA ALA A 188 4.17 2.56 -91.80
C ALA A 188 5.00 1.99 -90.67
N CYS A 189 5.50 0.78 -90.88
CA CYS A 189 6.24 0.07 -89.85
C CYS A 189 7.36 0.90 -89.35
N GLY A 190 8.12 1.49 -90.27
CA GLY A 190 9.22 2.42 -89.93
C GLY A 190 8.77 3.53 -89.03
N TYR A 191 7.66 4.18 -89.38
CA TYR A 191 7.06 5.21 -88.51
C TYR A 191 6.73 4.65 -87.12
N ALA A 192 6.07 3.50 -87.09
CA ALA A 192 5.73 2.84 -85.83
C ALA A 192 6.97 2.53 -85.01
N ASP A 193 8.03 2.06 -85.65
CA ASP A 193 9.27 1.79 -84.94
C ASP A 193 10.02 3.07 -84.57
N GLY A 194 9.52 4.21 -85.04
CA GLY A 194 10.23 5.48 -84.82
C GLY A 194 11.54 5.52 -85.59
N CYS A 195 11.54 4.94 -86.79
CA CYS A 195 12.69 5.01 -87.67
C CYS A 195 12.50 6.14 -88.64
N LEU A 196 11.33 6.16 -89.28
CA LEU A 196 10.95 7.24 -90.18
C LEU A 196 10.02 8.22 -89.44
N SER A 197 10.11 9.49 -89.82
CA SER A 197 9.20 10.53 -89.37
C SER A 197 7.95 10.52 -90.22
N GLN A 198 6.95 11.31 -89.81
CA GLN A 198 5.72 11.44 -90.59
C GLN A 198 6.06 12.01 -91.96
N GLU A 199 6.84 13.10 -91.99
CA GLU A 199 7.26 13.70 -93.24
C GLU A 199 7.95 12.65 -94.12
N GLU A 200 9.02 12.06 -93.58
CA GLU A 200 9.79 11.05 -94.30
C GLU A 200 8.89 9.96 -94.86
N ALA A 201 8.14 9.32 -93.97
CA ALA A 201 7.27 8.20 -94.35
C ALA A 201 6.26 8.54 -95.45
N VAL A 202 5.67 9.72 -95.37
CA VAL A 202 4.63 10.11 -96.34
C VAL A 202 5.22 10.31 -97.73
N LEU A 203 6.41 10.88 -97.80
CA LEU A 203 7.08 11.08 -99.09
C LEU A 203 7.53 9.75 -99.69
N ALA A 204 7.98 8.84 -98.84
CA ALA A 204 8.29 7.50 -99.27
C ALA A 204 7.11 6.92 -100.06
N ALA A 205 5.90 7.11 -99.54
CA ALA A 205 4.70 6.69 -100.25
C ALA A 205 4.58 7.44 -101.58
N TYR A 206 4.84 8.73 -101.54
CA TYR A 206 4.71 9.55 -102.74
C TYR A 206 5.65 9.09 -103.86
N TRP A 207 6.95 9.02 -103.57
CA TRP A 207 7.93 8.73 -104.59
C TRP A 207 7.77 7.34 -105.17
N ARG A 208 7.65 6.35 -104.28
CA ARG A 208 7.30 5.00 -104.69
C ARG A 208 6.16 5.00 -105.70
N GLY A 209 5.12 5.78 -105.42
CA GLY A 209 4.01 5.95 -106.36
C GLY A 209 4.44 6.67 -107.64
N GLN A 210 5.17 7.77 -107.50
CA GLN A 210 5.51 8.63 -108.63
C GLN A 210 6.45 7.94 -109.60
N CYS A 211 7.55 7.38 -109.08
CA CYS A 211 8.50 6.61 -109.90
C CYS A 211 7.83 5.54 -110.74
N ILE A 212 6.88 4.83 -110.14
CA ILE A 212 6.12 3.84 -110.88
C ILE A 212 5.31 4.53 -111.98
N LYS A 213 4.47 5.48 -111.60
CA LYS A 213 3.64 6.23 -112.57
C LYS A 213 4.46 6.62 -113.79
N GLU A 214 5.57 7.32 -113.54
CA GLU A 214 6.48 7.83 -114.58
C GLU A 214 7.04 6.71 -115.47
N ALA A 215 7.32 5.55 -114.87
CA ALA A 215 7.99 4.44 -115.57
C ALA A 215 7.29 3.95 -116.84
N HIS A 216 5.96 3.89 -116.81
CA HIS A 216 5.19 3.34 -117.93
C HIS A 216 5.74 1.97 -118.36
N LEU A 217 5.57 1.00 -117.46
CA LEU A 217 6.02 -0.40 -117.63
C LEU A 217 5.02 -1.21 -118.47
N PRO A 218 5.45 -2.40 -118.95
CA PRO A 218 4.52 -3.28 -119.66
C PRO A 218 3.37 -3.67 -118.78
N PRO A 219 2.34 -4.30 -119.35
CA PRO A 219 1.23 -4.77 -118.53
C PRO A 219 1.54 -6.00 -117.67
N GLY A 220 1.45 -5.82 -116.35
CA GLY A 220 1.67 -6.90 -115.37
C GLY A 220 0.40 -7.37 -114.68
N ALA A 221 0.53 -8.27 -113.71
CA ALA A 221 -0.61 -8.76 -112.93
C ALA A 221 -0.15 -9.61 -111.74
N MET A 222 -1.03 -9.79 -110.77
CA MET A 222 -0.75 -10.61 -109.58
C MET A 222 -1.99 -11.38 -109.17
N ALA A 223 -1.76 -12.49 -108.48
CA ALA A 223 -2.82 -13.44 -108.19
C ALA A 223 -2.53 -14.23 -106.94
N ALA A 224 -3.53 -14.39 -106.12
CA ALA A 224 -3.40 -15.28 -104.95
C ALA A 224 -3.72 -16.72 -105.35
N VAL A 225 -2.92 -17.64 -104.84
CA VAL A 225 -2.93 -19.01 -105.30
C VAL A 225 -2.68 -19.94 -104.14
N GLY A 226 -3.46 -21.01 -104.08
CA GLY A 226 -3.44 -21.93 -102.96
C GLY A 226 -2.40 -23.04 -103.04
N LEU A 227 -1.21 -22.71 -103.53
CA LEU A 227 -0.07 -23.61 -103.60
C LEU A 227 0.89 -23.22 -102.52
N SER A 228 1.82 -24.11 -102.22
CA SER A 228 2.91 -23.78 -101.32
C SER A 228 3.92 -22.92 -102.05
N TRP A 229 4.74 -22.19 -101.31
CA TRP A 229 5.77 -21.38 -101.93
C TRP A 229 6.70 -22.20 -102.79
N GLU A 230 7.10 -23.37 -102.28
CA GLU A 230 7.94 -24.29 -103.05
C GLU A 230 7.19 -24.73 -104.31
N GLU A 231 5.97 -25.23 -104.11
CA GLU A 231 5.16 -25.69 -105.23
C GLU A 231 4.97 -24.58 -106.24
N CYS A 232 4.85 -23.36 -105.76
CA CYS A 232 4.77 -22.19 -106.60
C CYS A 232 6.05 -22.00 -107.38
N LYS A 233 7.18 -22.02 -106.65
CA LYS A 233 8.49 -21.90 -107.29
C LYS A 233 8.56 -22.91 -108.46
N GLN A 234 8.25 -24.18 -108.19
CA GLN A 234 8.34 -25.24 -109.22
C GLN A 234 7.33 -25.07 -110.36
N ARG A 235 6.06 -24.92 -110.03
CA ARG A 235 4.97 -24.91 -111.04
C ARG A 235 4.82 -23.60 -111.85
N CYS A 236 5.66 -22.63 -111.56
CA CYS A 236 5.51 -21.31 -112.18
C CYS A 236 6.07 -21.24 -113.60
N PRO A 237 5.22 -20.81 -114.56
CA PRO A 237 5.63 -20.42 -115.91
C PRO A 237 6.70 -19.33 -115.96
N PRO A 238 7.39 -19.22 -117.10
CA PRO A 238 8.53 -18.31 -117.16
C PRO A 238 8.07 -16.88 -117.09
N GLY A 239 8.78 -16.05 -116.33
CA GLY A 239 8.44 -14.65 -116.18
C GLY A 239 7.44 -14.37 -115.06
N VAL A 240 6.81 -15.43 -114.55
CA VAL A 240 5.87 -15.30 -113.44
C VAL A 240 6.46 -15.92 -112.19
N VAL A 241 6.58 -15.13 -111.14
CA VAL A 241 7.31 -15.52 -109.92
C VAL A 241 6.42 -15.48 -108.69
N PRO A 242 6.76 -16.28 -107.66
CA PRO A 242 6.12 -16.04 -106.37
C PRO A 242 6.56 -14.70 -105.80
N ALA A 243 5.59 -13.95 -105.27
CA ALA A 243 5.79 -12.56 -104.87
C ALA A 243 5.57 -12.36 -103.38
N CYS A 244 4.47 -12.89 -102.85
CA CYS A 244 4.19 -12.79 -101.42
C CYS A 244 3.94 -14.13 -100.80
N HIS A 245 4.69 -14.40 -99.74
CA HIS A 245 4.47 -15.60 -98.96
C HIS A 245 3.53 -15.26 -97.82
N ASN A 246 2.23 -15.26 -98.14
CA ASN A 246 1.22 -14.85 -97.18
C ASN A 246 0.99 -15.89 -96.10
N SER A 247 0.72 -17.13 -96.50
CA SER A 247 0.61 -18.24 -95.53
C SER A 247 1.38 -19.44 -96.06
N LYS A 248 1.26 -20.56 -95.36
CA LYS A 248 1.94 -21.80 -95.77
C LYS A 248 1.36 -22.40 -97.05
N ASP A 249 0.06 -22.22 -97.29
CA ASP A 249 -0.53 -22.68 -98.54
C ASP A 249 -1.30 -21.59 -99.24
N THR A 250 -0.78 -20.37 -99.13
CA THR A 250 -1.28 -19.23 -99.89
C THR A 250 -0.13 -18.36 -100.31
N VAL A 251 -0.02 -18.12 -101.61
CA VAL A 251 1.06 -17.34 -102.14
C VAL A 251 0.53 -16.45 -103.23
N THR A 252 0.96 -15.19 -103.24
CA THR A 252 0.60 -14.30 -104.31
C THR A 252 1.72 -14.33 -105.37
N ILE A 253 1.36 -14.70 -106.60
CA ILE A 253 2.32 -14.76 -107.70
C ILE A 253 2.28 -13.43 -108.42
N SER A 254 3.31 -13.17 -109.23
CA SER A 254 3.47 -11.86 -109.86
C SER A 254 4.34 -11.89 -111.12
N GLY A 255 3.79 -11.35 -112.20
CA GLY A 255 4.47 -11.29 -113.49
C GLY A 255 3.61 -10.63 -114.55
N PRO A 256 4.03 -10.75 -115.83
CA PRO A 256 3.31 -10.16 -116.94
C PRO A 256 1.91 -10.73 -117.00
N GLN A 257 0.94 -9.89 -117.27
CA GLN A 257 -0.47 -10.24 -117.09
C GLN A 257 -0.92 -11.47 -117.84
N ALA A 258 -0.65 -11.53 -119.13
CA ALA A 258 -1.18 -12.64 -119.93
C ALA A 258 -1.06 -14.00 -119.21
N PRO A 259 0.17 -14.41 -118.88
CA PRO A 259 0.37 -15.70 -118.21
C PRO A 259 -0.22 -15.82 -116.80
N VAL A 260 -0.28 -14.71 -116.06
CA VAL A 260 -0.82 -14.76 -114.72
C VAL A 260 -2.27 -15.24 -114.79
N PHE A 261 -3.07 -14.67 -115.68
CA PHE A 261 -4.43 -15.13 -115.87
C PHE A 261 -4.48 -16.57 -116.39
N GLU A 262 -3.59 -16.93 -117.31
CA GLU A 262 -3.58 -18.30 -117.86
C GLU A 262 -3.36 -19.29 -116.73
N PHE A 263 -2.48 -18.92 -115.81
CA PHE A 263 -2.14 -19.81 -114.72
C PHE A 263 -3.34 -19.92 -113.79
N VAL A 264 -3.85 -18.80 -113.34
CA VAL A 264 -4.99 -18.85 -112.44
C VAL A 264 -6.12 -19.70 -113.03
N GLU A 265 -6.30 -19.69 -114.34
CA GLU A 265 -7.32 -20.52 -114.94
C GLU A 265 -7.01 -22.01 -114.82
N GLN A 266 -5.79 -22.41 -115.18
CA GLN A 266 -5.46 -23.81 -115.12
C GLN A 266 -5.64 -24.28 -113.69
N LEU A 267 -5.25 -23.43 -112.74
CA LEU A 267 -5.36 -23.77 -111.34
C LEU A 267 -6.80 -23.94 -110.88
N ARG A 268 -7.69 -23.07 -111.32
CA ARG A 268 -9.09 -23.24 -110.98
C ARG A 268 -9.57 -24.55 -111.58
N LYS A 269 -9.25 -24.78 -112.84
CA LYS A 269 -9.67 -26.02 -113.52
C LYS A 269 -9.37 -27.25 -112.66
N GLU A 270 -8.29 -27.22 -111.89
CA GLU A 270 -7.90 -28.39 -111.09
C GLU A 270 -8.20 -28.22 -109.61
N GLY A 271 -9.15 -27.36 -109.30
CA GLY A 271 -9.69 -27.27 -107.94
C GLY A 271 -8.76 -26.71 -106.89
N VAL A 272 -7.78 -25.95 -107.32
CA VAL A 272 -6.96 -25.21 -106.40
C VAL A 272 -7.67 -23.90 -106.20
N PHE A 273 -7.28 -23.15 -105.18
CA PHE A 273 -7.86 -21.88 -104.82
C PHE A 273 -7.06 -20.84 -105.56
N ALA A 274 -7.70 -19.74 -105.97
CA ALA A 274 -7.08 -18.84 -106.97
C ALA A 274 -7.84 -17.54 -107.19
N LYS A 275 -7.57 -16.52 -106.37
CA LYS A 275 -8.32 -15.25 -106.46
C LYS A 275 -7.43 -14.12 -106.97
N GLU A 276 -7.83 -13.52 -108.09
CA GLU A 276 -7.15 -12.32 -108.63
C GLU A 276 -6.91 -11.33 -107.47
N VAL A 277 -5.90 -10.48 -107.62
CA VAL A 277 -5.62 -9.41 -106.70
C VAL A 277 -5.57 -8.18 -107.59
N ARG A 278 -6.48 -7.22 -107.37
CA ARG A 278 -6.47 -5.95 -108.13
C ARG A 278 -5.23 -5.20 -107.73
N THR A 279 -4.44 -4.78 -108.72
CA THR A 279 -3.24 -3.99 -108.47
C THR A 279 -2.94 -2.99 -109.60
N GLY A 280 -3.88 -2.77 -110.51
CA GLY A 280 -3.66 -1.80 -111.56
C GLY A 280 -2.69 -2.32 -112.59
N GLY A 281 -2.91 -3.56 -113.03
CA GLY A 281 -2.09 -4.20 -114.07
C GLY A 281 -0.61 -4.22 -113.77
N MET A 282 -0.29 -4.49 -112.51
CA MET A 282 1.06 -4.32 -111.97
C MET A 282 1.62 -5.61 -111.40
N ALA A 283 2.89 -5.91 -111.68
CA ALA A 283 3.57 -7.01 -111.05
C ALA A 283 4.58 -6.47 -110.04
N PHE A 284 4.11 -6.31 -108.80
CA PHE A 284 4.93 -5.82 -107.71
C PHE A 284 5.85 -6.91 -107.21
N HIS A 285 6.89 -6.49 -106.51
CA HIS A 285 7.81 -7.41 -105.88
C HIS A 285 8.25 -8.47 -106.88
N SER A 286 8.61 -7.98 -108.07
CA SER A 286 9.15 -8.78 -109.14
C SER A 286 10.15 -7.94 -109.94
N TYR A 287 10.85 -8.60 -110.86
CA TYR A 287 11.84 -7.96 -111.72
C TYR A 287 11.32 -6.71 -112.41
N PHE A 288 10.04 -6.71 -112.76
CA PHE A 288 9.39 -5.52 -113.32
C PHE A 288 9.80 -4.23 -112.60
N MET A 289 9.83 -4.28 -111.28
CA MET A 289 10.09 -3.11 -110.45
C MET A 289 11.56 -2.69 -110.47
N GLU A 290 12.43 -3.61 -110.87
CA GLU A 290 13.88 -3.39 -110.94
C GLU A 290 14.21 -2.14 -111.74
N ALA A 291 13.41 -1.90 -112.78
CA ALA A 291 13.52 -0.69 -113.61
C ALA A 291 13.42 0.58 -112.78
N ILE A 292 12.58 0.53 -111.74
CA ILE A 292 12.22 1.72 -110.97
C ILE A 292 13.11 1.92 -109.75
N ALA A 293 14.01 0.97 -109.49
CA ALA A 293 14.91 1.07 -108.35
C ALA A 293 15.88 2.31 -108.37
N PRO A 294 16.68 2.45 -109.43
CA PRO A 294 17.59 3.60 -109.49
C PRO A 294 16.94 5.00 -109.38
N PRO A 295 15.80 5.24 -110.07
CA PRO A 295 15.15 6.53 -109.84
C PRO A 295 14.67 6.70 -108.39
N LEU A 296 13.99 5.68 -107.88
CA LEU A 296 13.49 5.71 -106.51
C LEU A 296 14.62 5.89 -105.51
N LEU A 297 15.70 5.13 -105.70
CA LEU A 297 16.86 5.21 -104.80
C LEU A 297 17.39 6.64 -104.73
N GLN A 298 17.42 7.30 -105.88
CA GLN A 298 17.80 8.69 -105.96
C GLN A 298 16.89 9.53 -105.05
N GLU A 299 15.62 9.61 -105.40
CA GLU A 299 14.68 10.43 -104.62
C GLU A 299 14.72 10.18 -103.10
N LEU A 300 14.65 8.91 -102.69
CA LEU A 300 14.58 8.54 -101.27
C LEU A 300 15.86 8.96 -100.52
N LYS A 301 17.02 8.81 -101.17
CA LYS A 301 18.27 9.23 -100.56
C LYS A 301 18.22 10.72 -100.18
N LYS A 302 17.46 11.52 -100.94
CA LYS A 302 17.22 12.93 -100.58
C LYS A 302 16.33 13.03 -99.34
N VAL A 303 15.28 12.23 -99.30
CA VAL A 303 14.30 12.31 -98.21
C VAL A 303 14.83 11.76 -96.88
N ILE A 304 15.49 10.60 -96.92
CA ILE A 304 16.01 9.97 -95.69
C ILE A 304 17.50 10.21 -95.53
N ARG A 305 17.86 11.45 -95.17
CA ARG A 305 19.22 11.77 -94.82
C ARG A 305 19.45 11.24 -93.39
N GLU A 306 20.66 10.80 -93.09
CA GLU A 306 20.98 10.18 -91.78
C GLU A 306 19.92 9.16 -91.33
N PRO A 307 19.83 8.02 -92.04
CA PRO A 307 18.81 7.01 -91.74
C PRO A 307 18.95 6.38 -90.34
N LYS A 308 17.81 6.10 -89.72
CA LYS A 308 17.72 5.57 -88.35
C LYS A 308 17.75 4.05 -88.32
N PRO A 309 18.26 3.45 -87.22
CA PRO A 309 18.38 2.01 -87.11
C PRO A 309 17.06 1.37 -86.68
N ARG A 310 16.79 0.20 -87.22
CA ARG A 310 15.55 -0.53 -86.90
C ARG A 310 15.75 -1.31 -85.62
N SER A 311 14.65 -1.49 -84.87
CA SER A 311 14.71 -2.18 -83.59
C SER A 311 14.34 -3.65 -83.71
N ALA A 312 14.65 -4.40 -82.66
CA ALA A 312 14.33 -5.82 -82.60
C ALA A 312 12.83 -6.09 -82.66
N ARG A 313 12.01 -5.09 -82.35
CA ARG A 313 10.55 -5.22 -82.45
C ARG A 313 10.15 -5.37 -83.91
N TRP A 314 10.85 -4.68 -84.80
CA TRP A 314 10.40 -4.60 -86.19
C TRP A 314 10.99 -5.70 -87.08
N LEU A 315 10.30 -6.83 -87.12
CA LEU A 315 10.68 -7.93 -88.02
C LEU A 315 10.49 -7.56 -89.50
N SER A 316 11.55 -7.72 -90.29
CA SER A 316 11.49 -7.38 -91.71
C SER A 316 10.93 -8.52 -92.59
N THR A 317 10.12 -8.12 -93.55
CA THR A 317 9.50 -9.01 -94.51
C THR A 317 10.11 -8.87 -95.90
N SER A 318 10.92 -7.83 -96.07
CA SER A 318 11.63 -7.61 -97.31
C SER A 318 12.91 -8.45 -97.30
N ILE A 319 13.60 -8.46 -96.17
CA ILE A 319 14.85 -9.18 -95.97
C ILE A 319 14.60 -10.47 -95.20
N PRO A 320 15.23 -11.59 -95.59
CA PRO A 320 14.93 -12.85 -94.91
C PRO A 320 15.71 -12.90 -93.64
N GLU A 321 15.19 -13.67 -92.70
CA GLU A 321 15.78 -13.75 -91.36
C GLU A 321 17.31 -13.93 -91.38
N ALA A 322 17.80 -14.83 -92.23
CA ALA A 322 19.24 -15.15 -92.21
C ALA A 322 20.17 -13.94 -92.41
N GLN A 323 19.79 -13.02 -93.29
CA GLN A 323 20.59 -11.82 -93.57
C GLN A 323 20.06 -10.62 -92.79
N TRP A 324 19.52 -10.85 -91.59
CA TRP A 324 18.98 -9.76 -90.77
C TRP A 324 20.09 -9.02 -90.05
N HIS A 325 20.99 -9.74 -89.40
CA HIS A 325 22.24 -9.14 -88.94
C HIS A 325 22.99 -8.73 -90.22
N SER A 326 22.79 -7.47 -90.63
CA SER A 326 23.16 -6.99 -91.97
C SER A 326 23.10 -5.47 -92.04
N SER A 327 23.79 -4.88 -93.04
CA SER A 327 23.80 -3.42 -93.20
C SER A 327 22.49 -2.88 -93.75
N LEU A 328 21.98 -3.54 -94.79
CA LEU A 328 20.70 -3.17 -95.40
C LEU A 328 19.63 -3.28 -94.32
N ALA A 329 19.72 -4.36 -93.54
CA ALA A 329 18.81 -4.57 -92.42
C ALA A 329 18.98 -3.48 -91.36
N ARG A 330 20.20 -3.28 -90.91
CA ARG A 330 20.50 -2.36 -89.79
C ARG A 330 19.58 -1.15 -89.67
N THR A 331 19.34 -0.46 -90.78
CA THR A 331 18.61 0.81 -90.75
C THR A 331 17.48 0.78 -91.79
N SER A 332 16.54 1.71 -91.66
CA SER A 332 15.49 1.92 -92.67
C SER A 332 15.95 3.07 -93.58
N SER A 333 16.84 2.71 -94.50
CA SER A 333 17.42 3.62 -95.45
C SER A 333 16.56 3.68 -96.72
N ALA A 334 16.97 4.51 -97.69
CA ALA A 334 16.40 4.45 -99.04
C ALA A 334 16.73 3.08 -99.63
N GLU A 335 17.93 2.59 -99.31
CA GLU A 335 18.37 1.25 -99.69
C GLU A 335 17.44 0.14 -99.17
N TYR A 336 16.93 0.30 -97.96
CA TYR A 336 16.02 -0.68 -97.37
C TYR A 336 14.67 -0.67 -98.08
N ASN A 337 14.16 0.54 -98.31
CA ASN A 337 12.81 0.69 -98.84
C ASN A 337 12.71 0.37 -100.32
N VAL A 338 13.79 0.64 -101.06
CA VAL A 338 13.84 0.28 -102.46
C VAL A 338 13.85 -1.23 -102.57
N ASN A 339 14.68 -1.89 -101.77
CA ASN A 339 14.76 -3.33 -101.71
C ASN A 339 13.38 -3.97 -101.50
N ASN A 340 12.62 -3.38 -100.58
CA ASN A 340 11.25 -3.81 -100.29
C ASN A 340 10.42 -3.89 -101.58
N LEU A 341 10.42 -2.83 -102.38
CA LEU A 341 9.61 -2.80 -103.59
C LEU A 341 10.00 -3.93 -104.53
N VAL A 342 11.31 -4.19 -104.62
CA VAL A 342 11.83 -5.18 -105.55
C VAL A 342 11.69 -6.59 -105.00
N SER A 343 12.12 -6.78 -103.76
CA SER A 343 12.15 -8.11 -103.16
C SER A 343 10.74 -8.61 -102.82
N PRO A 344 10.58 -9.94 -102.67
CA PRO A 344 9.27 -10.52 -102.33
C PRO A 344 8.92 -10.30 -100.87
N VAL A 345 7.62 -10.45 -100.54
CA VAL A 345 7.15 -10.20 -99.16
C VAL A 345 7.20 -11.49 -98.33
N LEU A 346 8.17 -11.55 -97.44
CA LEU A 346 8.37 -12.73 -96.62
C LEU A 346 7.53 -12.54 -95.35
N PHE A 347 6.21 -12.64 -95.52
CA PHE A 347 5.28 -12.33 -94.45
C PHE A 347 5.12 -13.51 -93.53
N GLN A 348 4.71 -14.65 -94.06
CA GLN A 348 4.53 -15.84 -93.24
C GLN A 348 5.72 -16.07 -92.36
N GLU A 349 6.87 -15.90 -92.94
CA GLU A 349 8.09 -16.23 -92.24
C GLU A 349 8.24 -15.39 -90.98
N ALA A 350 7.78 -14.14 -91.06
CA ALA A 350 7.78 -13.25 -89.91
C ALA A 350 6.72 -13.68 -88.87
N LEU A 351 5.53 -14.01 -89.37
CA LEU A 351 4.43 -14.46 -88.51
C LEU A 351 4.85 -15.59 -87.59
N TRP A 352 5.75 -16.44 -88.08
CA TRP A 352 6.28 -17.54 -87.26
C TRP A 352 6.79 -17.06 -85.89
N HIS A 353 7.28 -15.82 -85.81
CA HIS A 353 7.85 -15.28 -84.55
C HIS A 353 6.88 -14.68 -83.58
N VAL A 354 5.67 -14.37 -84.03
CA VAL A 354 4.66 -13.84 -83.13
C VAL A 354 4.32 -14.95 -82.15
N PRO A 355 4.41 -14.65 -80.84
CA PRO A 355 4.24 -15.64 -79.78
C PRO A 355 2.78 -16.08 -79.57
N GLU A 356 2.55 -16.95 -78.61
CA GLU A 356 1.26 -17.64 -78.47
C GLU A 356 0.03 -16.79 -78.13
N HIS A 357 0.14 -15.88 -77.18
CA HIS A 357 -1.05 -15.15 -76.73
C HIS A 357 -0.99 -13.70 -77.19
N ALA A 358 -0.52 -13.49 -78.41
CA ALA A 358 -0.36 -12.12 -78.85
C ALA A 358 -1.73 -11.52 -79.16
N VAL A 359 -1.85 -10.23 -78.87
CA VAL A 359 -2.92 -9.43 -79.38
C VAL A 359 -2.35 -8.73 -80.60
N VAL A 360 -3.09 -8.80 -81.72
CA VAL A 360 -2.60 -8.35 -83.02
C VAL A 360 -3.59 -7.43 -83.71
N LEU A 361 -3.13 -6.24 -84.07
CA LEU A 361 -3.98 -5.20 -84.64
C LEU A 361 -3.63 -5.00 -86.12
N GLU A 362 -4.61 -5.15 -87.00
CA GLU A 362 -4.33 -4.91 -88.40
C GLU A 362 -4.47 -3.43 -88.66
N ILE A 363 -3.36 -2.80 -88.92
CA ILE A 363 -3.33 -1.35 -89.18
C ILE A 363 -3.43 -1.13 -90.67
N ALA A 364 -4.62 -0.80 -91.14
CA ALA A 364 -4.88 -0.61 -92.58
C ALA A 364 -6.29 -0.03 -92.79
N PRO A 365 -6.46 0.80 -93.83
CA PRO A 365 -7.79 1.32 -94.17
C PRO A 365 -8.82 0.23 -94.45
N HIS A 366 -8.36 -0.98 -94.77
CA HIS A 366 -9.22 -2.14 -94.81
C HIS A 366 -8.45 -3.34 -94.27
N ALA A 367 -9.14 -4.26 -93.64
CA ALA A 367 -8.48 -5.40 -93.00
C ALA A 367 -8.38 -6.59 -93.97
N LEU A 368 -7.64 -6.40 -95.05
CA LEU A 368 -7.43 -7.45 -96.05
C LEU A 368 -6.82 -8.70 -95.43
N LEU A 369 -5.80 -8.51 -94.61
CA LEU A 369 -5.04 -9.62 -94.04
C LEU A 369 -5.74 -10.41 -92.92
N GLN A 370 -6.95 -10.08 -92.54
CA GLN A 370 -7.57 -10.78 -91.42
C GLN A 370 -7.62 -12.28 -91.68
N ALA A 371 -8.06 -12.65 -92.86
CA ALA A 371 -8.12 -14.02 -93.25
C ALA A 371 -6.78 -14.69 -93.05
N VAL A 372 -5.75 -14.15 -93.69
CA VAL A 372 -4.42 -14.76 -93.63
C VAL A 372 -3.83 -14.76 -92.22
N LEU A 373 -4.09 -13.70 -91.48
CA LEU A 373 -3.58 -13.59 -90.15
C LEU A 373 -4.15 -14.68 -89.32
N LYS A 374 -5.47 -14.86 -89.37
CA LYS A 374 -6.18 -15.91 -88.60
C LYS A 374 -5.69 -17.27 -88.95
N ARG A 375 -5.52 -17.47 -90.24
CA ARG A 375 -5.01 -18.72 -90.77
C ARG A 375 -3.62 -19.06 -90.31
N GLY A 376 -2.76 -18.05 -90.32
CA GLY A 376 -1.33 -18.22 -90.04
C GLY A 376 -1.00 -17.99 -88.57
N LEU A 377 -2.02 -18.09 -87.71
CA LEU A 377 -1.95 -17.80 -86.27
C LEU A 377 -2.99 -18.64 -85.49
N LYS A 378 -2.90 -18.58 -84.16
CA LYS A 378 -3.44 -19.63 -83.29
C LYS A 378 -4.65 -19.13 -82.47
N PRO A 379 -5.49 -20.06 -81.95
CA PRO A 379 -6.72 -19.64 -81.23
C PRO A 379 -6.45 -18.65 -80.09
N SER A 380 -5.35 -18.89 -79.39
CA SER A 380 -4.82 -18.00 -78.38
C SER A 380 -4.28 -16.65 -78.91
N CYS A 381 -4.03 -16.47 -80.21
CA CYS A 381 -3.83 -15.11 -80.69
C CYS A 381 -5.18 -14.46 -80.87
N THR A 382 -5.23 -13.17 -80.55
CA THR A 382 -6.38 -12.33 -80.78
C THR A 382 -6.03 -11.35 -81.89
N ILE A 383 -6.93 -11.25 -82.87
CA ILE A 383 -6.71 -10.46 -84.08
C ILE A 383 -7.81 -9.41 -84.21
N ILE A 384 -7.41 -8.14 -84.21
CA ILE A 384 -8.34 -7.06 -84.19
C ILE A 384 -8.12 -6.16 -85.40
N PRO A 385 -9.13 -6.06 -86.28
CA PRO A 385 -9.04 -5.09 -87.34
C PRO A 385 -9.49 -3.74 -86.84
N LEU A 386 -8.93 -2.70 -87.44
CA LEU A 386 -9.26 -1.35 -87.07
C LEU A 386 -10.20 -0.65 -88.05
N MET A 387 -10.24 -1.07 -89.31
CA MET A 387 -11.16 -0.48 -90.31
C MET A 387 -11.67 -1.49 -91.33
N LYS A 388 -12.89 -1.31 -91.80
CA LYS A 388 -13.46 -2.19 -92.82
C LYS A 388 -13.82 -1.36 -94.05
N LYS A 389 -13.48 -1.86 -95.24
CA LYS A 389 -13.79 -1.18 -96.50
C LYS A 389 -15.30 -0.98 -96.59
N ASP A 390 -15.70 0.27 -96.76
CA ASP A 390 -17.10 0.65 -96.97
C ASP A 390 -18.01 0.40 -95.77
N HIS A 391 -17.43 0.29 -94.58
CA HIS A 391 -18.22 0.13 -93.38
C HIS A 391 -19.14 1.30 -93.15
N ARG A 392 -20.35 1.04 -92.67
CA ARG A 392 -21.31 2.09 -92.31
C ARG A 392 -20.62 3.27 -91.60
N ASP A 393 -19.82 2.97 -90.58
CA ASP A 393 -19.12 4.01 -89.79
C ASP A 393 -17.86 3.47 -89.07
N ASN A 394 -16.69 3.69 -89.67
CA ASN A 394 -15.46 3.11 -89.14
C ASN A 394 -15.08 3.61 -87.74
N LEU A 395 -15.57 4.76 -87.31
CA LEU A 395 -15.27 5.17 -85.95
C LEU A 395 -15.85 4.14 -85.01
N GLU A 396 -17.12 3.84 -85.17
CA GLU A 396 -17.75 2.82 -84.37
C GLU A 396 -16.91 1.55 -84.39
N PHE A 397 -16.52 1.16 -85.58
CA PHE A 397 -15.76 -0.06 -85.78
C PHE A 397 -14.42 0.01 -85.05
N PHE A 398 -13.70 1.08 -85.27
CA PHE A 398 -12.40 1.30 -84.59
C PHE A 398 -12.57 1.28 -83.09
N LEU A 399 -13.55 2.03 -82.60
CA LEU A 399 -13.84 2.06 -81.17
C LEU A 399 -14.12 0.65 -80.65
N ALA A 400 -14.98 -0.10 -81.34
CA ALA A 400 -15.19 -1.52 -81.00
C ALA A 400 -13.87 -2.26 -80.85
N GLY A 401 -12.95 -1.96 -81.76
CA GLY A 401 -11.67 -2.62 -81.78
C GLY A 401 -10.95 -2.32 -80.50
N ILE A 402 -11.02 -1.06 -80.10
CA ILE A 402 -10.37 -0.61 -78.87
C ILE A 402 -11.01 -1.25 -77.66
N GLY A 403 -12.32 -1.43 -77.72
CA GLY A 403 -13.02 -2.20 -76.72
C GLY A 403 -12.42 -3.59 -76.61
N ARG A 404 -12.10 -4.19 -77.75
CA ARG A 404 -11.61 -5.56 -77.72
C ARG A 404 -10.26 -5.64 -77.06
N LEU A 405 -9.41 -4.63 -77.24
CA LEU A 405 -8.18 -4.59 -76.46
C LEU A 405 -8.44 -4.73 -74.97
N HIS A 406 -9.43 -4.02 -74.46
CA HIS A 406 -9.80 -4.07 -73.05
C HIS A 406 -10.11 -5.53 -72.69
N LEU A 407 -11.04 -6.13 -73.43
CA LEU A 407 -11.46 -7.51 -73.15
C LEU A 407 -10.29 -8.51 -73.18
N SER A 408 -9.17 -8.09 -73.76
CA SER A 408 -8.02 -8.97 -73.89
C SER A 408 -6.90 -8.59 -72.94
N GLY A 409 -7.21 -7.79 -71.93
CA GLY A 409 -6.18 -7.42 -70.95
C GLY A 409 -5.28 -6.26 -71.31
N ILE A 410 -5.35 -5.75 -72.53
CA ILE A 410 -4.58 -4.57 -72.86
C ILE A 410 -5.24 -3.34 -72.31
N ASP A 411 -4.43 -2.49 -71.70
CA ASP A 411 -4.89 -1.25 -71.08
C ASP A 411 -4.88 -0.12 -72.12
N ALA A 412 -6.07 0.31 -72.55
CA ALA A 412 -6.17 1.36 -73.56
C ALA A 412 -7.34 2.29 -73.30
N ASN A 413 -7.06 3.45 -72.72
CA ASN A 413 -8.10 4.38 -72.28
C ASN A 413 -8.64 5.28 -73.38
N PRO A 414 -9.87 5.03 -73.84
CA PRO A 414 -10.39 5.81 -74.97
C PRO A 414 -10.49 7.30 -74.69
N ASN A 415 -10.57 7.69 -73.42
CA ASN A 415 -10.66 9.11 -73.09
C ASN A 415 -9.65 9.93 -73.92
N ALA A 416 -8.45 9.37 -74.07
CA ALA A 416 -7.35 9.98 -74.82
C ALA A 416 -7.73 10.43 -76.23
N LEU A 417 -8.65 9.69 -76.85
CA LEU A 417 -9.02 9.95 -78.25
C LEU A 417 -9.93 11.15 -78.41
N PHE A 418 -10.51 11.61 -77.32
CA PHE A 418 -11.48 12.70 -77.39
C PHE A 418 -11.03 13.94 -76.62
N PRO A 419 -11.69 15.07 -76.91
CA PRO A 419 -11.37 16.28 -76.19
C PRO A 419 -11.56 16.07 -74.70
N PRO A 420 -10.80 16.81 -73.87
CA PRO A 420 -10.92 16.68 -72.42
C PRO A 420 -12.20 17.33 -71.87
N VAL A 421 -12.59 17.07 -70.62
CA VAL A 421 -13.86 17.59 -70.10
C VAL A 421 -13.84 18.08 -68.63
N GLU A 422 -12.66 18.36 -68.09
CA GLU A 422 -12.49 18.63 -66.64
C GLU A 422 -13.45 19.71 -66.05
N PHE A 423 -13.88 19.47 -64.80
CA PHE A 423 -14.48 20.49 -63.87
C PHE A 423 -15.94 20.99 -64.06
N PRO A 424 -16.88 20.10 -64.52
CA PRO A 424 -18.27 20.55 -64.70
C PRO A 424 -19.00 20.81 -63.39
N SER B 22 -31.17 9.51 -45.18
CA SER B 22 -30.74 8.86 -46.45
C SER B 22 -29.23 8.82 -46.52
N MET B 23 -28.60 8.69 -45.35
CA MET B 23 -27.15 8.80 -45.21
C MET B 23 -26.37 7.55 -45.67
N ARG B 24 -25.28 7.76 -46.42
CA ARG B 24 -24.44 6.65 -46.92
C ARG B 24 -22.96 7.00 -46.94
N LEU B 25 -22.11 5.98 -46.75
CA LEU B 25 -20.67 6.15 -46.86
C LEU B 25 -20.32 5.84 -48.28
N LEU B 26 -19.60 6.76 -48.91
CA LEU B 26 -19.03 6.52 -50.23
C LEU B 26 -17.52 6.46 -50.10
N ARG B 27 -16.94 5.41 -50.66
CA ARG B 27 -15.50 5.24 -50.72
C ARG B 27 -15.06 5.30 -52.18
N ALA B 28 -13.86 5.85 -52.43
CA ALA B 28 -13.33 5.95 -53.80
C ALA B 28 -11.83 5.67 -53.84
N SER B 29 -11.36 5.32 -55.04
CA SER B 29 -9.93 5.02 -55.28
C SER B 29 -9.56 5.51 -56.68
N GLY B 30 -8.27 5.81 -56.91
CA GLY B 30 -7.84 6.35 -58.21
C GLY B 30 -6.35 6.57 -58.36
N ARG B 31 -5.90 6.67 -59.61
CA ARG B 31 -4.48 6.93 -59.90
C ARG B 31 -3.99 8.28 -59.39
N THR B 32 -4.93 9.20 -59.14
CA THR B 32 -4.58 10.57 -58.83
C THR B 32 -5.71 11.22 -58.01
N PRO B 33 -5.36 12.03 -57.00
CA PRO B 33 -6.36 12.63 -56.09
C PRO B 33 -7.59 13.26 -56.79
N GLU B 34 -7.35 13.86 -57.95
CA GLU B 34 -8.43 14.51 -58.70
C GLU B 34 -9.38 13.43 -59.10
N ALA B 35 -8.85 12.34 -59.66
CA ALA B 35 -9.65 11.18 -60.00
C ALA B 35 -10.61 10.88 -58.84
N VAL B 36 -10.04 10.67 -57.66
CA VAL B 36 -10.84 10.40 -56.48
C VAL B 36 -11.75 11.61 -56.26
N GLN B 37 -11.16 12.75 -55.92
CA GLN B 37 -11.93 13.96 -55.55
C GLN B 37 -13.07 14.19 -56.56
N LYS B 38 -12.76 13.98 -57.83
CA LYS B 38 -13.73 14.11 -58.90
C LYS B 38 -14.78 13.02 -58.74
N LEU B 39 -14.30 11.80 -58.59
CA LEU B 39 -15.15 10.63 -58.45
C LEU B 39 -16.15 10.74 -57.28
N LEU B 40 -15.74 11.39 -56.18
CA LEU B 40 -16.65 11.65 -55.04
C LEU B 40 -17.64 12.76 -55.38
N GLU B 41 -17.15 13.82 -56.01
CA GLU B 41 -18.04 14.92 -56.44
C GLU B 41 -19.26 14.35 -57.16
N GLN B 42 -19.07 13.26 -57.90
CA GLN B 42 -20.17 12.62 -58.62
C GLN B 42 -21.15 11.93 -57.67
N GLY B 43 -20.62 11.22 -56.69
CA GLY B 43 -21.45 10.60 -55.68
C GLY B 43 -22.28 11.63 -54.97
N LEU B 44 -21.64 12.76 -54.63
CA LEU B 44 -22.34 13.84 -53.94
C LEU B 44 -23.50 14.37 -54.80
N ARG B 45 -23.25 14.56 -56.10
CA ARG B 45 -24.27 15.05 -57.00
C ARG B 45 -25.26 13.96 -57.39
N HIS B 46 -25.11 12.76 -56.85
CA HIS B 46 -26.09 11.69 -57.03
C HIS B 46 -26.42 11.11 -55.65
N SER B 47 -26.35 11.95 -54.61
CA SER B 47 -26.51 11.53 -53.24
C SER B 47 -27.67 10.58 -53.01
N GLN B 48 -28.80 10.84 -53.64
CA GLN B 48 -30.02 10.06 -53.36
C GLN B 48 -30.23 8.82 -54.25
N ASP B 49 -29.28 8.52 -55.13
CA ASP B 49 -29.36 7.33 -55.97
C ASP B 49 -28.58 6.17 -55.40
N LEU B 50 -29.26 5.33 -54.62
CA LEU B 50 -28.59 4.28 -53.86
C LEU B 50 -27.95 3.21 -54.73
N ALA B 51 -28.65 2.83 -55.78
CA ALA B 51 -28.12 1.82 -56.71
C ALA B 51 -26.79 2.29 -57.29
N PHE B 52 -26.71 3.58 -57.58
CA PHE B 52 -25.49 4.14 -58.16
C PHE B 52 -24.37 4.20 -57.12
N LEU B 53 -24.66 4.66 -55.90
CA LEU B 53 -23.68 4.69 -54.82
C LEU B 53 -23.16 3.29 -54.53
N SER B 54 -24.07 2.34 -54.47
CA SER B 54 -23.71 0.94 -54.24
C SER B 54 -22.66 0.51 -55.23
N MET B 55 -22.86 0.91 -56.45
CA MET B 55 -21.96 0.58 -57.52
C MET B 55 -20.60 1.20 -57.23
N LEU B 56 -20.58 2.50 -57.01
CA LEU B 56 -19.34 3.19 -56.76
C LEU B 56 -18.55 2.48 -55.69
N ASN B 57 -19.25 2.05 -54.64
CA ASN B 57 -18.58 1.40 -53.53
C ASN B 57 -17.92 0.10 -53.93
N ASP B 58 -18.57 -0.67 -54.79
CA ASP B 58 -17.97 -1.92 -55.26
C ASP B 58 -16.69 -1.64 -56.04
N ILE B 59 -16.71 -0.59 -56.86
CA ILE B 59 -15.55 -0.30 -57.72
C ILE B 59 -14.32 0.17 -56.97
N ALA B 60 -14.51 0.70 -55.75
CA ALA B 60 -13.38 1.29 -55.01
C ALA B 60 -12.39 0.23 -54.52
N ALA B 61 -12.80 -1.04 -54.52
CA ALA B 61 -11.91 -2.12 -54.08
C ALA B 61 -10.78 -2.36 -55.09
N VAL B 62 -9.75 -1.54 -55.03
CA VAL B 62 -8.62 -1.70 -55.95
C VAL B 62 -7.30 -1.46 -55.24
N PRO B 63 -6.38 -2.43 -55.36
CA PRO B 63 -5.07 -2.37 -54.72
C PRO B 63 -4.40 -1.02 -54.86
N ALA B 64 -3.78 -0.57 -53.77
CA ALA B 64 -2.99 0.65 -53.77
C ALA B 64 -1.94 0.58 -54.87
N THR B 65 -1.35 -0.60 -55.05
CA THR B 65 -0.42 -0.86 -56.17
C THR B 65 -0.93 -0.23 -57.46
N ALA B 66 -2.19 -0.51 -57.78
CA ALA B 66 -2.81 0.00 -59.00
C ALA B 66 -3.29 1.45 -58.83
N MET B 67 -4.08 1.70 -57.80
CA MET B 67 -4.64 3.04 -57.55
C MET B 67 -4.25 3.54 -56.15
N PRO B 68 -3.15 4.29 -56.06
CA PRO B 68 -2.58 4.67 -54.76
C PRO B 68 -3.30 5.81 -54.04
N PHE B 69 -4.37 6.34 -54.59
CA PHE B 69 -5.12 7.37 -53.88
C PHE B 69 -6.50 6.87 -53.55
N ARG B 70 -6.87 7.01 -52.28
CA ARG B 70 -8.18 6.62 -51.81
C ARG B 70 -8.78 7.77 -51.06
N GLY B 71 -10.10 7.82 -51.05
CA GLY B 71 -10.84 8.86 -50.34
C GLY B 71 -12.20 8.37 -49.88
N TYR B 72 -12.88 9.19 -49.07
CA TYR B 72 -14.23 8.86 -48.67
C TYR B 72 -15.04 10.11 -48.35
N ALA B 73 -16.35 9.91 -48.30
CA ALA B 73 -17.27 10.95 -47.94
C ALA B 73 -18.53 10.32 -47.40
N VAL B 74 -19.03 10.86 -46.30
CA VAL B 74 -20.30 10.42 -45.73
C VAL B 74 -21.39 11.37 -46.24
N LEU B 75 -22.17 10.89 -47.20
CA LEU B 75 -23.21 11.68 -47.81
C LEU B 75 -24.48 11.66 -46.92
N GLY B 76 -25.03 12.83 -46.66
CA GLY B 76 -26.02 13.01 -45.59
C GLY B 76 -25.28 13.51 -44.36
N GLY B 77 -25.86 14.49 -43.67
CA GLY B 77 -25.20 15.12 -42.51
C GLY B 77 -23.94 15.89 -42.88
N GLU B 78 -23.25 16.45 -41.90
CA GLU B 78 -22.06 17.25 -42.20
C GLU B 78 -20.87 16.89 -41.34
N GLY B 81 -17.66 16.81 -45.60
CA GLY B 81 -16.42 17.15 -46.28
C GLY B 81 -15.67 15.88 -46.66
N PRO B 82 -15.14 15.81 -47.90
CA PRO B 82 -14.40 14.62 -48.33
C PRO B 82 -12.98 14.54 -47.79
N GLU B 83 -12.49 13.32 -47.62
CA GLU B 83 -11.14 13.10 -47.16
C GLU B 83 -10.44 12.24 -48.19
N VAL B 84 -9.25 12.67 -48.58
CA VAL B 84 -8.49 11.95 -49.59
C VAL B 84 -7.04 11.93 -49.17
N GLN B 85 -6.39 10.79 -49.40
CA GLN B 85 -4.97 10.66 -49.14
C GLN B 85 -4.38 9.51 -49.93
N GLN B 86 -3.04 9.49 -49.97
CA GLN B 86 -2.33 8.41 -50.63
C GLN B 86 -2.25 7.23 -49.68
N VAL B 87 -2.52 6.05 -50.20
CA VAL B 87 -2.41 4.83 -49.41
C VAL B 87 -1.10 4.16 -49.73
N PRO B 88 -0.40 3.72 -48.68
CA PRO B 88 0.83 3.00 -48.89
C PRO B 88 0.50 1.55 -49.27
N ALA B 89 1.28 0.96 -50.17
CA ALA B 89 1.16 -0.47 -50.44
C ALA B 89 1.54 -1.27 -49.17
N GLY B 90 0.95 -2.45 -49.01
CA GLY B 90 1.23 -3.29 -47.84
C GLY B 90 0.02 -3.95 -47.22
N GLU B 91 0.24 -5.08 -46.58
CA GLU B 91 -0.78 -5.74 -45.78
C GLU B 91 -0.63 -5.18 -44.38
N ARG B 92 -1.62 -4.40 -43.95
CA ARG B 92 -1.65 -3.86 -42.60
C ARG B 92 -2.60 -4.70 -41.75
N PRO B 93 -2.13 -5.14 -40.56
CA PRO B 93 -2.94 -5.99 -39.68
C PRO B 93 -3.99 -5.20 -38.90
N LEU B 94 -5.16 -5.81 -38.74
CA LEU B 94 -6.32 -5.15 -38.15
C LEU B 94 -6.55 -5.65 -36.74
N TRP B 95 -6.68 -4.71 -35.82
CA TRP B 95 -6.82 -5.01 -34.41
C TRP B 95 -8.08 -4.43 -33.83
N PHE B 96 -8.75 -5.23 -33.00
CA PHE B 96 -9.90 -4.77 -32.25
C PHE B 96 -9.53 -4.56 -30.79
N ILE B 97 -9.83 -3.38 -30.29
CA ILE B 97 -9.64 -3.05 -28.87
C ILE B 97 -11.01 -2.90 -28.26
N CYS B 98 -11.33 -3.69 -27.23
CA CYS B 98 -12.63 -3.61 -26.52
C CYS B 98 -12.43 -2.92 -25.21
N SER B 99 -12.96 -1.71 -25.11
CA SER B 99 -12.90 -0.95 -23.87
C SER B 99 -13.85 -1.54 -22.85
N GLY B 100 -13.57 -1.19 -21.60
CA GLY B 100 -14.43 -1.59 -20.50
C GLY B 100 -14.96 -0.40 -19.76
N MET B 101 -14.39 -0.18 -18.60
CA MET B 101 -14.97 0.67 -17.56
C MET B 101 -15.59 1.98 -18.05
N GLY B 102 -16.88 2.13 -17.79
CA GLY B 102 -17.52 3.46 -17.74
C GLY B 102 -17.59 4.30 -19.00
N THR B 103 -17.54 3.64 -20.17
CA THR B 103 -17.85 4.29 -21.46
C THR B 103 -19.38 4.54 -21.58
N GLN B 104 -20.10 4.57 -20.45
CA GLN B 104 -21.58 4.67 -20.45
C GLN B 104 -22.03 6.12 -20.60
N TRP B 105 -23.15 6.32 -21.29
CA TRP B 105 -23.77 7.65 -21.39
C TRP B 105 -25.24 7.62 -21.82
N ARG B 106 -26.00 8.66 -21.42
CA ARG B 106 -27.46 8.68 -21.65
C ARG B 106 -27.78 8.86 -23.13
N GLY B 107 -28.16 7.76 -23.77
CA GLY B 107 -28.56 7.76 -25.19
C GLY B 107 -27.61 7.01 -26.12
N MET B 108 -26.69 6.23 -25.56
CA MET B 108 -25.83 5.35 -26.33
C MET B 108 -26.60 4.60 -27.40
N GLY B 109 -26.09 4.62 -28.64
CA GLY B 109 -26.54 3.70 -29.69
C GLY B 109 -27.88 3.93 -30.35
N LEU B 110 -28.71 4.83 -29.83
CA LEU B 110 -29.96 5.22 -30.51
C LEU B 110 -29.56 5.71 -31.91
N SER B 111 -28.56 6.59 -31.94
CA SER B 111 -27.74 6.92 -33.10
C SER B 111 -27.64 5.77 -34.13
N LEU B 112 -27.00 4.67 -33.75
CA LEU B 112 -26.71 3.56 -34.67
C LEU B 112 -27.88 2.59 -34.86
N MET B 113 -28.98 2.81 -34.16
CA MET B 113 -30.06 1.84 -34.18
C MET B 113 -30.69 1.77 -35.57
N ARG B 114 -30.44 2.80 -36.37
CA ARG B 114 -30.93 2.85 -37.73
C ARG B 114 -30.36 1.77 -38.63
N LEU B 115 -29.17 1.29 -38.34
CA LEU B 115 -28.61 0.19 -39.13
C LEU B 115 -29.26 -1.12 -38.69
N ASP B 116 -30.04 -1.71 -39.60
CA ASP B 116 -30.84 -2.91 -39.30
C ASP B 116 -30.01 -4.01 -38.63
N ARG B 117 -28.81 -4.26 -39.14
CA ARG B 117 -27.95 -5.28 -38.56
C ARG B 117 -27.66 -4.96 -37.10
N PHE B 118 -27.49 -3.67 -36.79
CA PHE B 118 -27.20 -3.22 -35.42
C PHE B 118 -28.43 -3.38 -34.54
N ARG B 119 -29.54 -2.79 -34.95
CA ARG B 119 -30.83 -2.99 -34.30
C ARG B 119 -31.08 -4.49 -34.04
N ASP B 120 -30.90 -5.33 -35.06
CA ASP B 120 -31.16 -6.77 -34.92
C ASP B 120 -30.27 -7.44 -33.89
N SER B 121 -29.01 -7.02 -33.81
CA SER B 121 -28.11 -7.55 -32.78
C SER B 121 -28.63 -7.23 -31.38
N ILE B 122 -29.04 -5.99 -31.17
CA ILE B 122 -29.50 -5.52 -29.85
C ILE B 122 -30.75 -6.24 -29.42
N LEU B 123 -31.67 -6.43 -30.34
CA LEU B 123 -32.89 -7.18 -30.03
C LEU B 123 -32.50 -8.63 -29.72
N ARG B 124 -31.60 -9.21 -30.50
CA ARG B 124 -31.10 -10.56 -30.22
C ARG B 124 -30.46 -10.63 -28.84
N SER B 125 -29.85 -9.54 -28.39
CA SER B 125 -29.30 -9.47 -27.04
C SER B 125 -30.43 -9.38 -26.00
N ASP B 126 -31.46 -8.58 -26.29
CA ASP B 126 -32.63 -8.50 -25.42
C ASP B 126 -33.19 -9.89 -25.14
N GLU B 127 -33.24 -10.74 -26.17
CA GLU B 127 -33.71 -12.13 -26.04
C GLU B 127 -32.99 -12.86 -24.90
N ALA B 128 -31.68 -12.68 -24.79
CA ALA B 128 -30.89 -13.26 -23.71
C ALA B 128 -31.29 -12.74 -22.33
N VAL B 129 -31.75 -11.48 -22.26
CA VAL B 129 -32.16 -10.87 -20.98
C VAL B 129 -33.70 -10.61 -20.89
N LYS B 130 -34.48 -11.35 -21.70
CA LYS B 130 -35.95 -11.33 -21.59
C LYS B 130 -36.36 -11.75 -20.17
N PRO B 131 -35.84 -12.91 -19.70
CA PRO B 131 -35.90 -13.15 -18.26
C PRO B 131 -35.04 -12.11 -17.56
N PHE B 132 -35.19 -11.99 -16.24
CA PHE B 132 -34.63 -10.87 -15.48
C PHE B 132 -35.32 -9.55 -15.85
N GLY B 133 -36.37 -9.63 -16.67
CA GLY B 133 -37.11 -8.46 -17.13
C GLY B 133 -36.25 -7.25 -17.42
N LEU B 134 -35.42 -7.34 -18.47
CA LEU B 134 -34.62 -6.21 -18.92
C LEU B 134 -34.63 -6.12 -20.43
N LYS B 135 -34.99 -4.94 -20.95
CA LYS B 135 -34.94 -4.67 -22.38
C LYS B 135 -33.81 -3.70 -22.65
N VAL B 136 -32.69 -4.22 -23.15
CA VAL B 136 -31.52 -3.39 -23.49
C VAL B 136 -31.92 -2.24 -24.43
N SER B 137 -32.79 -2.55 -25.39
CA SER B 137 -33.39 -1.53 -26.23
C SER B 137 -34.14 -0.52 -25.37
N GLN B 138 -35.03 -1.01 -24.50
CA GLN B 138 -35.73 -0.12 -23.58
C GLN B 138 -34.71 0.68 -22.79
N LEU B 139 -33.62 0.04 -22.40
CA LEU B 139 -32.55 0.71 -21.68
C LEU B 139 -31.95 1.84 -22.51
N LEU B 140 -31.63 1.56 -23.76
CA LEU B 140 -31.04 2.56 -24.61
C LEU B 140 -32.08 3.63 -24.91
N LEU B 141 -33.27 3.18 -25.30
CA LEU B 141 -34.37 4.05 -25.68
C LEU B 141 -34.84 4.90 -24.51
N SER B 142 -34.46 4.50 -23.30
CA SER B 142 -34.76 5.28 -22.10
C SER B 142 -34.25 6.72 -22.19
N THR B 143 -34.77 7.54 -21.29
CA THR B 143 -34.43 8.96 -21.23
C THR B 143 -34.23 9.44 -19.80
N ASP B 144 -33.92 8.52 -18.89
CA ASP B 144 -33.68 8.88 -17.49
C ASP B 144 -32.18 9.06 -17.26
N GLU B 145 -31.79 10.23 -16.74
CA GLU B 145 -30.36 10.54 -16.58
C GLU B 145 -29.67 9.63 -15.57
N SER B 146 -30.45 8.95 -14.71
CA SER B 146 -29.89 8.01 -13.75
C SER B 146 -29.96 6.57 -14.24
N THR B 147 -30.49 6.36 -15.44
CA THR B 147 -30.72 5.03 -15.96
C THR B 147 -29.47 4.15 -15.94
N PHE B 148 -28.31 4.71 -16.30
CA PHE B 148 -27.07 3.94 -16.33
C PHE B 148 -26.24 4.09 -15.07
N ASP B 149 -26.82 4.67 -14.02
CA ASP B 149 -26.18 4.65 -12.71
C ASP B 149 -26.22 3.23 -12.12
N ASP B 150 -27.20 2.43 -12.54
CA ASP B 150 -27.29 1.03 -12.15
C ASP B 150 -26.17 0.22 -12.84
N ILE B 151 -25.48 -0.62 -12.05
CA ILE B 151 -24.34 -1.40 -12.53
C ILE B 151 -24.74 -2.39 -13.62
N VAL B 152 -25.85 -3.11 -13.40
CA VAL B 152 -26.27 -4.15 -14.36
C VAL B 152 -26.71 -3.51 -15.66
N HIS B 153 -27.46 -2.41 -15.56
CA HIS B 153 -27.86 -1.64 -16.72
C HIS B 153 -26.65 -1.33 -17.58
N SER B 154 -25.68 -0.62 -17.00
CA SER B 154 -24.46 -0.26 -17.70
C SER B 154 -23.77 -1.49 -18.30
N PHE B 155 -23.36 -2.41 -17.44
CA PHE B 155 -22.61 -3.59 -17.89
C PHE B 155 -23.25 -4.24 -19.12
N VAL B 156 -24.52 -4.60 -19.02
CA VAL B 156 -25.19 -5.25 -20.13
C VAL B 156 -25.19 -4.34 -21.37
N SER B 157 -25.58 -3.08 -21.19
CA SER B 157 -25.61 -2.13 -22.31
C SER B 157 -24.25 -2.01 -23.01
N LEU B 158 -23.20 -1.79 -22.22
CA LEU B 158 -21.85 -1.73 -22.78
C LEU B 158 -21.67 -2.94 -23.66
N THR B 159 -21.81 -4.12 -23.07
CA THR B 159 -21.48 -5.34 -23.78
C THR B 159 -22.38 -5.52 -25.02
N ALA B 160 -23.68 -5.23 -24.88
CA ALA B 160 -24.59 -5.33 -26.03
C ALA B 160 -24.07 -4.50 -27.21
N ILE B 161 -23.70 -3.26 -26.93
CA ILE B 161 -23.27 -2.34 -27.97
C ILE B 161 -22.00 -2.82 -28.62
N GLN B 162 -21.05 -3.30 -27.83
CA GLN B 162 -19.83 -3.82 -28.39
C GLN B 162 -20.16 -4.97 -29.36
N ILE B 163 -21.10 -5.82 -28.98
CA ILE B 163 -21.48 -6.93 -29.86
C ILE B 163 -22.05 -6.38 -31.15
N GLY B 164 -22.92 -5.39 -31.04
CA GLY B 164 -23.48 -4.72 -32.21
C GLY B 164 -22.37 -4.21 -33.12
N LEU B 165 -21.49 -3.40 -32.56
CA LEU B 165 -20.36 -2.92 -33.31
C LEU B 165 -19.63 -4.09 -33.98
N ILE B 166 -19.35 -5.16 -33.23
CA ILE B 166 -18.64 -6.29 -33.81
C ILE B 166 -19.44 -6.83 -34.99
N ASP B 167 -20.74 -6.91 -34.81
CA ASP B 167 -21.59 -7.49 -35.85
C ASP B 167 -21.52 -6.64 -37.11
N LEU B 168 -21.60 -5.32 -36.94
CA LEU B 168 -21.49 -4.43 -38.07
C LEU B 168 -20.20 -4.72 -38.82
N LEU B 169 -19.09 -4.73 -38.09
CA LEU B 169 -17.77 -4.95 -38.68
C LEU B 169 -17.71 -6.30 -39.39
N SER B 170 -18.24 -7.34 -38.75
CA SER B 170 -18.15 -8.68 -39.30
C SER B 170 -18.97 -8.81 -40.58
N CYS B 171 -20.04 -8.04 -40.71
CA CYS B 171 -20.89 -8.13 -41.89
C CYS B 171 -20.23 -7.53 -43.14
N MET B 172 -19.21 -6.70 -42.95
CA MET B 172 -18.35 -6.23 -44.03
C MET B 172 -17.16 -7.15 -44.22
N GLY B 173 -17.18 -8.28 -43.54
CA GLY B 173 -16.14 -9.30 -43.70
C GLY B 173 -14.83 -8.91 -43.07
N LEU B 174 -14.88 -8.21 -41.95
CA LEU B 174 -13.65 -7.82 -41.28
C LEU B 174 -13.30 -8.84 -40.21
N ARG B 175 -12.23 -9.61 -40.47
CA ARG B 175 -11.69 -10.57 -39.51
C ARG B 175 -10.50 -9.90 -38.85
N PRO B 176 -10.55 -9.72 -37.52
CA PRO B 176 -9.39 -9.11 -36.84
C PRO B 176 -8.19 -10.05 -36.78
N ASP B 177 -7.00 -9.49 -36.96
CA ASP B 177 -5.77 -10.23 -36.81
C ASP B 177 -5.33 -10.30 -35.35
N GLY B 178 -5.78 -9.34 -34.52
CA GLY B 178 -5.49 -9.34 -33.08
C GLY B 178 -6.64 -8.73 -32.29
N ILE B 179 -6.88 -9.27 -31.09
CA ILE B 179 -7.96 -8.81 -30.21
C ILE B 179 -7.42 -8.59 -28.80
N VAL B 180 -7.77 -7.43 -28.24
CA VAL B 180 -7.31 -7.03 -26.93
C VAL B 180 -8.42 -6.31 -26.19
N GLY B 181 -8.66 -6.67 -24.94
CA GLY B 181 -9.75 -6.05 -24.19
C GLY B 181 -9.33 -5.45 -22.87
N HIS B 182 -10.25 -4.66 -22.31
CA HIS B 182 -10.00 -3.97 -21.07
C HIS B 182 -11.14 -4.26 -20.11
N SER B 183 -10.80 -4.88 -18.99
CA SER B 183 -11.76 -5.38 -18.02
C SER B 183 -12.96 -6.04 -18.71
N LEU B 184 -14.13 -5.43 -18.54
CA LEU B 184 -15.35 -5.96 -19.11
C LEU B 184 -15.18 -6.26 -20.62
N GLY B 185 -14.42 -5.38 -21.28
CA GLY B 185 -14.08 -5.57 -22.68
C GLY B 185 -13.68 -6.99 -23.05
N GLU B 186 -12.98 -7.68 -22.17
CA GLU B 186 -12.60 -9.08 -22.43
C GLU B 186 -13.82 -10.01 -22.67
N VAL B 187 -15.02 -9.59 -22.28
CA VAL B 187 -16.21 -10.32 -22.64
C VAL B 187 -16.46 -10.18 -24.13
N ALA B 188 -16.61 -8.94 -24.61
CA ALA B 188 -16.80 -8.71 -26.04
C ALA B 188 -15.70 -9.44 -26.81
N CYS B 189 -14.47 -9.42 -26.29
CA CYS B 189 -13.35 -10.07 -26.95
C CYS B 189 -13.63 -11.54 -27.21
N GLY B 190 -14.17 -12.20 -26.19
CA GLY B 190 -14.63 -13.59 -26.33
C GLY B 190 -15.56 -13.77 -27.52
N TYR B 191 -16.55 -12.89 -27.62
CA TYR B 191 -17.46 -12.88 -28.76
C TYR B 191 -16.72 -12.72 -30.07
N ALA B 192 -15.86 -11.70 -30.13
CA ALA B 192 -15.07 -11.41 -31.32
C ALA B 192 -14.14 -12.55 -31.71
N ASP B 193 -13.57 -13.24 -30.72
CA ASP B 193 -12.73 -14.42 -31.00
C ASP B 193 -13.59 -15.66 -31.29
N GLY B 194 -14.91 -15.53 -31.18
CA GLY B 194 -15.80 -16.67 -31.37
C GLY B 194 -15.61 -17.73 -30.29
N CYS B 195 -15.38 -17.28 -29.08
CA CYS B 195 -15.31 -18.15 -27.92
C CYS B 195 -16.66 -18.19 -27.25
N LEU B 196 -17.20 -17.00 -26.99
CA LEU B 196 -18.51 -16.82 -26.39
C LEU B 196 -19.52 -16.50 -27.48
N SER B 197 -20.75 -16.97 -27.29
CA SER B 197 -21.87 -16.64 -28.16
C SER B 197 -22.45 -15.33 -27.68
N GLN B 198 -23.39 -14.78 -28.46
CA GLN B 198 -24.05 -13.56 -28.07
C GLN B 198 -24.80 -13.79 -26.77
N GLU B 199 -25.58 -14.87 -26.71
CA GLU B 199 -26.32 -15.20 -25.50
C GLU B 199 -25.36 -15.30 -24.33
N GLU B 200 -24.36 -16.17 -24.46
CA GLU B 200 -23.37 -16.36 -23.40
C GLU B 200 -22.76 -15.01 -22.97
N ALA B 201 -22.21 -14.27 -23.93
CA ALA B 201 -21.55 -13.00 -23.64
C ALA B 201 -22.44 -11.98 -22.93
N VAL B 202 -23.70 -11.90 -23.35
CA VAL B 202 -24.64 -10.93 -22.79
C VAL B 202 -24.94 -11.22 -21.31
N LEU B 203 -25.13 -12.49 -21.00
CA LEU B 203 -25.41 -12.89 -19.62
C LEU B 203 -24.19 -12.66 -18.73
N ALA B 204 -23.01 -12.92 -19.27
CA ALA B 204 -21.77 -12.63 -18.56
C ALA B 204 -21.81 -11.19 -18.07
N ALA B 205 -22.25 -10.29 -18.93
CA ALA B 205 -22.44 -8.91 -18.55
C ALA B 205 -23.44 -8.81 -17.43
N TYR B 206 -24.55 -9.52 -17.57
CA TYR B 206 -25.62 -9.49 -16.58
C TYR B 206 -25.17 -9.91 -15.19
N TRP B 207 -24.64 -11.12 -15.06
CA TRP B 207 -24.31 -11.68 -13.75
C TRP B 207 -23.19 -10.90 -13.04
N ARG B 208 -22.12 -10.64 -13.77
CA ARG B 208 -21.06 -9.75 -13.32
C ARG B 208 -21.69 -8.53 -12.66
N GLY B 209 -22.65 -7.92 -13.34
CA GLY B 209 -23.37 -6.77 -12.78
C GLY B 209 -24.24 -7.14 -11.58
N GLN B 210 -24.98 -8.25 -11.67
CA GLN B 210 -25.96 -8.61 -10.66
C GLN B 210 -25.31 -9.05 -9.35
N CYS B 211 -24.30 -9.93 -9.46
CA CYS B 211 -23.50 -10.36 -8.31
C CYS B 211 -22.91 -9.17 -7.53
N ILE B 212 -22.39 -8.16 -8.23
CA ILE B 212 -21.93 -6.94 -7.59
C ILE B 212 -23.08 -6.25 -6.87
N LYS B 213 -24.11 -5.86 -7.61
CA LYS B 213 -25.27 -5.19 -7.04
C LYS B 213 -25.68 -5.87 -5.72
N GLU B 214 -25.90 -7.19 -5.77
CA GLU B 214 -26.33 -7.99 -4.60
C GLU B 214 -25.36 -7.86 -3.43
N ALA B 215 -24.06 -7.84 -3.73
CA ALA B 215 -23.00 -7.88 -2.73
C ALA B 215 -23.12 -6.83 -1.64
N HIS B 216 -23.45 -5.60 -2.01
CA HIS B 216 -23.46 -4.47 -1.07
C HIS B 216 -22.12 -4.38 -0.30
N LEU B 217 -21.06 -4.10 -1.06
CA LEU B 217 -19.71 -4.01 -0.50
C LEU B 217 -19.48 -2.63 0.15
N PRO B 218 -18.41 -2.49 0.94
CA PRO B 218 -18.01 -1.17 1.45
C PRO B 218 -17.75 -0.13 0.33
N PRO B 219 -17.55 1.15 0.72
CA PRO B 219 -17.32 2.20 -0.28
C PRO B 219 -15.90 2.14 -0.89
N GLY B 220 -15.80 1.89 -2.20
CA GLY B 220 -14.51 1.85 -2.89
C GLY B 220 -14.27 3.08 -3.74
N ALA B 221 -13.18 3.06 -4.50
CA ALA B 221 -12.82 4.16 -5.40
C ALA B 221 -11.66 3.77 -6.32
N MET B 222 -11.54 4.45 -7.45
CA MET B 222 -10.38 4.25 -8.30
C MET B 222 -9.93 5.60 -8.83
N ALA B 223 -8.69 5.66 -9.33
CA ALA B 223 -8.10 6.90 -9.72
C ALA B 223 -6.97 6.71 -10.72
N ALA B 224 -7.01 7.47 -11.83
CA ALA B 224 -5.92 7.47 -12.80
C ALA B 224 -4.76 8.30 -12.22
N VAL B 225 -3.55 7.78 -12.37
CA VAL B 225 -2.38 8.38 -11.75
C VAL B 225 -1.17 8.28 -12.68
N GLY B 226 -0.40 9.38 -12.76
CA GLY B 226 0.72 9.48 -13.70
C GLY B 226 2.04 8.94 -13.16
N LEU B 227 1.98 7.85 -12.39
CA LEU B 227 3.18 7.18 -11.91
C LEU B 227 3.36 5.92 -12.73
N SER B 228 4.54 5.33 -12.66
CA SER B 228 4.77 4.05 -13.30
C SER B 228 4.14 2.96 -12.44
N TRP B 229 3.90 1.82 -13.05
CA TRP B 229 3.36 0.63 -12.42
C TRP B 229 4.18 0.24 -11.16
N GLU B 230 5.50 0.23 -11.31
CA GLU B 230 6.41 -0.05 -10.19
C GLU B 230 6.32 1.05 -9.14
N GLU B 231 6.41 2.30 -9.58
CA GLU B 231 6.28 3.46 -8.69
C GLU B 231 4.95 3.40 -7.92
N CYS B 232 3.90 3.03 -8.62
CA CYS B 232 2.60 2.84 -8.00
C CYS B 232 2.68 1.75 -6.94
N LYS B 233 3.20 0.58 -7.32
CA LYS B 233 3.35 -0.52 -6.37
C LYS B 233 4.04 0.00 -5.08
N GLN B 234 5.16 0.70 -5.24
CA GLN B 234 5.91 1.25 -4.10
C GLN B 234 5.18 2.35 -3.31
N ARG B 235 4.73 3.41 -3.97
CA ARG B 235 4.17 4.57 -3.24
C ARG B 235 2.70 4.38 -2.78
N CYS B 236 2.15 3.16 -2.93
CA CYS B 236 0.76 2.84 -2.56
C CYS B 236 0.52 2.73 -1.07
N PRO B 237 -0.42 3.53 -0.50
CA PRO B 237 -0.84 3.29 0.89
C PRO B 237 -1.55 1.94 1.06
N PRO B 238 -1.69 1.46 2.30
CA PRO B 238 -2.25 0.12 2.51
C PRO B 238 -3.72 0.03 2.17
N GLY B 239 -4.09 -1.05 1.47
CA GLY B 239 -5.47 -1.26 1.00
C GLY B 239 -5.75 -0.71 -0.40
N VAL B 240 -4.86 0.15 -0.90
CA VAL B 240 -5.02 0.74 -2.22
C VAL B 240 -3.96 0.13 -3.14
N VAL B 241 -4.42 -0.48 -4.24
CA VAL B 241 -3.57 -1.28 -5.11
C VAL B 241 -3.58 -0.76 -6.56
N PRO B 242 -2.50 -1.05 -7.33
CA PRO B 242 -2.55 -0.77 -8.76
C PRO B 242 -3.53 -1.73 -9.43
N ALA B 243 -4.41 -1.20 -10.28
CA ALA B 243 -5.51 -1.98 -10.83
C ALA B 243 -5.42 -2.13 -12.35
N CYS B 244 -5.12 -1.04 -13.05
CA CYS B 244 -5.02 -1.09 -14.50
C CYS B 244 -3.71 -0.53 -14.97
N HIS B 245 -2.97 -1.34 -15.73
CA HIS B 245 -1.76 -0.86 -16.37
C HIS B 245 -2.12 -0.35 -17.76
N ASN B 246 -2.57 0.91 -17.80
CA ASN B 246 -3.03 1.52 -19.04
C ASN B 246 -1.89 1.90 -20.01
N SER B 247 -0.92 2.68 -19.52
CA SER B 247 0.30 3.00 -20.29
C SER B 247 1.52 2.85 -19.40
N LYS B 248 2.70 3.20 -19.94
CA LYS B 248 3.98 3.12 -19.20
C LYS B 248 4.03 4.11 -18.02
N ASP B 249 3.39 5.26 -18.19
CA ASP B 249 3.34 6.27 -17.15
C ASP B 249 1.89 6.71 -16.83
N THR B 250 0.94 5.80 -16.97
CA THR B 250 -0.40 6.01 -16.38
C THR B 250 -1.00 4.70 -15.91
N VAL B 251 -1.45 4.73 -14.66
CA VAL B 251 -2.00 3.56 -13.99
C VAL B 251 -3.24 3.95 -13.24
N THR B 252 -4.26 3.11 -13.30
CA THR B 252 -5.43 3.31 -12.43
C THR B 252 -5.20 2.53 -11.14
N ILE B 253 -5.27 3.23 -10.01
CA ILE B 253 -5.22 2.52 -8.71
C ILE B 253 -6.63 2.23 -8.27
N SER B 254 -6.75 1.42 -7.23
CA SER B 254 -8.05 0.90 -6.81
C SER B 254 -8.05 0.42 -5.38
N GLY B 255 -8.98 0.95 -4.58
CA GLY B 255 -9.13 0.57 -3.19
C GLY B 255 -10.28 1.30 -2.50
N PRO B 256 -10.35 1.21 -1.15
CA PRO B 256 -11.41 1.84 -0.37
C PRO B 256 -11.39 3.35 -0.36
N GLN B 257 -12.55 3.90 -0.04
CA GLN B 257 -12.78 5.32 -0.06
C GLN B 257 -11.69 5.96 0.77
N ALA B 258 -11.64 5.60 2.04
CA ALA B 258 -10.75 6.25 3.00
C ALA B 258 -9.31 6.42 2.51
N PRO B 259 -8.57 5.29 2.36
CA PRO B 259 -7.15 5.44 2.02
C PRO B 259 -6.90 5.95 0.59
N VAL B 260 -7.80 5.65 -0.35
CA VAL B 260 -7.72 6.23 -1.68
C VAL B 260 -7.91 7.78 -1.61
N PHE B 261 -9.11 8.23 -1.25
CA PHE B 261 -9.41 9.67 -1.03
C PHE B 261 -8.19 10.44 -0.55
N GLU B 262 -7.69 10.06 0.63
CA GLU B 262 -6.57 10.75 1.25
C GLU B 262 -5.35 10.65 0.34
N PHE B 263 -5.01 9.43 -0.06
CA PHE B 263 -3.83 9.21 -0.89
C PHE B 263 -3.82 10.10 -2.14
N VAL B 264 -4.99 10.29 -2.75
CA VAL B 264 -5.13 11.25 -3.84
C VAL B 264 -4.53 12.57 -3.40
N GLU B 265 -4.98 13.03 -2.24
CA GLU B 265 -4.50 14.28 -1.66
C GLU B 265 -2.97 14.31 -1.46
N GLN B 266 -2.38 13.18 -1.04
CA GLN B 266 -0.94 13.10 -0.70
C GLN B 266 -0.01 13.32 -1.89
N LEU B 267 -0.48 12.92 -3.07
CA LEU B 267 0.28 13.05 -4.30
C LEU B 267 -0.13 14.32 -5.04
N ARG B 268 -1.43 14.62 -5.04
CA ARG B 268 -1.95 15.93 -5.44
C ARG B 268 -1.06 17.00 -4.81
N LYS B 269 -0.90 16.90 -3.49
CA LYS B 269 0.07 17.70 -2.75
C LYS B 269 1.43 17.01 -2.78
N GLU B 270 1.96 16.75 -3.98
CA GLU B 270 3.29 16.17 -4.14
C GLU B 270 3.82 16.44 -5.55
N VAL B 272 2.26 15.74 -8.34
CA VAL B 272 1.96 14.48 -9.01
C VAL B 272 0.49 14.44 -9.41
N PHE B 273 0.21 14.20 -10.70
CA PHE B 273 -1.16 14.09 -11.17
C PHE B 273 -1.87 12.90 -10.53
N ALA B 274 -3.11 13.12 -10.09
CA ALA B 274 -3.92 12.07 -9.47
C ALA B 274 -5.42 12.42 -9.46
N LYS B 275 -6.16 11.97 -10.47
CA LYS B 275 -7.62 12.17 -10.54
C LYS B 275 -8.33 10.92 -10.05
N GLU B 276 -9.47 11.12 -9.38
CA GLU B 276 -10.29 10.02 -8.86
C GLU B 276 -11.33 9.65 -9.89
N VAL B 277 -11.30 8.40 -10.31
CA VAL B 277 -12.24 7.89 -11.29
C VAL B 277 -13.57 7.65 -10.60
N ARG B 278 -14.62 8.33 -11.05
CA ARG B 278 -15.98 8.05 -10.59
C ARG B 278 -16.32 6.61 -10.99
N THR B 279 -16.26 5.70 -10.02
CA THR B 279 -16.41 4.26 -10.24
C THR B 279 -17.71 3.68 -9.67
N GLY B 280 -18.77 4.50 -9.57
CA GLY B 280 -19.94 4.11 -8.80
C GLY B 280 -19.47 3.66 -7.42
N GLY B 281 -18.50 4.40 -6.86
CA GLY B 281 -17.92 4.09 -5.56
C GLY B 281 -17.35 2.69 -5.45
N MET B 282 -16.66 2.23 -6.49
CA MET B 282 -16.25 0.83 -6.58
C MET B 282 -14.75 0.68 -6.80
N ALA B 283 -14.16 -0.32 -6.15
CA ALA B 283 -12.77 -0.67 -6.39
C ALA B 283 -12.69 -1.99 -7.18
N PHE B 284 -12.70 -1.86 -8.49
CA PHE B 284 -12.66 -3.01 -9.37
C PHE B 284 -11.23 -3.53 -9.50
N HIS B 285 -11.11 -4.78 -9.94
CA HIS B 285 -9.82 -5.45 -10.10
C HIS B 285 -8.98 -5.29 -8.86
N SER B 286 -9.62 -5.53 -7.71
CA SER B 286 -8.95 -5.51 -6.42
C SER B 286 -9.58 -6.59 -5.56
N TYR B 287 -8.99 -6.80 -4.39
CA TYR B 287 -9.49 -7.80 -3.44
C TYR B 287 -10.98 -7.60 -3.10
N PHE B 288 -11.44 -6.35 -3.07
CA PHE B 288 -12.85 -6.09 -2.82
C PHE B 288 -13.75 -7.04 -3.64
N MET B 289 -13.37 -7.28 -4.89
CA MET B 289 -14.15 -8.13 -5.81
C MET B 289 -14.08 -9.61 -5.44
N GLU B 290 -13.08 -10.00 -4.66
CA GLU B 290 -12.88 -11.40 -4.28
C GLU B 290 -14.14 -11.97 -3.63
N ALA B 291 -14.85 -11.12 -2.90
CA ALA B 291 -16.12 -11.47 -2.27
C ALA B 291 -17.12 -12.00 -3.29
N ILE B 292 -17.05 -11.44 -4.48
CA ILE B 292 -18.05 -11.71 -5.51
C ILE B 292 -17.68 -12.91 -6.36
N ALA B 293 -16.47 -13.41 -6.21
CA ALA B 293 -15.99 -14.48 -7.07
C ALA B 293 -16.84 -15.76 -7.01
N PRO B 294 -17.02 -16.33 -5.80
CA PRO B 294 -17.80 -17.58 -5.66
C PRO B 294 -19.26 -17.53 -6.18
N PRO B 295 -20.02 -16.45 -5.85
CA PRO B 295 -21.34 -16.37 -6.49
C PRO B 295 -21.29 -16.27 -8.02
N LEU B 296 -20.45 -15.38 -8.54
CA LEU B 296 -20.30 -15.21 -9.99
C LEU B 296 -19.82 -16.50 -10.65
N LEU B 297 -18.85 -17.17 -10.04
CA LEU B 297 -18.35 -18.45 -10.58
C LEU B 297 -19.47 -19.47 -10.71
N GLN B 298 -20.36 -19.51 -9.71
CA GLN B 298 -21.54 -20.39 -9.76
C GLN B 298 -22.38 -20.05 -11.00
N GLU B 299 -22.89 -18.83 -11.05
CA GLU B 299 -23.72 -18.37 -12.16
C GLU B 299 -23.13 -18.71 -13.53
N LEU B 300 -21.89 -18.28 -13.76
CA LEU B 300 -21.26 -18.39 -15.07
C LEU B 300 -21.07 -19.83 -15.49
N LYS B 301 -20.72 -20.68 -14.54
CA LYS B 301 -20.59 -22.12 -14.85
C LYS B 301 -21.88 -22.66 -15.48
N LYS B 302 -23.03 -22.11 -15.06
CA LYS B 302 -24.31 -22.44 -15.67
C LYS B 302 -24.36 -21.98 -17.11
N VAL B 303 -23.94 -20.73 -17.34
CA VAL B 303 -24.04 -20.11 -18.66
C VAL B 303 -23.06 -20.66 -19.69
N ILE B 304 -21.79 -20.81 -19.29
CA ILE B 304 -20.76 -21.30 -20.21
C ILE B 304 -20.50 -22.78 -20.02
N ARG B 305 -21.45 -23.62 -20.44
CA ARG B 305 -21.24 -25.06 -20.45
C ARG B 305 -20.31 -25.35 -21.63
N GLU B 306 -19.45 -26.37 -21.50
CA GLU B 306 -18.47 -26.72 -22.55
C GLU B 306 -17.74 -25.48 -23.13
N PRO B 307 -16.88 -24.81 -22.31
CA PRO B 307 -16.20 -23.57 -22.71
C PRO B 307 -15.27 -23.75 -23.89
N LYS B 308 -15.23 -22.75 -24.76
CA LYS B 308 -14.44 -22.80 -26.00
C LYS B 308 -13.02 -22.26 -25.80
N PRO B 309 -12.06 -22.74 -26.62
CA PRO B 309 -10.65 -22.36 -26.46
C PRO B 309 -10.37 -21.03 -27.13
N ARG B 310 -9.52 -20.22 -26.49
CA ARG B 310 -9.15 -18.91 -27.01
C ARG B 310 -8.07 -19.06 -28.07
N SER B 311 -8.04 -18.12 -29.01
CA SER B 311 -7.11 -18.15 -30.11
C SER B 311 -5.91 -17.28 -29.83
N ALA B 312 -4.86 -17.50 -30.62
CA ALA B 312 -3.62 -16.70 -30.56
C ALA B 312 -3.87 -15.24 -30.90
N ARG B 313 -4.98 -14.96 -31.59
CA ARG B 313 -5.33 -13.58 -31.88
C ARG B 313 -5.62 -12.84 -30.59
N TRP B 314 -6.27 -13.54 -29.65
CA TRP B 314 -6.82 -12.90 -28.47
C TRP B 314 -5.83 -12.85 -27.33
N LEU B 315 -5.05 -11.77 -27.27
CA LEU B 315 -4.15 -11.50 -26.17
C LEU B 315 -4.90 -11.15 -24.88
N SER B 316 -4.61 -11.88 -23.80
CA SER B 316 -5.26 -11.67 -22.52
C SER B 316 -4.65 -10.52 -21.72
N THR B 317 -5.50 -9.72 -21.10
CA THR B 317 -5.05 -8.66 -20.17
C THR B 317 -5.40 -9.00 -18.72
N SER B 318 -6.13 -10.09 -18.48
CA SER B 318 -6.39 -10.57 -17.12
C SER B 318 -5.25 -11.48 -16.64
N ILE B 319 -4.74 -12.33 -17.53
CA ILE B 319 -3.62 -13.23 -17.24
C ILE B 319 -2.33 -12.64 -17.84
N PRO B 320 -1.22 -12.64 -17.08
CA PRO B 320 0.02 -12.14 -17.68
C PRO B 320 0.63 -13.11 -18.69
N GLU B 321 1.39 -12.54 -19.61
CA GLU B 321 2.00 -13.27 -20.70
C GLU B 321 2.65 -14.56 -20.23
N ALA B 322 3.49 -14.45 -19.20
CA ALA B 322 4.18 -15.62 -18.65
C ALA B 322 3.20 -16.77 -18.39
N GLN B 323 2.01 -16.45 -17.88
CA GLN B 323 0.99 -17.47 -17.59
C GLN B 323 0.01 -17.74 -18.75
N TRP B 324 0.29 -17.21 -19.95
CA TRP B 324 -0.62 -17.38 -21.09
C TRP B 324 -0.74 -18.84 -21.55
N HIS B 325 0.29 -19.65 -21.31
CA HIS B 325 0.24 -21.09 -21.59
C HIS B 325 -0.21 -21.81 -20.32
N SER B 326 -1.44 -21.54 -19.91
CA SER B 326 -2.07 -22.16 -18.73
C SER B 326 -3.49 -22.66 -19.07
N SER B 327 -4.04 -23.49 -18.19
CA SER B 327 -5.39 -24.03 -18.32
C SER B 327 -6.45 -22.93 -18.20
N LEU B 328 -6.26 -22.00 -17.26
CA LEU B 328 -7.14 -20.83 -17.12
C LEU B 328 -7.12 -20.03 -18.40
N ALA B 329 -5.92 -19.88 -18.95
CA ALA B 329 -5.74 -19.21 -20.23
C ALA B 329 -6.42 -19.98 -21.37
N ARG B 330 -6.13 -21.27 -21.49
CA ARG B 330 -6.60 -22.11 -22.61
C ARG B 330 -7.98 -21.72 -23.17
N THR B 331 -8.97 -21.54 -22.30
CA THR B 331 -10.35 -21.32 -22.72
C THR B 331 -10.93 -20.08 -22.05
N SER B 332 -12.05 -19.60 -22.57
CA SER B 332 -12.80 -18.52 -21.94
C SER B 332 -13.93 -19.15 -21.11
N SER B 333 -13.54 -19.66 -19.95
CA SER B 333 -14.46 -20.33 -19.04
C SER B 333 -15.04 -19.30 -18.06
N ALA B 334 -15.91 -19.77 -17.17
CA ALA B 334 -16.38 -18.98 -16.04
C ALA B 334 -15.16 -18.63 -15.20
N GLU B 335 -14.26 -19.61 -15.06
CA GLU B 335 -13.00 -19.44 -14.36
C GLU B 335 -12.15 -18.30 -14.96
N TYR B 336 -12.18 -18.15 -16.29
CA TYR B 336 -11.43 -17.06 -16.94
C TYR B 336 -12.05 -15.70 -16.66
N ASN B 337 -13.37 -15.63 -16.79
CA ASN B 337 -14.05 -14.35 -16.68
C ASN B 337 -14.11 -13.85 -15.24
N VAL B 338 -14.21 -14.78 -14.30
CA VAL B 338 -14.18 -14.45 -12.87
C VAL B 338 -12.82 -13.87 -12.52
N ASN B 339 -11.76 -14.54 -12.96
CA ASN B 339 -10.40 -14.05 -12.76
C ASN B 339 -10.22 -12.61 -13.29
N ASN B 340 -10.78 -12.35 -14.45
CA ASN B 340 -10.77 -11.01 -15.02
C ASN B 340 -11.22 -9.97 -14.01
N LEU B 341 -12.39 -10.19 -13.43
CA LEU B 341 -12.97 -9.25 -12.49
C LEU B 341 -12.04 -8.96 -11.32
N VAL B 342 -11.41 -10.03 -10.83
CA VAL B 342 -10.54 -9.97 -9.66
C VAL B 342 -9.16 -9.43 -10.00
N SER B 343 -8.54 -10.01 -11.03
CA SER B 343 -7.18 -9.65 -11.40
C SER B 343 -7.11 -8.24 -12.01
N PRO B 344 -5.91 -7.62 -11.98
CA PRO B 344 -5.72 -6.30 -12.58
C PRO B 344 -5.62 -6.36 -14.11
N VAL B 345 -5.79 -5.20 -14.76
CA VAL B 345 -5.85 -5.14 -16.21
C VAL B 345 -4.47 -4.89 -16.81
N LEU B 346 -3.91 -5.94 -17.38
CA LEU B 346 -2.57 -5.91 -17.91
C LEU B 346 -2.68 -5.49 -19.37
N PHE B 347 -3.03 -4.22 -19.55
CA PHE B 347 -3.39 -3.66 -20.84
C PHE B 347 -2.17 -3.25 -21.64
N GLN B 348 -1.35 -2.36 -21.07
CA GLN B 348 -0.12 -1.93 -21.72
C GLN B 348 0.71 -3.14 -22.19
N GLU B 349 0.80 -4.16 -21.33
CA GLU B 349 1.68 -5.28 -21.63
C GLU B 349 1.21 -6.01 -22.88
N ALA B 350 -0.10 -6.01 -23.11
CA ALA B 350 -0.66 -6.55 -24.35
C ALA B 350 -0.31 -5.65 -25.54
N LEU B 351 -0.47 -4.35 -25.36
CA LEU B 351 -0.22 -3.38 -26.42
C LEU B 351 1.19 -3.53 -27.00
N TRP B 352 2.15 -3.94 -26.16
CA TRP B 352 3.51 -4.20 -26.62
C TRP B 352 3.55 -5.12 -27.85
N HIS B 353 2.58 -6.02 -27.97
CA HIS B 353 2.60 -7.01 -29.04
C HIS B 353 1.91 -6.59 -30.35
N VAL B 354 1.17 -5.49 -30.32
CA VAL B 354 0.57 -4.95 -31.55
C VAL B 354 1.71 -4.42 -32.45
N PRO B 355 1.83 -4.96 -33.70
CA PRO B 355 2.95 -4.64 -34.61
C PRO B 355 2.92 -3.21 -35.17
N GLU B 356 3.90 -2.90 -36.02
CA GLU B 356 4.19 -1.52 -36.42
C GLU B 356 3.12 -0.77 -37.20
N HIS B 357 2.53 -1.40 -38.20
CA HIS B 357 1.60 -0.68 -39.05
C HIS B 357 0.17 -1.14 -38.82
N ALA B 358 -0.18 -1.36 -37.55
CA ALA B 358 -1.50 -1.88 -37.23
C ALA B 358 -2.55 -0.81 -37.46
N VAL B 359 -3.71 -1.23 -37.95
CA VAL B 359 -4.93 -0.43 -37.92
C VAL B 359 -5.67 -0.93 -36.68
N VAL B 360 -6.08 0.00 -35.82
CA VAL B 360 -6.68 -0.30 -34.52
C VAL B 360 -8.04 0.37 -34.35
N LEU B 361 -9.05 -0.42 -34.03
CA LEU B 361 -10.41 0.07 -33.89
C LEU B 361 -10.87 0.00 -32.45
N GLU B 362 -11.21 1.14 -31.86
CA GLU B 362 -11.71 1.13 -30.47
C GLU B 362 -13.19 0.77 -30.46
N ILE B 363 -13.49 -0.43 -30.01
CA ILE B 363 -14.84 -0.95 -30.02
C ILE B 363 -15.44 -0.63 -28.68
N ALA B 364 -16.24 0.44 -28.63
CA ALA B 364 -16.82 0.92 -27.35
C ALA B 364 -17.82 2.04 -27.59
N PRO B 365 -18.86 2.15 -26.74
CA PRO B 365 -19.87 3.20 -26.91
C PRO B 365 -19.27 4.57 -26.79
N HIS B 366 -18.11 4.67 -26.19
CA HIS B 366 -17.33 5.87 -26.27
C HIS B 366 -15.87 5.49 -26.37
N ALA B 367 -15.09 6.35 -27.00
CA ALA B 367 -13.68 6.08 -27.21
C ALA B 367 -12.80 6.61 -26.06
N LEU B 368 -12.99 6.06 -24.86
CA LEU B 368 -12.20 6.47 -23.69
C LEU B 368 -10.70 6.22 -23.92
N LEU B 369 -10.38 5.05 -24.45
CA LEU B 369 -8.99 4.60 -24.60
C LEU B 369 -8.22 5.27 -25.76
N GLN B 370 -8.80 6.21 -26.49
CA GLN B 370 -8.07 6.81 -27.61
C GLN B 370 -6.76 7.41 -27.14
N ALA B 371 -6.83 8.19 -26.08
CA ALA B 371 -5.65 8.86 -25.54
C ALA B 371 -4.57 7.82 -25.25
N VAL B 372 -4.93 6.84 -24.43
CA VAL B 372 -4.01 5.79 -24.00
C VAL B 372 -3.42 5.02 -25.17
N LEU B 373 -4.27 4.70 -26.12
CA LEU B 373 -3.90 3.88 -27.26
C LEU B 373 -2.87 4.60 -28.09
N LYS B 374 -3.13 5.88 -28.38
CA LYS B 374 -2.19 6.70 -29.15
C LYS B 374 -0.87 6.79 -28.41
N ARG B 375 -0.95 7.06 -27.11
CA ARG B 375 0.24 7.21 -26.24
C ARG B 375 1.06 5.92 -26.15
N GLY B 376 0.37 4.78 -26.11
CA GLY B 376 1.01 3.50 -25.89
C GLY B 376 1.20 2.67 -27.15
N LEU B 377 1.07 3.27 -28.32
CA LEU B 377 1.30 2.52 -29.54
C LEU B 377 2.18 3.25 -30.53
N LYS B 378 2.96 2.48 -31.28
CA LYS B 378 3.88 2.99 -32.26
C LYS B 378 3.19 4.02 -33.12
N PRO B 379 3.79 5.22 -33.28
CA PRO B 379 3.26 6.24 -34.20
C PRO B 379 2.64 5.69 -35.49
N SER B 380 3.30 4.71 -36.09
CA SER B 380 2.91 4.15 -37.38
C SER B 380 1.60 3.36 -37.37
N CYS B 381 1.01 3.19 -36.19
CA CYS B 381 -0.31 2.61 -36.04
C CYS B 381 -1.34 3.68 -36.27
N THR B 382 -2.46 3.23 -36.82
CA THR B 382 -3.61 4.08 -37.03
C THR B 382 -4.69 3.59 -36.09
N ILE B 383 -5.31 4.56 -35.42
CA ILE B 383 -6.28 4.33 -34.36
C ILE B 383 -7.61 4.98 -34.69
N ILE B 384 -8.65 4.17 -34.80
CA ILE B 384 -9.95 4.63 -35.26
C ILE B 384 -11.00 4.38 -34.20
N PRO B 385 -11.66 5.44 -33.74
CA PRO B 385 -12.74 5.28 -32.83
C PRO B 385 -14.04 5.09 -33.61
N LEU B 386 -14.94 4.28 -33.07
CA LEU B 386 -16.22 4.05 -33.71
C LEU B 386 -17.38 4.82 -33.13
N MET B 387 -17.29 5.29 -31.89
CA MET B 387 -18.35 6.12 -31.30
C MET B 387 -17.82 7.16 -30.32
N LYS B 388 -18.51 8.29 -30.25
CA LYS B 388 -18.17 9.32 -29.25
C LYS B 388 -19.34 9.61 -28.32
N LYS B 389 -19.04 9.71 -27.02
CA LYS B 389 -20.06 10.01 -26.02
C LYS B 389 -20.73 11.31 -26.37
N ASP B 390 -22.04 11.25 -26.50
CA ASP B 390 -22.86 12.45 -26.74
C ASP B 390 -22.63 13.12 -28.11
N HIS B 391 -22.04 12.39 -29.07
CA HIS B 391 -21.84 12.91 -30.43
C HIS B 391 -23.18 13.27 -31.08
N ARG B 392 -23.20 14.36 -31.84
CA ARG B 392 -24.39 14.76 -32.60
C ARG B 392 -25.09 13.57 -33.27
N ASP B 393 -24.31 12.73 -33.95
CA ASP B 393 -24.84 11.56 -34.67
C ASP B 393 -23.78 10.48 -34.93
N ASN B 394 -23.76 9.43 -34.10
CA ASN B 394 -22.71 8.41 -34.18
C ASN B 394 -22.71 7.55 -35.44
N LEU B 395 -23.82 7.53 -36.17
CA LEU B 395 -23.79 6.84 -37.47
C LEU B 395 -22.83 7.54 -38.40
N GLU B 396 -22.96 8.86 -38.52
CA GLU B 396 -22.00 9.63 -39.30
C GLU B 396 -20.58 9.40 -38.81
N PHE B 397 -20.40 9.38 -37.50
CA PHE B 397 -19.10 9.17 -36.90
C PHE B 397 -18.58 7.77 -37.26
N PHE B 398 -19.38 6.77 -36.99
CA PHE B 398 -19.05 5.39 -37.29
C PHE B 398 -18.69 5.20 -38.76
N LEU B 399 -19.54 5.72 -39.64
CA LEU B 399 -19.28 5.64 -41.08
C LEU B 399 -17.96 6.30 -41.44
N ALA B 400 -17.71 7.51 -40.92
CA ALA B 400 -16.41 8.17 -41.10
C ALA B 400 -15.29 7.20 -40.78
N GLY B 401 -15.46 6.46 -39.69
CA GLY B 401 -14.43 5.53 -39.25
C GLY B 401 -14.21 4.46 -40.28
N ILE B 402 -15.30 3.99 -40.86
CA ILE B 402 -15.20 2.95 -41.88
C ILE B 402 -14.55 3.55 -43.11
N GLY B 403 -14.80 4.82 -43.34
CA GLY B 403 -14.08 5.55 -44.37
C GLY B 403 -12.59 5.53 -44.10
N ARG B 404 -12.21 5.66 -42.84
CA ARG B 404 -10.81 5.69 -42.52
C ARG B 404 -10.12 4.35 -42.79
N LEU B 405 -10.82 3.25 -42.54
CA LEU B 405 -10.30 1.95 -42.93
C LEU B 405 -9.88 1.96 -44.38
N HIS B 406 -10.74 2.51 -45.22
CA HIS B 406 -10.43 2.53 -46.64
C HIS B 406 -9.12 3.25 -46.84
N LEU B 407 -9.02 4.46 -46.31
CA LEU B 407 -7.83 5.29 -46.50
C LEU B 407 -6.57 4.62 -45.97
N SER B 408 -6.74 3.57 -45.18
CA SER B 408 -5.61 2.86 -44.61
C SER B 408 -5.36 1.51 -45.24
N GLY B 409 -5.91 1.27 -46.42
CA GLY B 409 -5.66 0.02 -47.10
C GLY B 409 -6.54 -1.14 -46.70
N ILE B 410 -7.33 -0.99 -45.64
CA ILE B 410 -8.26 -2.06 -45.28
C ILE B 410 -9.49 -2.02 -46.20
N ASP B 411 -9.88 -3.19 -46.70
CA ASP B 411 -11.04 -3.33 -47.58
C ASP B 411 -12.30 -3.53 -46.74
N ALA B 412 -13.18 -2.53 -46.73
CA ALA B 412 -14.41 -2.60 -45.97
C ALA B 412 -15.56 -1.94 -46.73
N ASN B 413 -16.41 -2.76 -47.38
CA ASN B 413 -17.47 -2.25 -48.24
C ASN B 413 -18.75 -1.86 -47.48
N PRO B 414 -19.03 -0.54 -47.39
CA PRO B 414 -20.16 -0.11 -46.57
C PRO B 414 -21.49 -0.63 -47.10
N ASN B 415 -21.55 -0.97 -48.38
CA ASN B 415 -22.84 -1.49 -48.91
C ASN B 415 -23.46 -2.50 -47.95
N ALA B 416 -22.63 -3.38 -47.40
CA ALA B 416 -23.05 -4.45 -46.49
C ALA B 416 -23.91 -3.96 -45.32
N LEU B 417 -23.68 -2.71 -44.90
CA LEU B 417 -24.38 -2.14 -43.74
C LEU B 417 -25.82 -1.79 -44.02
N PHE B 418 -26.14 -1.60 -45.30
CA PHE B 418 -27.45 -1.08 -45.66
C PHE B 418 -28.27 -2.09 -46.41
N PRO B 419 -29.56 -1.78 -46.58
CA PRO B 419 -30.42 -2.71 -47.27
C PRO B 419 -29.96 -2.81 -48.70
N PRO B 420 -30.31 -3.91 -49.35
CA PRO B 420 -29.81 -4.15 -50.69
C PRO B 420 -30.58 -3.33 -51.73
N VAL B 421 -29.94 -3.07 -52.86
CA VAL B 421 -30.56 -2.36 -53.97
C VAL B 421 -30.91 -3.35 -55.07
N GLU B 422 -30.62 -4.62 -54.82
CA GLU B 422 -30.97 -5.72 -55.69
C GLU B 422 -31.60 -6.82 -54.85
N PHE B 423 -32.25 -7.78 -55.48
CA PHE B 423 -32.61 -9.01 -54.76
C PHE B 423 -31.42 -9.97 -54.85
N PRO B 424 -31.41 -11.03 -54.01
CA PRO B 424 -30.38 -12.07 -54.15
C PRO B 424 -30.47 -12.82 -55.48
N SER C 22 -14.85 -12.52 54.54
CA SER C 22 -13.84 -12.54 55.62
C SER C 22 -12.43 -12.38 55.09
N MET C 23 -12.24 -12.50 53.76
CA MET C 23 -10.94 -12.31 53.11
C MET C 23 -10.45 -10.85 53.12
N ARG C 24 -9.19 -10.64 53.50
CA ARG C 24 -8.60 -9.29 53.54
C ARG C 24 -7.13 -9.29 53.15
N LEU C 25 -6.68 -8.17 52.61
CA LEU C 25 -5.28 -7.98 52.26
C LEU C 25 -4.64 -7.32 53.45
N LEU C 26 -3.54 -7.90 53.92
CA LEU C 26 -2.72 -7.27 54.96
C LEU C 26 -1.38 -6.90 54.38
N ARG C 27 -0.98 -5.65 54.57
CA ARG C 27 0.33 -5.17 54.14
C ARG C 27 1.17 -4.83 55.35
N ALA C 28 2.48 -5.03 55.23
CA ALA C 28 3.41 -4.89 56.35
C ALA C 28 4.73 -4.23 55.95
N SER C 29 5.36 -3.53 56.88
CA SER C 29 6.63 -2.86 56.63
C SER C 29 7.51 -3.10 57.86
N GLY C 30 8.76 -3.46 57.61
CA GLY C 30 9.66 -3.92 58.64
C GLY C 30 11.12 -3.62 58.37
N ARG C 31 11.92 -3.68 59.43
CA ARG C 31 13.35 -3.41 59.38
C ARG C 31 14.14 -4.61 58.92
N THR C 32 13.56 -5.80 59.07
CA THR C 32 14.18 -7.00 58.55
C THR C 32 13.10 -7.92 57.96
N PRO C 33 13.47 -8.81 57.03
CA PRO C 33 12.50 -9.71 56.44
C PRO C 33 11.80 -10.53 57.51
N GLU C 34 12.56 -10.85 58.53
CA GLU C 34 12.07 -11.60 59.67
C GLU C 34 11.05 -10.73 60.44
N ALA C 35 11.38 -9.47 60.67
CA ALA C 35 10.43 -8.56 61.28
C ALA C 35 9.08 -8.63 60.55
N VAL C 36 9.17 -8.47 59.23
CA VAL C 36 8.00 -8.47 58.36
C VAL C 36 7.28 -9.80 58.46
N GLN C 37 8.06 -10.87 58.45
CA GLN C 37 7.49 -12.19 58.48
C GLN C 37 6.66 -12.42 59.74
N LYS C 38 7.17 -11.95 60.88
CA LYS C 38 6.46 -12.11 62.13
C LYS C 38 5.17 -11.29 62.06
N LEU C 39 5.30 -10.04 61.64
CA LEU C 39 4.13 -9.16 61.53
C LEU C 39 3.01 -9.87 60.76
N LEU C 40 3.32 -10.50 59.64
CA LEU C 40 2.29 -11.18 58.85
C LEU C 40 1.76 -12.42 59.57
N GLU C 41 2.55 -12.97 60.48
CA GLU C 41 2.06 -14.05 61.29
C GLU C 41 1.06 -13.58 62.34
N GLN C 42 1.27 -12.38 62.91
CA GLN C 42 0.32 -11.90 63.91
C GLN C 42 -1.04 -11.62 63.24
N GLY C 43 -1.01 -10.96 62.08
CA GLY C 43 -2.25 -10.77 61.32
C GLY C 43 -2.95 -12.08 60.99
N LEU C 44 -2.14 -13.07 60.60
CA LEU C 44 -2.73 -14.36 60.30
C LEU C 44 -3.35 -14.97 61.56
N ARG C 45 -2.69 -14.83 62.71
CA ARG C 45 -3.26 -15.42 63.94
C ARG C 45 -4.36 -14.51 64.52
N HIS C 46 -4.69 -13.44 63.82
CA HIS C 46 -5.85 -12.65 64.16
C HIS C 46 -6.65 -12.36 62.90
N SER C 47 -6.67 -13.36 62.00
CA SER C 47 -7.31 -13.24 60.70
C SER C 47 -8.70 -12.64 60.78
N GLN C 48 -9.50 -13.06 61.75
CA GLN C 48 -10.92 -12.65 61.75
C GLN C 48 -11.24 -11.34 62.52
N ASP C 49 -10.20 -10.67 63.01
CA ASP C 49 -10.34 -9.41 63.76
C ASP C 49 -10.11 -8.22 62.82
N LEU C 50 -11.20 -7.73 62.23
CA LEU C 50 -11.09 -6.75 61.16
C LEU C 50 -10.59 -5.39 61.67
N ALA C 51 -11.02 -5.00 62.85
CA ALA C 51 -10.55 -3.75 63.46
C ALA C 51 -9.05 -3.76 63.56
N PHE C 52 -8.52 -4.91 63.95
CA PHE C 52 -7.09 -5.07 64.16
C PHE C 52 -6.33 -5.01 62.85
N LEU C 53 -6.81 -5.77 61.88
CA LEU C 53 -6.20 -5.77 60.55
C LEU C 53 -6.21 -4.38 59.96
N SER C 54 -7.34 -3.69 60.08
CA SER C 54 -7.44 -2.33 59.58
C SER C 54 -6.32 -1.48 60.17
N MET C 55 -6.07 -1.68 61.44
CA MET C 55 -5.07 -0.92 62.16
C MET C 55 -3.69 -1.27 61.59
N LEU C 56 -3.39 -2.55 61.47
CA LEU C 56 -2.11 -2.94 60.89
C LEU C 56 -1.90 -2.28 59.52
N ASN C 57 -2.95 -2.21 58.70
CA ASN C 57 -2.80 -1.66 57.37
C ASN C 57 -2.46 -0.19 57.37
N ASP C 58 -3.07 0.57 58.28
CA ASP C 58 -2.73 1.99 58.42
C ASP C 58 -1.26 2.14 58.76
N ILE C 59 -0.75 1.31 59.68
CA ILE C 59 0.62 1.46 60.16
C ILE C 59 1.70 1.12 59.11
N ALA C 60 1.35 0.33 58.09
CA ALA C 60 2.36 -0.10 57.11
C ALA C 60 2.85 1.05 56.20
N ALA C 61 2.11 2.16 56.18
CA ALA C 61 2.47 3.33 55.36
C ALA C 61 3.73 4.02 55.91
N VAL C 62 4.89 3.45 55.59
CA VAL C 62 6.14 3.91 56.16
C VAL C 62 7.23 3.99 55.10
N PRO C 63 7.93 5.14 55.00
CA PRO C 63 8.88 5.33 53.90
C PRO C 63 9.88 4.22 53.89
N ALA C 64 10.25 3.74 52.71
CA ALA C 64 11.33 2.75 52.60
C ALA C 64 12.62 3.27 53.24
N THR C 65 12.87 4.58 53.05
CA THR C 65 13.95 5.25 53.78
C THR C 65 14.02 4.75 55.23
N ALA C 66 12.89 4.81 55.93
CA ALA C 66 12.81 4.40 57.34
C ALA C 66 12.75 2.87 57.48
N MET C 67 11.79 2.23 56.82
CA MET C 67 11.62 0.77 56.96
C MET C 67 11.66 0.09 55.60
N PRO C 68 12.83 -0.42 55.23
CA PRO C 68 13.15 -0.86 53.88
C PRO C 68 12.68 -2.27 53.55
N PHE C 69 11.95 -2.93 54.44
CA PHE C 69 11.36 -4.19 54.06
C PHE C 69 9.87 -4.10 54.14
N ARG C 70 9.22 -4.54 53.07
CA ARG C 70 7.77 -4.54 52.97
C ARG C 70 7.30 -5.94 52.61
N GLY C 71 6.06 -6.27 53.01
CA GLY C 71 5.48 -7.58 52.75
C GLY C 71 3.98 -7.52 52.63
N TYR C 72 3.38 -8.61 52.19
CA TYR C 72 1.93 -8.72 52.19
C TYR C 72 1.44 -10.14 52.25
N ALA C 73 0.18 -10.26 52.63
CA ALA C 73 -0.46 -11.55 52.70
C ALA C 73 -1.95 -11.35 52.55
N VAL C 74 -2.56 -12.21 51.75
CA VAL C 74 -4.00 -12.21 51.55
C VAL C 74 -4.62 -13.27 52.47
N LEU C 75 -5.20 -12.81 53.55
CA LEU C 75 -5.76 -13.67 54.58
C LEU C 75 -7.15 -14.09 54.12
N GLY C 76 -7.44 -15.40 54.23
CA GLY C 76 -8.59 -16.00 53.54
C GLY C 76 -8.09 -16.56 52.22
N GLY C 77 -8.57 -17.75 51.84
CA GLY C 77 -8.10 -18.40 50.61
C GLY C 77 -6.62 -18.77 50.65
N GLU C 78 -6.12 -19.37 49.57
CA GLU C 78 -4.74 -19.85 49.54
C GLU C 78 -3.92 -19.35 48.37
N ARG C 79 -3.87 -18.02 48.27
CA ARG C 79 -2.69 -17.28 47.81
C ARG C 79 -2.22 -16.59 49.10
N GLY C 80 -2.27 -17.35 50.20
CA GLY C 80 -2.09 -16.82 51.54
C GLY C 80 -0.63 -16.74 51.94
N GLY C 81 0.20 -17.60 51.34
CA GLY C 81 1.63 -17.55 51.60
C GLY C 81 2.06 -16.10 51.56
N PRO C 82 2.84 -15.67 52.55
CA PRO C 82 3.30 -14.30 52.56
C PRO C 82 4.35 -14.00 51.52
N GLU C 83 4.46 -12.74 51.14
CA GLU C 83 5.50 -12.31 50.26
C GLU C 83 6.21 -11.10 50.85
N VAL C 84 7.53 -11.17 50.88
CA VAL C 84 8.35 -10.19 51.55
C VAL C 84 9.54 -9.86 50.70
N GLN C 85 9.87 -8.57 50.58
CA GLN C 85 11.08 -8.17 49.88
C GLN C 85 11.53 -6.76 50.27
N GLN C 86 12.74 -6.42 49.87
CA GLN C 86 13.30 -5.12 50.16
C GLN C 86 12.74 -4.17 49.14
N VAL C 87 12.31 -2.99 49.58
CA VAL C 87 11.88 -1.95 48.69
C VAL C 87 13.00 -0.93 48.51
N PRO C 88 13.25 -0.52 47.26
CA PRO C 88 14.20 0.55 47.03
C PRO C 88 13.58 1.94 47.34
N ALA C 89 14.40 2.89 47.82
CA ALA C 89 13.97 4.29 48.12
C ALA C 89 13.14 4.87 46.99
N GLY C 90 11.88 5.21 47.31
CA GLY C 90 10.80 5.19 46.30
C GLY C 90 10.07 6.45 45.85
N GLU C 91 10.40 6.88 44.64
CA GLU C 91 9.48 7.66 43.83
C GLU C 91 9.40 6.93 42.48
N ARG C 92 8.45 6.00 42.36
CA ARG C 92 8.18 5.29 41.13
C ARG C 92 6.82 5.71 40.55
N PRO C 93 6.78 5.99 39.23
CA PRO C 93 5.55 6.39 38.58
C PRO C 93 4.60 5.21 38.28
N LEU C 94 3.31 5.50 38.40
CA LEU C 94 2.25 4.51 38.27
C LEU C 94 1.55 4.66 36.95
N TRP C 95 1.47 3.58 36.20
CA TRP C 95 0.83 3.61 34.88
C TRP C 95 -0.31 2.61 34.81
N PHE C 96 -1.36 3.06 34.14
CA PHE C 96 -2.53 2.26 33.88
C PHE C 96 -2.54 1.84 32.42
N ILE C 97 -2.62 0.54 32.16
CA ILE C 97 -2.82 0.06 30.83
C ILE C 97 -4.20 -0.52 30.75
N CYS C 98 -4.97 -0.10 29.74
CA CYS C 98 -6.31 -0.64 29.49
C CYS C 98 -6.34 -1.50 28.26
N SER C 99 -6.51 -2.81 28.47
CA SER C 99 -6.56 -3.77 27.40
C SER C 99 -7.89 -3.68 26.74
N GLY C 100 -7.95 -4.22 25.53
CA GLY C 100 -9.20 -4.31 24.80
C GLY C 100 -9.56 -5.73 24.39
N MET C 101 -9.32 -6.01 23.11
CA MET C 101 -9.90 -7.15 22.43
C MET C 101 -9.92 -8.44 23.26
N GLY C 102 -11.10 -8.99 23.44
CA GLY C 102 -11.27 -10.41 23.75
C GLY C 102 -10.70 -10.94 25.07
N THR C 103 -10.52 -10.06 26.03
CA THR C 103 -10.26 -10.53 27.38
C THR C 103 -11.57 -11.13 27.96
N GLN C 104 -12.55 -11.44 27.10
CA GLN C 104 -13.86 -11.84 27.57
C GLN C 104 -13.82 -13.29 28.02
N TRP C 105 -14.62 -13.63 29.04
CA TRP C 105 -14.78 -15.03 29.47
C TRP C 105 -16.02 -15.28 30.35
N ARG C 106 -16.51 -16.52 30.33
CA ARG C 106 -17.78 -16.86 31.01
C ARG C 106 -17.63 -16.82 32.52
N GLY C 107 -18.11 -15.73 33.12
CA GLY C 107 -18.10 -15.52 34.58
C GLY C 107 -17.20 -14.39 35.07
N MET C 108 -16.70 -13.55 34.16
CA MET C 108 -15.91 -12.37 34.55
C MET C 108 -16.55 -11.66 35.72
N GLY C 109 -15.75 -11.29 36.72
CA GLY C 109 -16.17 -10.30 37.71
C GLY C 109 -17.13 -10.73 38.82
N LEU C 110 -17.77 -11.89 38.69
CA LEU C 110 -18.61 -12.42 39.78
C LEU C 110 -17.69 -12.53 41.01
N SER C 111 -16.52 -13.11 40.80
CA SER C 111 -15.37 -13.02 41.72
C SER C 111 -15.33 -11.71 42.52
N LEU C 112 -15.18 -10.58 41.83
CA LEU C 112 -14.95 -9.28 42.45
C LEU C 112 -16.22 -8.57 42.87
N MET C 113 -17.36 -9.18 42.61
CA MET C 113 -18.62 -8.52 42.87
C MET C 113 -18.84 -8.34 44.37
N ARG C 114 -18.10 -9.11 45.17
CA ARG C 114 -18.17 -9.00 46.62
C ARG C 114 -17.68 -7.67 47.17
N LEU C 115 -16.80 -6.98 46.45
CA LEU C 115 -16.39 -5.64 46.84
C LEU C 115 -17.50 -4.66 46.53
N ASP C 116 -18.11 -4.12 47.57
CA ASP C 116 -19.26 -3.21 47.43
C ASP C 116 -18.98 -2.16 46.37
N ARG C 117 -17.82 -1.51 46.44
CA ARG C 117 -17.51 -0.44 45.51
C ARG C 117 -17.54 -0.95 44.07
N PHE C 118 -17.08 -2.19 43.88
CA PHE C 118 -17.10 -2.79 42.55
C PHE C 118 -18.52 -3.04 42.15
N ARG C 119 -19.25 -3.80 42.94
CA ARG C 119 -20.67 -4.05 42.69
C ARG C 119 -21.40 -2.75 42.40
N ASP C 120 -21.17 -1.73 43.21
CA ASP C 120 -21.82 -0.43 43.03
C ASP C 120 -21.53 0.18 41.67
N SER C 121 -20.28 0.06 41.22
CA SER C 121 -19.90 0.59 39.91
C SER C 121 -20.65 -0.11 38.79
N ILE C 122 -20.74 -1.43 38.87
CA ILE C 122 -21.40 -2.22 37.83
C ILE C 122 -22.89 -1.91 37.73
N LEU C 123 -23.53 -1.77 38.88
CA LEU C 123 -24.94 -1.38 38.93
C LEU C 123 -25.10 -0.01 38.32
N ARG C 124 -24.24 0.93 38.71
CA ARG C 124 -24.25 2.26 38.13
C ARG C 124 -24.07 2.19 36.61
N SER C 125 -23.31 1.20 36.13
CA SER C 125 -23.14 1.03 34.69
C SER C 125 -24.41 0.45 34.08
N ASP C 126 -25.06 -0.48 34.79
CA ASP C 126 -26.39 -0.98 34.35
C ASP C 126 -27.38 0.15 34.09
N GLU C 127 -27.34 1.17 34.96
CA GLU C 127 -28.18 2.35 34.83
C GLU C 127 -28.05 2.98 33.45
N ALA C 128 -26.82 3.12 32.95
CA ALA C 128 -26.61 3.66 31.59
C ALA C 128 -27.21 2.78 30.48
N VAL C 129 -27.28 1.46 30.72
CA VAL C 129 -27.86 0.52 29.75
C VAL C 129 -29.21 -0.07 30.16
N LYS C 130 -29.91 0.57 31.10
CA LYS C 130 -31.29 0.19 31.46
C LYS C 130 -32.16 0.22 30.20
N PRO C 131 -32.12 1.35 29.45
CA PRO C 131 -32.67 1.28 28.10
C PRO C 131 -31.81 0.35 27.29
N PHE C 132 -32.25 -0.02 26.11
CA PHE C 132 -31.63 -1.11 25.34
C PHE C 132 -31.80 -2.45 26.06
N GLY C 133 -32.56 -2.46 27.16
CA GLY C 133 -32.76 -3.65 27.98
C GLY C 133 -31.55 -4.55 28.11
N LEU C 134 -30.51 -4.07 28.78
CA LEU C 134 -29.35 -4.89 29.12
C LEU C 134 -28.94 -4.68 30.56
N LYS C 135 -28.77 -5.78 31.28
CA LYS C 135 -28.24 -5.73 32.64
C LYS C 135 -26.82 -6.35 32.65
N VAL C 136 -25.81 -5.49 32.68
CA VAL C 136 -24.40 -5.92 32.72
C VAL C 136 -24.21 -6.94 33.84
N SER C 137 -24.85 -6.68 34.97
CA SER C 137 -24.89 -7.63 36.07
C SER C 137 -25.52 -8.95 35.62
N GLN C 138 -26.71 -8.87 35.04
CA GLN C 138 -27.34 -10.07 34.51
C GLN C 138 -26.36 -10.75 33.54
N LEU C 139 -25.65 -9.94 32.76
CA LEU C 139 -24.68 -10.46 31.80
C LEU C 139 -23.60 -11.25 32.53
N LEU C 140 -23.04 -10.66 33.57
CA LEU C 140 -21.98 -11.31 34.31
C LEU C 140 -22.53 -12.49 35.08
N LEU C 141 -23.66 -12.26 35.74
CA LEU C 141 -24.30 -13.30 36.55
C LEU C 141 -24.84 -14.43 35.66
N SER C 142 -24.95 -14.20 34.35
CA SER C 142 -25.38 -15.24 33.41
C SER C 142 -24.47 -16.47 33.49
N THR C 143 -24.94 -17.58 32.91
CA THR C 143 -24.18 -18.81 32.89
C THR C 143 -24.31 -19.53 31.55
N ASP C 144 -24.53 -18.75 30.48
CA ASP C 144 -24.61 -19.30 29.13
C ASP C 144 -23.24 -19.18 28.48
N GLU C 145 -22.72 -20.29 27.98
CA GLU C 145 -21.37 -20.32 27.36
C GLU C 145 -21.28 -19.45 26.09
N SER C 146 -22.41 -19.17 25.47
CA SER C 146 -22.47 -18.32 24.28
C SER C 146 -22.76 -16.85 24.61
N THR C 147 -22.96 -16.56 25.89
CA THR C 147 -23.40 -15.24 26.32
C THR C 147 -22.52 -14.12 25.79
N PHE C 148 -21.21 -14.32 25.83
CA PHE C 148 -20.26 -13.29 25.39
C PHE C 148 -19.81 -13.47 23.94
N ASP C 149 -20.49 -14.34 23.20
CA ASP C 149 -20.27 -14.43 21.76
C ASP C 149 -20.89 -13.21 21.06
N ASP C 150 -21.88 -12.59 21.69
CA ASP C 150 -22.48 -11.34 21.20
C ASP C 150 -21.49 -10.20 21.39
N ILE C 151 -21.30 -9.38 20.36
CA ILE C 151 -20.29 -8.31 20.41
C ILE C 151 -20.68 -7.21 21.39
N VAL C 152 -21.96 -6.85 21.44
CA VAL C 152 -22.39 -5.77 22.33
C VAL C 152 -22.25 -6.22 23.78
N HIS C 153 -22.67 -7.46 24.06
CA HIS C 153 -22.47 -8.05 25.38
C HIS C 153 -21.02 -7.89 25.85
N SER C 154 -20.09 -8.43 25.07
CA SER C 154 -18.68 -8.34 25.41
C SER C 154 -18.22 -6.91 25.56
N PHE C 155 -18.36 -6.12 24.52
CA PHE C 155 -17.91 -4.73 24.57
C PHE C 155 -18.31 -4.01 25.85
N VAL C 156 -19.60 -4.01 26.14
CA VAL C 156 -20.10 -3.34 27.34
C VAL C 156 -19.49 -3.95 28.61
N SER C 157 -19.51 -5.27 28.70
CA SER C 157 -19.02 -5.97 29.88
C SER C 157 -17.54 -5.71 30.11
N LEU C 158 -16.72 -5.77 29.05
CA LEU C 158 -15.31 -5.39 29.17
C LEU C 158 -15.17 -4.00 29.76
N THR C 159 -15.82 -3.04 29.13
CA THR C 159 -15.75 -1.68 29.59
C THR C 159 -16.23 -1.49 31.00
N ALA C 160 -17.35 -2.09 31.33
CA ALA C 160 -17.91 -2.00 32.68
C ALA C 160 -16.87 -2.40 33.71
N ILE C 161 -16.23 -3.54 33.45
CA ILE C 161 -15.30 -4.11 34.41
C ILE C 161 -14.09 -3.24 34.56
N GLN C 162 -13.57 -2.72 33.45
CA GLN C 162 -12.45 -1.75 33.53
C GLN C 162 -12.79 -0.59 34.44
N ILE C 163 -14.00 -0.06 34.29
CA ILE C 163 -14.48 1.06 35.12
C ILE C 163 -14.47 0.65 36.57
N GLY C 164 -14.97 -0.55 36.83
CA GLY C 164 -14.99 -1.07 38.18
C GLY C 164 -13.60 -1.15 38.75
N LEU C 165 -12.71 -1.76 38.00
CA LEU C 165 -11.31 -1.83 38.41
C LEU C 165 -10.77 -0.42 38.69
N ILE C 166 -11.05 0.51 37.78
CA ILE C 166 -10.56 1.86 37.95
C ILE C 166 -11.11 2.45 39.25
N ASP C 167 -12.38 2.19 39.51
CA ASP C 167 -13.02 2.71 40.69
C ASP C 167 -12.39 2.17 41.97
N LEU C 168 -12.10 0.86 41.99
CA LEU C 168 -11.44 0.23 43.13
C LEU C 168 -10.13 0.93 43.38
N LEU C 169 -9.35 1.13 42.33
CA LEU C 169 -8.05 1.74 42.44
C LEU C 169 -8.16 3.14 42.95
N SER C 170 -9.09 3.90 42.41
CA SER C 170 -9.22 5.30 42.78
C SER C 170 -9.64 5.46 44.23
N CYS C 171 -10.37 4.49 44.76
CA CYS C 171 -10.86 4.59 46.13
C CYS C 171 -9.73 4.49 47.16
N MET C 172 -8.62 3.88 46.76
CA MET C 172 -7.43 3.88 47.60
C MET C 172 -6.57 5.09 47.30
N GLY C 173 -7.11 6.04 46.55
CA GLY C 173 -6.39 7.27 46.24
C GLY C 173 -5.28 7.12 45.22
N LEU C 174 -5.40 6.17 44.31
CA LEU C 174 -4.36 5.95 43.33
C LEU C 174 -4.62 6.83 42.10
N ARG C 175 -3.74 7.82 41.88
CA ARG C 175 -3.78 8.67 40.67
C ARG C 175 -2.69 8.20 39.69
N PRO C 176 -3.07 7.73 38.47
CA PRO C 176 -2.02 7.33 37.54
C PRO C 176 -1.20 8.50 37.00
N ASP C 177 0.08 8.27 36.83
CA ASP C 177 1.00 9.22 36.23
C ASP C 177 0.93 9.13 34.71
N GLY C 178 0.47 8.01 34.19
CA GLY C 178 0.30 7.85 32.77
C GLY C 178 -0.73 6.78 32.48
N ILE C 179 -1.40 6.95 31.35
CA ILE C 179 -2.50 6.09 30.93
C ILE C 179 -2.36 5.75 29.45
N VAL C 180 -2.49 4.47 29.12
CA VAL C 180 -2.36 4.03 27.74
C VAL C 180 -3.38 2.91 27.55
N GLY C 181 -4.01 2.90 26.38
CA GLY C 181 -5.05 1.94 26.07
C GLY C 181 -4.84 1.18 24.77
N HIS C 182 -5.58 0.10 24.63
CA HIS C 182 -5.49 -0.78 23.49
C HIS C 182 -6.90 -0.95 22.93
N SER C 183 -7.08 -0.48 21.68
CA SER C 183 -8.39 -0.43 21.03
C SER C 183 -9.46 0.05 22.01
N LEU C 184 -10.43 -0.82 22.29
CA LEU C 184 -11.57 -0.48 23.14
C LEU C 184 -11.09 0.12 24.47
N GLY C 185 -9.98 -0.41 24.97
CA GLY C 185 -9.33 0.12 26.15
C GLY C 185 -9.24 1.64 26.22
N GLU C 186 -9.06 2.31 25.06
CA GLU C 186 -9.03 3.77 25.05
C GLU C 186 -10.33 4.39 25.56
N VAL C 187 -11.40 3.60 25.64
CA VAL C 187 -12.62 4.07 26.28
C VAL C 187 -12.35 4.22 27.77
N ALA C 188 -12.03 3.10 28.41
CA ALA C 188 -11.75 3.12 29.84
C ALA C 188 -10.72 4.21 30.13
N CYS C 189 -9.74 4.39 29.25
CA CYS C 189 -8.72 5.40 29.46
C CYS C 189 -9.36 6.75 29.63
N GLY C 190 -10.31 7.06 28.76
CA GLY C 190 -11.04 8.34 28.86
C GLY C 190 -11.65 8.52 30.25
N TYR C 191 -12.30 7.48 30.74
CA TYR C 191 -12.81 7.47 32.08
C TYR C 191 -11.70 7.66 33.12
N ALA C 192 -10.59 6.93 33.00
CA ALA C 192 -9.49 7.10 33.93
C ALA C 192 -8.91 8.52 33.84
N ASP C 193 -8.84 9.09 32.65
CA ASP C 193 -8.32 10.44 32.51
C ASP C 193 -9.30 11.48 33.02
N GLY C 194 -10.52 11.05 33.31
CA GLY C 194 -11.62 11.96 33.65
C GLY C 194 -12.05 12.77 32.46
N CYS C 195 -12.06 12.15 31.28
CA CYS C 195 -12.53 12.77 30.04
C CYS C 195 -13.97 12.37 29.83
N LEU C 196 -14.21 11.07 29.91
CA LEU C 196 -15.54 10.54 29.84
C LEU C 196 -16.07 10.22 31.24
N SER C 197 -17.40 10.27 31.35
CA SER C 197 -18.09 9.83 32.53
C SER C 197 -18.37 8.36 32.42
N GLN C 198 -18.80 7.77 33.52
CA GLN C 198 -19.19 6.39 33.49
C GLN C 198 -20.29 6.20 32.46
N GLU C 199 -21.35 7.01 32.55
CA GLU C 199 -22.45 6.92 31.58
C GLU C 199 -21.91 7.02 30.16
N GLU C 200 -21.20 8.11 29.87
CA GLU C 200 -20.66 8.32 28.54
C GLU C 200 -19.86 7.07 28.10
N ALA C 201 -18.88 6.68 28.90
CA ALA C 201 -17.98 5.60 28.52
C ALA C 201 -18.72 4.29 28.30
N VAL C 202 -19.70 3.97 29.13
CA VAL C 202 -20.42 2.70 29.00
C VAL C 202 -21.20 2.61 27.70
N LEU C 203 -21.82 3.73 27.30
CA LEU C 203 -22.59 3.78 26.05
C LEU C 203 -21.69 3.75 24.82
N ALA C 204 -20.52 4.37 24.94
CA ALA C 204 -19.52 4.25 23.89
C ALA C 204 -19.25 2.76 23.62
N ALA C 205 -19.13 1.96 24.67
CA ALA C 205 -19.01 0.50 24.52
C ALA C 205 -20.25 -0.05 23.80
N TYR C 206 -21.43 0.38 24.22
CA TYR C 206 -22.65 -0.12 23.60
C TYR C 206 -22.69 0.13 22.09
N TRP C 207 -22.63 1.40 21.71
CA TRP C 207 -22.87 1.77 20.31
C TRP C 207 -21.82 1.15 19.38
N ARG C 208 -20.56 1.30 19.76
CA ARG C 208 -19.47 0.59 19.10
C ARG C 208 -19.87 -0.87 18.85
N GLY C 209 -20.41 -1.53 19.85
CA GLY C 209 -20.91 -2.88 19.67
C GLY C 209 -22.14 -2.97 18.76
N GLN C 210 -23.10 -2.09 18.98
CA GLN C 210 -24.39 -2.18 18.28
C GLN C 210 -24.25 -1.84 16.79
N CYS C 211 -23.53 -0.75 16.49
CA CYS C 211 -23.22 -0.37 15.10
C CYS C 211 -22.60 -1.52 14.31
N ILE C 212 -21.63 -2.20 14.91
CA ILE C 212 -21.03 -3.39 14.29
C ILE C 212 -22.11 -4.45 14.06
N LYS C 213 -22.75 -4.90 15.13
CA LYS C 213 -23.77 -5.95 15.04
C LYS C 213 -24.72 -5.66 13.86
N GLU C 214 -25.26 -4.44 13.83
CA GLU C 214 -26.22 -4.04 12.79
C GLU C 214 -25.63 -4.11 11.37
N ALA C 215 -24.34 -3.78 11.26
CA ALA C 215 -23.65 -3.68 9.97
C ALA C 215 -23.77 -4.92 9.08
N HIS C 216 -23.61 -6.09 9.68
CA HIS C 216 -23.57 -7.35 8.92
C HIS C 216 -22.54 -7.27 7.78
N LEU C 217 -21.27 -7.14 8.19
CA LEU C 217 -20.14 -7.02 7.26
C LEU C 217 -19.68 -8.40 6.76
N PRO C 218 -18.84 -8.45 5.70
CA PRO C 218 -18.29 -9.71 5.22
C PRO C 218 -17.49 -10.43 6.30
N PRO C 219 -17.05 -11.67 6.02
CA PRO C 219 -16.27 -12.41 7.02
C PRO C 219 -14.81 -11.94 7.11
N GLY C 220 -14.42 -11.41 8.27
CA GLY C 220 -13.05 -10.93 8.49
C GLY C 220 -12.26 -11.87 9.41
N ALA C 221 -11.04 -11.46 9.77
CA ALA C 221 -10.19 -12.23 10.69
C ALA C 221 -8.94 -11.44 11.05
N MET C 222 -8.33 -11.80 12.19
CA MET C 222 -7.09 -11.18 12.64
C MET C 222 -6.15 -12.24 13.15
N ALA C 223 -4.86 -11.92 13.18
CA ALA C 223 -3.86 -12.89 13.57
C ALA C 223 -2.59 -12.23 14.11
N ALA C 224 -2.06 -12.78 15.19
CA ALA C 224 -0.78 -12.34 15.74
C ALA C 224 0.35 -12.95 14.95
N VAL C 225 1.33 -12.13 14.63
CA VAL C 225 2.41 -12.50 13.75
C VAL C 225 3.75 -11.97 14.23
N GLY C 226 4.78 -12.82 14.21
CA GLY C 226 6.08 -12.43 14.72
C GLY C 226 6.98 -11.69 13.74
N LEU C 227 6.39 -10.85 12.90
CA LEU C 227 7.15 -10.03 11.96
C LEU C 227 7.18 -8.61 12.53
N SER C 228 8.10 -7.78 12.02
CA SER C 228 8.10 -6.38 12.38
C SER C 228 6.94 -5.71 11.68
N TRP C 229 6.60 -4.52 12.15
CA TRP C 229 5.57 -3.68 11.55
C TRP C 229 5.91 -3.33 10.09
N GLU C 230 7.17 -2.99 9.82
CA GLU C 230 7.62 -2.72 8.45
C GLU C 230 7.57 -3.99 7.61
N GLU C 231 8.12 -5.09 8.13
CA GLU C 231 8.07 -6.39 7.45
C GLU C 231 6.63 -6.78 7.15
N CYS C 232 5.75 -6.53 8.11
CA CYS C 232 4.31 -6.77 7.92
C CYS C 232 3.78 -5.94 6.80
N LYS C 233 4.04 -4.65 6.86
CA LYS C 233 3.63 -3.76 5.79
C LYS C 233 4.06 -4.36 4.43
N GLN C 234 5.33 -4.73 4.28
CA GLN C 234 5.85 -5.30 3.02
C GLN C 234 5.27 -6.68 2.64
N ARG C 235 5.31 -7.63 3.56
CA ARG C 235 4.92 -9.02 3.24
C ARG C 235 3.43 -9.28 3.25
N CYS C 236 2.62 -8.24 3.39
CA CYS C 236 1.18 -8.43 3.48
C CYS C 236 0.49 -8.61 2.14
N PRO C 237 -0.33 -9.67 2.03
CA PRO C 237 -1.20 -9.86 0.86
C PRO C 237 -2.28 -8.77 0.75
N PRO C 238 -2.86 -8.60 -0.44
CA PRO C 238 -3.79 -7.50 -0.65
C PRO C 238 -5.07 -7.65 0.15
N GLY C 239 -5.52 -6.56 0.76
CA GLY C 239 -6.70 -6.57 1.61
C GLY C 239 -6.41 -6.90 3.07
N VAL C 240 -5.21 -7.40 3.34
CA VAL C 240 -4.79 -7.77 4.69
C VAL C 240 -3.76 -6.78 5.18
N VAL C 241 -4.05 -6.10 6.29
CA VAL C 241 -3.26 -4.97 6.77
C VAL C 241 -2.73 -5.17 8.18
N PRO C 242 -1.63 -4.48 8.52
CA PRO C 242 -1.18 -4.48 9.90
C PRO C 242 -2.17 -3.68 10.71
N ALA C 243 -2.58 -4.22 11.87
CA ALA C 243 -3.67 -3.64 12.65
C ALA C 243 -3.23 -3.17 14.03
N CYS C 244 -2.47 -4.00 14.74
CA CYS C 244 -1.97 -3.60 16.05
C CYS C 244 -0.47 -3.76 16.14
N HIS C 245 0.19 -2.67 16.52
CA HIS C 245 1.62 -2.71 16.77
C HIS C 245 1.81 -3.00 18.26
N ASN C 246 1.76 -4.27 18.61
CA ASN C 246 1.88 -4.67 20.01
C ASN C 246 3.28 -4.58 20.56
N SER C 247 4.26 -5.18 19.88
CA SER C 247 5.67 -5.03 20.25
C SER C 247 6.51 -4.85 18.98
N LYS C 248 7.83 -4.79 19.13
CA LYS C 248 8.78 -4.56 18.02
C LYS C 248 8.76 -5.71 17.02
N ASP C 249 8.61 -6.94 17.51
CA ASP C 249 8.55 -8.11 16.65
C ASP C 249 7.25 -8.90 16.88
N THR C 250 6.17 -8.21 17.22
CA THR C 250 4.82 -8.81 17.25
C THR C 250 3.80 -7.83 16.73
N VAL C 251 3.04 -8.25 15.72
CA VAL C 251 2.04 -7.42 15.11
C VAL C 251 0.78 -8.22 14.84
N THR C 252 -0.37 -7.64 15.13
CA THR C 252 -1.61 -8.28 14.76
C THR C 252 -2.05 -7.74 13.42
N ILE C 253 -2.23 -8.65 12.46
CA ILE C 253 -2.70 -8.30 11.14
C ILE C 253 -4.22 -8.42 11.12
N SER C 254 -4.84 -7.84 10.10
CA SER C 254 -6.30 -7.77 10.04
C SER C 254 -6.80 -7.61 8.61
N GLY C 255 -7.71 -8.49 8.22
CA GLY C 255 -8.32 -8.44 6.89
C GLY C 255 -9.40 -9.50 6.73
N PRO C 256 -9.89 -9.72 5.50
CA PRO C 256 -10.87 -10.78 5.19
C PRO C 256 -10.33 -12.19 5.52
N GLN C 257 -11.19 -13.08 6.02
CA GLN C 257 -10.77 -14.40 6.54
C GLN C 257 -9.86 -15.21 5.61
N ALA C 258 -10.33 -15.48 4.40
CA ALA C 258 -9.64 -16.41 3.49
C ALA C 258 -8.12 -16.18 3.41
N PRO C 259 -7.69 -14.98 2.96
CA PRO C 259 -6.26 -14.72 2.77
C PRO C 259 -5.48 -14.69 4.06
N VAL C 260 -6.11 -14.29 5.15
CA VAL C 260 -5.41 -14.31 6.43
C VAL C 260 -4.91 -15.73 6.68
N PHE C 261 -5.85 -16.68 6.70
CA PHE C 261 -5.54 -18.04 7.15
C PHE C 261 -4.61 -18.75 6.20
N GLU C 262 -4.65 -18.36 4.94
CA GLU C 262 -3.65 -18.79 3.97
C GLU C 262 -2.28 -18.24 4.41
N PHE C 263 -2.21 -16.94 4.71
CA PHE C 263 -0.96 -16.30 5.11
C PHE C 263 -0.42 -16.88 6.42
N VAL C 264 -1.31 -17.13 7.36
CA VAL C 264 -0.92 -17.77 8.61
C VAL C 264 -0.13 -19.03 8.30
N GLU C 265 -0.66 -19.88 7.40
CA GLU C 265 -0.03 -21.16 7.08
C GLU C 265 1.35 -21.02 6.38
N GLN C 266 1.41 -20.19 5.34
CA GLN C 266 2.68 -19.85 4.66
C GLN C 266 3.72 -19.29 5.63
N LEU C 267 3.23 -18.60 6.65
CA LEU C 267 4.06 -18.07 7.73
C LEU C 267 4.70 -19.25 8.54
N ARG C 268 3.87 -19.99 9.28
CA ARG C 268 4.31 -21.24 9.93
C ARG C 268 5.21 -22.05 8.98
N LYS C 269 4.64 -22.48 7.84
CA LYS C 269 5.40 -23.31 6.89
C LYS C 269 6.76 -22.68 6.61
N GLU C 270 6.79 -21.35 6.48
CA GLU C 270 8.02 -20.58 6.22
C GLU C 270 9.04 -20.61 7.37
N GLY C 271 8.60 -20.82 8.60
CA GLY C 271 9.52 -20.89 9.74
C GLY C 271 9.48 -19.64 10.62
N VAL C 272 8.25 -19.25 10.96
CA VAL C 272 8.00 -18.02 11.69
C VAL C 272 6.75 -18.21 12.53
N PHE C 273 6.55 -17.33 13.51
CA PHE C 273 5.46 -17.48 14.45
C PHE C 273 4.19 -16.88 13.90
N ALA C 274 3.12 -17.66 13.90
CA ALA C 274 1.82 -17.20 13.43
C ALA C 274 0.76 -17.89 14.26
N LYS C 275 -0.21 -17.12 14.74
CA LYS C 275 -1.34 -17.71 15.42
C LYS C 275 -2.54 -16.77 15.37
N GLU C 276 -3.60 -17.23 14.70
CA GLU C 276 -4.87 -16.50 14.53
C GLU C 276 -5.46 -16.18 15.89
N VAL C 277 -6.24 -15.10 15.96
CA VAL C 277 -6.68 -14.54 17.22
C VAL C 277 -8.18 -14.41 17.29
N ARG C 278 -8.87 -15.52 17.52
CA ARG C 278 -10.36 -15.57 17.57
C ARG C 278 -11.01 -14.18 17.82
N THR C 279 -11.65 -13.63 16.78
CA THR C 279 -12.09 -12.22 16.77
C THR C 279 -13.62 -12.04 16.58
N GLY C 280 -14.35 -13.16 16.51
CA GLY C 280 -15.74 -13.15 16.05
C GLY C 280 -15.81 -12.90 14.55
N GLY C 281 -14.88 -13.48 13.80
CA GLY C 281 -14.79 -13.30 12.35
C GLY C 281 -14.72 -11.85 11.91
N MET C 282 -13.95 -11.04 12.64
CA MET C 282 -13.93 -9.59 12.45
C MET C 282 -12.53 -9.07 12.14
N ALA C 283 -12.43 -8.12 11.22
CA ALA C 283 -11.17 -7.42 10.97
C ALA C 283 -11.25 -6.00 11.53
N PHE C 284 -10.86 -5.88 12.80
CA PHE C 284 -10.87 -4.60 13.50
C PHE C 284 -9.71 -3.73 13.06
N HIS C 285 -9.85 -2.43 13.29
CA HIS C 285 -8.82 -1.48 12.95
C HIS C 285 -8.33 -1.67 11.53
N SER C 286 -9.30 -1.79 10.63
CA SER C 286 -9.05 -1.91 9.21
C SER C 286 -10.19 -1.24 8.46
N TYR C 287 -10.04 -1.13 7.15
CA TYR C 287 -11.03 -0.51 6.29
C TYR C 287 -12.43 -1.08 6.49
N PHE C 288 -12.51 -2.38 6.78
CA PHE C 288 -13.79 -3.02 7.08
C PHE C 288 -14.66 -2.14 7.97
N MET C 289 -14.05 -1.57 8.98
CA MET C 289 -14.74 -0.77 9.98
C MET C 289 -15.21 0.59 9.46
N GLU C 290 -14.61 1.05 8.36
CA GLU C 290 -14.96 2.35 7.78
C GLU C 290 -16.44 2.47 7.48
N ALA C 291 -17.05 1.36 7.10
CA ALA C 291 -18.48 1.30 6.85
C ALA C 291 -19.28 1.73 8.09
N ILE C 292 -18.73 1.45 9.26
CA ILE C 292 -19.43 1.65 10.53
C ILE C 292 -19.20 3.04 11.09
N ALA C 293 -18.24 3.78 10.53
CA ALA C 293 -17.88 5.09 11.07
C ALA C 293 -19.05 6.10 11.15
N PRO C 294 -19.69 6.39 10.00
CA PRO C 294 -20.82 7.36 9.99
C PRO C 294 -22.01 7.07 10.92
N PRO C 295 -22.48 5.82 10.98
CA PRO C 295 -23.49 5.54 12.00
C PRO C 295 -23.00 5.75 13.43
N LEU C 296 -21.83 5.19 13.75
CA LEU C 296 -21.24 5.35 15.08
C LEU C 296 -21.01 6.82 15.39
N LEU C 297 -20.46 7.58 14.44
CA LEU C 297 -20.26 9.03 14.64
C LEU C 297 -21.55 9.73 15.05
N GLN C 298 -22.64 9.38 14.40
CA GLN C 298 -23.96 9.93 14.71
C GLN C 298 -24.28 9.66 16.18
N GLU C 299 -24.40 8.39 16.51
CA GLU C 299 -24.70 7.98 17.88
C GLU C 299 -23.86 8.70 18.94
N LEU C 300 -22.54 8.61 18.81
CA LEU C 300 -21.62 9.11 19.82
C LEU C 300 -21.73 10.61 19.99
N LYS C 301 -21.93 11.33 18.88
CA LYS C 301 -22.15 12.78 18.92
C LYS C 301 -23.29 13.13 19.89
N LYS C 302 -24.30 12.27 19.96
CA LYS C 302 -25.40 12.40 20.90
C LYS C 302 -24.92 12.21 22.33
N VAL C 303 -24.11 11.17 22.54
CA VAL C 303 -23.63 10.77 23.87
C VAL C 303 -22.62 11.73 24.48
N ILE C 304 -21.64 12.12 23.68
CA ILE C 304 -20.58 13.01 24.16
C ILE C 304 -20.82 14.45 23.70
N ARG C 305 -21.79 15.12 24.31
CA ARG C 305 -21.98 16.54 24.05
C ARG C 305 -20.92 17.26 24.90
N GLU C 306 -20.45 18.41 24.40
CA GLU C 306 -19.36 19.18 25.05
C GLU C 306 -18.17 18.28 25.49
N PRO C 307 -17.44 17.68 24.52
CA PRO C 307 -16.33 16.75 24.79
C PRO C 307 -15.17 17.37 25.57
N LYS C 308 -14.61 16.60 26.50
CA LYS C 308 -13.61 17.11 27.42
C LYS C 308 -12.20 16.87 26.85
N PRO C 309 -11.23 17.77 27.15
CA PRO C 309 -9.87 17.64 26.67
C PRO C 309 -9.05 16.59 27.39
N ARG C 310 -8.19 15.89 26.65
CA ARG C 310 -7.38 14.82 27.21
C ARG C 310 -6.15 15.42 27.84
N SER C 311 -5.58 14.75 28.82
CA SER C 311 -4.40 15.26 29.50
C SER C 311 -3.12 14.64 28.95
N ALA C 312 -1.99 15.23 29.33
CA ALA C 312 -0.70 14.75 28.95
C ALA C 312 -0.40 13.37 29.52
N ARG C 313 -1.11 12.96 30.55
CA ARG C 313 -0.95 11.62 31.10
C ARG C 313 -1.40 10.57 30.08
N TRP C 314 -2.41 10.92 29.29
CA TRP C 314 -3.06 9.98 28.41
C TRP C 314 -2.45 9.91 27.03
N LEU C 315 -1.45 9.04 26.88
CA LEU C 315 -0.86 8.79 25.58
C LEU C 315 -1.83 8.05 24.67
N SER C 316 -2.07 8.61 23.48
CA SER C 316 -2.99 8.00 22.53
C SER C 316 -2.32 6.94 21.63
N THR C 317 -3.04 5.85 21.41
CA THR C 317 -2.58 4.74 20.56
C THR C 317 -3.34 4.69 19.23
N SER C 318 -4.41 5.49 19.13
CA SER C 318 -5.18 5.61 17.88
C SER C 318 -4.58 6.67 16.96
N ILE C 319 -4.08 7.76 17.56
CA ILE C 319 -3.39 8.82 16.83
C ILE C 319 -1.90 8.71 17.07
N PRO C 320 -1.06 8.78 16.03
CA PRO C 320 0.37 8.74 16.22
C PRO C 320 0.90 10.00 16.88
N GLU C 321 2.05 9.87 17.53
CA GLU C 321 2.64 10.98 18.29
C GLU C 321 2.67 12.27 17.47
N ALA C 322 2.94 12.13 16.18
CA ALA C 322 3.09 13.26 15.28
C ALA C 322 1.86 14.14 15.23
N GLN C 323 0.66 13.54 15.36
CA GLN C 323 -0.60 14.29 15.22
C GLN C 323 -1.26 14.53 16.58
N TRP C 324 -0.45 14.65 17.63
CA TRP C 324 -0.99 14.81 19.01
C TRP C 324 -1.37 16.28 19.27
N HIS C 325 -0.63 17.18 18.62
CA HIS C 325 -0.99 18.59 18.53
C HIS C 325 -2.35 18.85 17.83
N SER C 326 -3.02 17.79 17.37
CA SER C 326 -4.23 17.94 16.56
C SER C 326 -5.52 18.16 17.34
N SER C 327 -6.49 18.71 16.66
CA SER C 327 -7.82 18.92 17.20
C SER C 327 -8.47 17.57 17.54
N LEU C 328 -8.27 16.57 16.69
CA LEU C 328 -8.81 15.27 16.98
C LEU C 328 -8.19 14.75 18.25
N ALA C 329 -6.89 14.98 18.42
CA ALA C 329 -6.16 14.61 19.63
C ALA C 329 -6.69 15.36 20.85
N ARG C 330 -6.79 16.69 20.75
CA ARG C 330 -7.16 17.57 21.87
C ARG C 330 -8.16 17.00 22.88
N THR C 331 -9.24 16.42 22.39
CA THR C 331 -10.33 15.95 23.25
C THR C 331 -10.70 14.53 22.93
N SER C 332 -11.47 13.93 23.83
CA SER C 332 -12.03 12.59 23.59
C SER C 332 -13.43 12.73 23.11
N SER C 333 -13.53 13.07 21.84
CA SER C 333 -14.79 13.31 21.16
C SER C 333 -15.34 12.03 20.59
N ALA C 334 -16.50 12.11 19.97
CA ALA C 334 -17.00 11.01 19.15
C ALA C 334 -16.05 10.82 17.98
N GLU C 335 -15.54 11.95 17.47
CA GLU C 335 -14.53 11.91 16.41
C GLU C 335 -13.29 11.10 16.84
N TYR C 336 -12.88 11.27 18.09
CA TYR C 336 -11.72 10.58 18.59
C TYR C 336 -11.98 9.09 18.68
N ASN C 337 -13.15 8.74 19.18
CA ASN C 337 -13.47 7.35 19.48
C ASN C 337 -13.73 6.57 18.20
N VAL C 338 -14.32 7.24 17.23
CA VAL C 338 -14.58 6.62 15.94
C VAL C 338 -13.25 6.32 15.25
N ASN C 339 -12.36 7.30 15.26
CA ASN C 339 -11.04 7.15 14.67
C ASN C 339 -10.33 5.94 15.28
N ASN C 340 -10.46 5.75 16.60
CA ASN C 340 -9.87 4.58 17.26
C ASN C 340 -10.32 3.27 16.61
N LEU C 341 -11.62 3.09 16.38
CA LEU C 341 -12.12 1.85 15.80
C LEU C 341 -11.52 1.58 14.44
N VAL C 342 -11.39 2.65 13.65
CA VAL C 342 -10.90 2.57 12.28
C VAL C 342 -9.38 2.50 12.21
N SER C 343 -8.71 3.37 12.93
CA SER C 343 -7.26 3.47 12.85
C SER C 343 -6.59 2.28 13.56
N PRO C 344 -5.30 2.00 13.24
CA PRO C 344 -4.58 0.89 13.88
C PRO C 344 -4.10 1.27 15.27
N VAL C 345 -3.81 0.26 16.10
CA VAL C 345 -3.42 0.45 17.49
C VAL C 345 -1.92 0.63 17.61
N LEU C 346 -1.50 1.86 17.85
CA LEU C 346 -0.09 2.20 17.95
C LEU C 346 0.34 2.06 19.41
N PHE C 347 0.41 0.81 19.84
CA PHE C 347 0.59 0.48 21.24
C PHE C 347 2.05 0.53 21.62
N GLN C 348 2.87 -0.24 20.92
CA GLN C 348 4.32 -0.22 21.18
C GLN C 348 4.82 1.22 21.20
N GLU C 349 4.38 2.03 20.25
CA GLU C 349 4.95 3.37 20.12
C GLU C 349 4.65 4.21 21.37
N ALA C 350 3.53 3.93 22.02
CA ALA C 350 3.23 4.56 23.30
C ALA C 350 4.16 4.03 24.40
N LEU C 351 4.31 2.70 24.47
CA LEU C 351 5.10 2.08 25.52
C LEU C 351 6.50 2.63 25.59
N TRP C 352 7.05 3.08 24.45
CA TRP C 352 8.36 3.74 24.43
C TRP C 352 8.48 4.89 25.46
N HIS C 353 7.38 5.55 25.76
CA HIS C 353 7.38 6.69 26.68
C HIS C 353 7.37 6.32 28.15
N VAL C 354 6.92 5.11 28.48
CA VAL C 354 6.85 4.69 29.87
C VAL C 354 8.27 4.64 30.41
N PRO C 355 8.55 5.38 31.50
CA PRO C 355 9.91 5.54 32.00
C PRO C 355 10.46 4.28 32.69
N GLU C 356 11.67 4.38 33.21
CA GLU C 356 12.45 3.22 33.63
C GLU C 356 11.91 2.40 34.83
N HIS C 357 11.43 3.05 35.89
CA HIS C 357 11.01 2.29 37.07
C HIS C 357 9.53 2.34 37.25
N ALA C 358 8.79 2.26 36.15
CA ALA C 358 7.36 2.39 36.22
C ALA C 358 6.76 1.17 36.89
N VAL C 359 5.68 1.39 37.65
CA VAL C 359 4.81 0.32 38.11
C VAL C 359 3.64 0.37 37.19
N VAL C 360 3.29 -0.77 36.59
CA VAL C 360 2.31 -0.82 35.51
C VAL C 360 1.22 -1.87 35.79
N LEU C 361 -0.03 -1.42 35.78
CA LEU C 361 -1.21 -2.23 36.14
C LEU C 361 -2.06 -2.53 34.90
N GLU C 362 -2.23 -3.81 34.57
CA GLU C 362 -3.08 -4.18 33.43
C GLU C 362 -4.52 -4.23 33.88
N ILE C 363 -5.28 -3.23 33.43
CA ILE C 363 -6.67 -3.04 33.80
C ILE C 363 -7.53 -3.71 32.76
N ALA C 364 -7.94 -4.94 33.08
CA ALA C 364 -8.66 -5.79 32.14
C ALA C 364 -9.22 -7.00 32.86
N PRO C 365 -10.35 -7.54 32.39
CA PRO C 365 -10.93 -8.77 32.93
C PRO C 365 -10.04 -9.99 32.78
N HIS C 366 -9.12 -9.92 31.83
CA HIS C 366 -8.01 -10.87 31.77
C HIS C 366 -6.75 -10.15 31.32
N ALA C 367 -5.60 -10.63 31.79
CA ALA C 367 -4.35 -9.96 31.52
C ALA C 367 -3.70 -10.46 30.23
N LEU C 368 -4.37 -10.27 29.11
CA LEU C 368 -3.83 -10.71 27.83
C LEU C 368 -2.48 -10.06 27.60
N LEU C 369 -2.38 -8.77 27.83
CA LEU C 369 -1.18 -8.01 27.47
C LEU C 369 0.03 -8.17 28.40
N GLN C 370 -0.02 -9.08 29.37
CA GLN C 370 1.13 -9.25 30.27
C GLN C 370 2.37 -9.62 29.48
N ALA C 371 2.26 -10.63 28.61
CA ALA C 371 3.43 -11.07 27.86
C ALA C 371 3.98 -9.88 27.09
N VAL C 372 3.14 -9.21 26.30
CA VAL C 372 3.57 -8.07 25.49
C VAL C 372 4.22 -6.96 26.33
N LEU C 373 3.59 -6.69 27.45
CA LEU C 373 3.96 -5.58 28.31
C LEU C 373 5.34 -5.82 28.92
N LYS C 374 5.60 -7.07 29.32
CA LYS C 374 6.89 -7.45 29.86
C LYS C 374 7.94 -7.41 28.77
N ARG C 375 7.58 -7.93 27.58
CA ARG C 375 8.51 -8.01 26.48
C ARG C 375 8.89 -6.61 26.02
N GLY C 376 7.92 -5.69 26.05
CA GLY C 376 8.10 -4.33 25.54
C GLY C 376 8.36 -3.21 26.52
N LEU C 377 8.48 -3.49 27.80
CA LEU C 377 8.91 -2.45 28.71
C LEU C 377 10.34 -2.75 29.23
N LYS C 378 11.11 -1.70 29.39
CA LYS C 378 12.36 -1.74 30.10
C LYS C 378 12.21 -2.63 31.32
N PRO C 379 13.21 -3.48 31.58
CA PRO C 379 13.12 -4.57 32.58
C PRO C 379 12.89 -4.13 34.03
N SER C 380 13.29 -2.89 34.33
CA SER C 380 13.09 -2.29 35.66
C SER C 380 11.65 -1.96 35.99
N CYS C 381 10.78 -2.06 35.01
CA CYS C 381 9.38 -1.83 35.24
C CYS C 381 8.80 -3.04 35.90
N THR C 382 7.78 -2.81 36.72
CA THR C 382 7.01 -3.87 37.33
C THR C 382 5.63 -3.88 36.75
N ILE C 383 5.18 -5.06 36.39
CA ILE C 383 3.91 -5.22 35.70
C ILE C 383 2.98 -6.09 36.50
N ILE C 384 1.82 -5.55 36.86
CA ILE C 384 0.90 -6.23 37.73
C ILE C 384 -0.42 -6.43 37.06
N PRO C 385 -0.86 -7.68 36.98
CA PRO C 385 -2.18 -7.96 36.44
C PRO C 385 -3.20 -7.89 37.56
N LEU C 386 -4.41 -7.46 37.23
CA LEU C 386 -5.48 -7.35 38.21
C LEU C 386 -6.51 -8.50 38.12
N MET C 387 -6.63 -9.18 36.97
CA MET C 387 -7.55 -10.32 36.85
C MET C 387 -7.02 -11.38 35.88
N LYS C 388 -7.33 -12.66 36.16
CA LYS C 388 -6.96 -13.76 35.27
C LYS C 388 -8.21 -14.49 34.82
N LYS C 389 -8.26 -14.81 33.51
CA LYS C 389 -9.36 -15.53 32.90
C LYS C 389 -9.51 -16.85 33.59
N ASP C 390 -10.70 -17.09 34.12
CA ASP C 390 -11.04 -18.39 34.75
C ASP C 390 -10.29 -18.67 36.06
N HIS C 391 -9.72 -17.63 36.67
CA HIS C 391 -9.02 -17.82 37.92
C HIS C 391 -9.96 -18.35 39.00
N ARG C 392 -9.44 -19.24 39.85
CA ARG C 392 -10.22 -19.78 40.98
C ARG C 392 -11.01 -18.66 41.70
N ASP C 393 -10.33 -17.55 42.03
CA ASP C 393 -10.95 -16.44 42.75
C ASP C 393 -10.21 -15.12 42.52
N ASN C 394 -10.72 -14.29 41.60
CA ASN C 394 -10.05 -13.03 41.24
C ASN C 394 -9.92 -11.98 42.35
N LEU C 395 -10.75 -12.03 43.38
CA LEU C 395 -10.55 -11.10 44.48
C LEU C 395 -9.20 -11.39 45.14
N GLU C 396 -8.95 -12.65 45.43
CA GLU C 396 -7.65 -13.08 45.93
C GLU C 396 -6.55 -12.51 45.04
N PHE C 397 -6.72 -12.74 43.74
CA PHE C 397 -5.74 -12.36 42.73
C PHE C 397 -5.56 -10.85 42.72
N PHE C 398 -6.68 -10.15 42.64
CA PHE C 398 -6.71 -8.70 42.68
C PHE C 398 -5.98 -8.15 43.92
N LEU C 399 -6.35 -8.68 45.09
CA LEU C 399 -5.75 -8.26 46.35
C LEU C 399 -4.24 -8.54 46.36
N ALA C 400 -3.84 -9.70 45.87
CA ALA C 400 -2.42 -10.01 45.66
C ALA C 400 -1.75 -8.88 44.90
N GLY C 401 -2.44 -8.39 43.87
CA GLY C 401 -1.91 -7.34 43.00
C GLY C 401 -1.69 -6.07 43.77
N ILE C 402 -2.63 -5.76 44.66
CA ILE C 402 -2.53 -4.56 45.48
C ILE C 402 -1.38 -4.76 46.44
N GLY C 403 -1.22 -5.99 46.89
CA GLY C 403 -0.06 -6.30 47.72
C GLY C 403 1.21 -5.91 47.01
N ARG C 404 1.26 -6.21 45.72
CA ARG C 404 2.48 -6.02 44.98
C ARG C 404 2.80 -4.54 44.85
N LEU C 405 1.77 -3.71 44.77
CA LEU C 405 1.98 -2.27 44.82
C LEU C 405 2.75 -1.92 46.08
N HIS C 406 2.34 -2.49 47.22
CA HIS C 406 3.03 -2.19 48.47
C HIS C 406 4.50 -2.50 48.28
N LEU C 407 4.80 -3.73 47.87
CA LEU C 407 6.18 -4.20 47.75
C LEU C 407 6.99 -3.37 46.78
N SER C 408 6.34 -2.57 45.95
CA SER C 408 7.06 -1.77 44.98
C SER C 408 6.98 -0.29 45.33
N GLY C 409 6.76 0.04 46.60
CA GLY C 409 6.82 1.43 47.03
C GLY C 409 5.57 2.26 46.82
N ILE C 410 4.59 1.73 46.11
CA ILE C 410 3.33 2.43 45.95
C ILE C 410 2.46 2.27 47.20
N ASP C 411 1.94 3.41 47.68
CA ASP C 411 1.13 3.46 48.87
C ASP C 411 -0.33 3.22 48.50
N ALA C 412 -0.86 2.05 48.87
CA ALA C 412 -2.22 1.66 48.51
C ALA C 412 -2.90 0.90 49.63
N ASN C 413 -3.70 1.59 50.43
CA ASN C 413 -4.26 0.99 51.61
C ASN C 413 -5.54 0.23 51.35
N PRO C 414 -5.48 -1.10 51.47
CA PRO C 414 -6.64 -1.93 51.13
C PRO C 414 -7.87 -1.67 52.02
N ASN C 415 -7.67 -1.09 53.19
CA ASN C 415 -8.79 -0.73 54.04
C ASN C 415 -9.94 -0.15 53.24
N ALA C 416 -9.57 0.76 52.34
CA ALA C 416 -10.54 1.48 51.52
C ALA C 416 -11.51 0.59 50.74
N LEU C 417 -11.07 -0.61 50.39
CA LEU C 417 -11.86 -1.48 49.55
C LEU C 417 -12.97 -2.16 50.34
N PHE C 418 -12.91 -2.11 51.66
CA PHE C 418 -13.82 -2.86 52.50
C PHE C 418 -14.65 -1.97 53.38
N PRO C 419 -15.70 -2.55 53.98
CA PRO C 419 -16.58 -1.76 54.83
C PRO C 419 -15.78 -1.28 56.00
N PRO C 420 -16.17 -0.15 56.59
CA PRO C 420 -15.38 0.42 57.65
C PRO C 420 -15.57 -0.29 58.95
N VAL C 421 -14.57 -0.10 59.81
CA VAL C 421 -14.53 -0.69 61.16
C VAL C 421 -14.73 0.34 62.26
N GLU C 422 -14.68 1.63 61.92
CA GLU C 422 -14.98 2.71 62.85
C GLU C 422 -15.96 3.63 62.13
N PHE C 423 -16.72 4.40 62.89
CA PHE C 423 -17.64 5.38 62.30
C PHE C 423 -16.91 6.61 61.76
N PRO C 424 -17.45 7.20 60.69
CA PRO C 424 -17.09 8.57 60.34
C PRO C 424 -16.93 9.49 61.56
N GLN D 21 5.90 -10.61 86.64
CA GLN D 21 6.76 -11.67 86.00
C GLN D 21 6.54 -11.68 84.48
N SER D 22 5.28 -11.45 84.09
CA SER D 22 4.88 -11.22 82.69
C SER D 22 4.53 -9.73 82.43
N MET D 23 5.06 -8.87 83.28
CA MET D 23 5.07 -7.44 83.02
C MET D 23 5.92 -7.13 81.79
N ARG D 24 5.42 -6.26 80.91
CA ARG D 24 6.17 -5.82 79.72
C ARG D 24 5.94 -4.34 79.41
N LEU D 25 6.93 -3.71 78.77
CA LEU D 25 6.82 -2.33 78.32
C LEU D 25 6.34 -2.38 76.91
N LEU D 26 5.26 -1.66 76.63
CA LEU D 26 4.75 -1.51 75.28
C LEU D 26 4.93 -0.06 74.81
N ARG D 27 5.57 0.10 73.64
CA ARG D 27 5.76 1.40 73.00
C ARG D 27 4.95 1.49 71.72
N ALA D 28 4.46 2.67 71.39
CA ALA D 28 3.68 2.86 70.17
C ALA D 28 3.98 4.19 69.51
N SER D 29 3.65 4.26 68.21
CA SER D 29 3.87 5.43 67.39
C SER D 29 2.75 5.54 66.36
N GLY D 30 2.59 6.73 65.80
CA GLY D 30 1.59 6.94 64.78
C GLY D 30 1.44 8.41 64.42
N ARG D 31 0.40 8.66 63.62
CA ARG D 31 0.20 9.98 63.04
C ARG D 31 -0.76 10.84 63.84
N THR D 32 -1.46 10.20 64.76
CA THR D 32 -2.39 10.88 65.62
C THR D 32 -2.35 10.15 66.94
N PRO D 33 -2.50 10.88 68.06
CA PRO D 33 -2.48 10.20 69.36
C PRO D 33 -3.58 9.17 69.47
N GLU D 34 -4.71 9.47 68.88
CA GLU D 34 -5.78 8.51 68.71
C GLU D 34 -5.21 7.17 68.23
N ALA D 35 -4.42 7.22 67.15
CA ALA D 35 -3.81 6.01 66.59
C ALA D 35 -2.89 5.31 67.59
N VAL D 36 -2.00 6.07 68.20
CA VAL D 36 -1.10 5.56 69.24
C VAL D 36 -1.94 4.89 70.32
N GLN D 37 -2.94 5.60 70.81
CA GLN D 37 -3.73 5.13 71.92
C GLN D 37 -4.44 3.82 71.57
N LYS D 38 -4.88 3.70 70.33
CA LYS D 38 -5.61 2.55 69.89
C LYS D 38 -4.68 1.36 69.82
N LEU D 39 -3.44 1.59 69.37
CA LEU D 39 -2.41 0.55 69.38
C LEU D 39 -2.20 0.02 70.80
N LEU D 40 -2.04 0.91 71.78
CA LEU D 40 -1.78 0.47 73.15
C LEU D 40 -3.02 -0.25 73.65
N GLU D 41 -4.20 0.38 73.55
CA GLU D 41 -5.46 -0.28 73.93
C GLU D 41 -5.42 -1.71 73.47
N GLN D 42 -4.94 -1.93 72.27
CA GLN D 42 -4.87 -3.27 71.70
C GLN D 42 -3.88 -4.15 72.46
N GLY D 43 -2.72 -3.57 72.77
CA GLY D 43 -1.73 -4.28 73.59
C GLY D 43 -2.28 -4.61 74.97
N LEU D 44 -3.01 -3.67 75.55
CA LEU D 44 -3.63 -3.87 76.85
C LEU D 44 -4.57 -5.06 76.80
N ARG D 45 -5.42 -5.11 75.79
CA ARG D 45 -6.37 -6.22 75.68
C ARG D 45 -5.73 -7.48 75.10
N HIS D 46 -4.42 -7.47 74.95
CA HIS D 46 -3.70 -8.69 74.61
C HIS D 46 -2.50 -8.81 75.54
N SER D 47 -2.65 -8.27 76.75
CA SER D 47 -1.54 -8.18 77.70
C SER D 47 -0.72 -9.45 77.81
N GLN D 48 -1.35 -10.61 77.76
CA GLN D 48 -0.63 -11.87 78.03
C GLN D 48 -0.03 -12.53 76.80
N ASP D 49 -0.20 -11.94 75.61
CA ASP D 49 0.35 -12.53 74.36
C ASP D 49 1.67 -11.89 74.02
N LEU D 50 2.75 -12.53 74.43
CA LEU D 50 4.08 -11.93 74.32
C LEU D 50 4.58 -11.83 72.86
N ALA D 51 4.26 -12.83 72.04
CA ALA D 51 4.60 -12.76 70.62
C ALA D 51 4.03 -11.49 70.00
N PHE D 52 2.79 -11.19 70.37
CA PHE D 52 2.01 -10.09 69.86
C PHE D 52 2.66 -8.80 70.29
N LEU D 53 2.93 -8.71 71.58
CA LEU D 53 3.51 -7.50 72.15
C LEU D 53 4.89 -7.20 71.53
N SER D 54 5.67 -8.27 71.36
CA SER D 54 6.98 -8.19 70.73
C SER D 54 6.82 -7.51 69.38
N MET D 55 5.80 -7.95 68.64
CA MET D 55 5.55 -7.42 67.32
C MET D 55 5.26 -5.91 67.42
N LEU D 56 4.31 -5.56 68.28
CA LEU D 56 3.95 -4.18 68.44
C LEU D 56 5.19 -3.34 68.70
N ASN D 57 6.10 -3.83 69.52
CA ASN D 57 7.28 -3.04 69.86
C ASN D 57 8.21 -2.84 68.67
N ASP D 58 8.31 -3.83 67.80
CA ASP D 58 9.13 -3.68 66.58
C ASP D 58 8.59 -2.57 65.68
N ILE D 59 7.27 -2.57 65.54
CA ILE D 59 6.53 -1.62 64.73
C ILE D 59 6.70 -0.16 65.13
N ALA D 60 6.89 0.09 66.41
CA ALA D 60 6.87 1.46 66.90
C ALA D 60 8.08 2.27 66.45
N ALA D 61 9.12 1.58 65.96
CA ALA D 61 10.34 2.24 65.47
C ALA D 61 10.11 3.04 64.17
N VAL D 62 9.53 4.23 64.30
CA VAL D 62 9.21 5.03 63.14
C VAL D 62 9.51 6.48 63.38
N PRO D 63 10.34 7.08 62.53
CA PRO D 63 10.70 8.48 62.65
C PRO D 63 9.52 9.40 62.99
N ALA D 64 9.78 10.34 63.88
CA ALA D 64 8.82 11.37 64.23
C ALA D 64 8.37 12.15 62.98
N THR D 65 9.29 12.37 62.05
CA THR D 65 8.98 12.92 60.73
C THR D 65 7.74 12.24 60.14
N ALA D 66 7.70 10.92 60.18
CA ALA D 66 6.60 10.16 59.64
C ALA D 66 5.46 10.10 60.63
N MET D 67 5.73 9.64 61.84
CA MET D 67 4.71 9.44 62.86
C MET D 67 5.06 10.24 64.11
N PRO D 68 4.56 11.47 64.21
CA PRO D 68 4.94 12.40 65.27
C PRO D 68 4.32 12.17 66.64
N PHE D 69 3.49 11.15 66.80
CA PHE D 69 2.95 10.85 68.10
C PHE D 69 3.47 9.54 68.58
N ARG D 70 4.05 9.54 69.78
CA ARG D 70 4.56 8.34 70.40
C ARG D 70 3.89 8.18 71.75
N GLY D 71 3.82 6.94 72.22
CA GLY D 71 3.25 6.67 73.54
C GLY D 71 3.81 5.39 74.14
N TYR D 72 3.51 5.14 75.41
CA TYR D 72 3.93 3.90 76.02
C TYR D 72 3.06 3.51 77.18
N ALA D 73 3.12 2.23 77.54
CA ALA D 73 2.37 1.71 78.65
C ALA D 73 3.09 0.48 79.20
N VAL D 74 3.23 0.41 80.53
CA VAL D 74 3.82 -0.76 81.22
C VAL D 74 2.69 -1.71 81.60
N LEU D 75 2.53 -2.77 80.81
CA LEU D 75 1.46 -3.72 81.04
C LEU D 75 1.90 -4.67 82.15
N GLY D 76 1.03 -4.90 83.12
CA GLY D 76 1.41 -5.53 84.39
C GLY D 76 1.69 -4.43 85.40
N GLY D 77 1.23 -4.60 86.63
CA GLY D 77 1.38 -3.56 87.67
C GLY D 77 0.60 -2.30 87.35
N GLU D 78 0.71 -1.27 88.19
CA GLU D 78 -0.03 -0.04 87.92
C GLU D 78 0.84 1.20 88.12
N GLY D 81 -1.31 3.21 83.54
CA GLY D 81 -1.90 4.32 82.78
C GLY D 81 -1.00 4.70 81.62
N PRO D 82 -1.58 5.01 80.44
CA PRO D 82 -0.76 5.22 79.24
C PRO D 82 -0.25 6.64 79.18
N GLU D 83 0.89 6.83 78.51
CA GLU D 83 1.45 8.15 78.34
C GLU D 83 1.62 8.37 76.88
N VAL D 84 1.14 9.51 76.39
CA VAL D 84 1.21 9.84 74.97
C VAL D 84 1.57 11.28 74.78
N GLN D 85 2.47 11.53 73.85
CA GLN D 85 2.79 12.91 73.51
C GLN D 85 3.39 13.04 72.12
N GLN D 86 3.46 14.27 71.66
CA GLN D 86 4.05 14.56 70.39
C GLN D 86 5.56 14.62 70.52
N VAL D 87 6.24 13.97 69.60
CA VAL D 87 7.68 13.95 69.58
C VAL D 87 8.18 14.95 68.56
N PRO D 88 9.11 15.83 68.95
CA PRO D 88 9.70 16.73 67.96
C PRO D 88 10.72 15.98 67.08
N ALA D 89 10.81 16.32 65.80
CA ALA D 89 11.78 15.66 64.92
C ALA D 89 13.17 16.06 65.35
N GLY D 90 14.13 15.15 65.14
CA GLY D 90 15.53 15.45 65.43
C GLY D 90 16.28 14.35 66.13
N GLU D 91 17.61 14.45 66.12
CA GLU D 91 18.48 13.52 66.82
C GLU D 91 19.00 14.18 68.10
N ARG D 92 18.42 13.77 69.21
CA ARG D 92 18.75 14.28 70.53
C ARG D 92 19.87 13.42 71.08
N PRO D 93 20.91 14.06 71.64
CA PRO D 93 22.02 13.31 72.22
C PRO D 93 21.69 12.66 73.58
N LEU D 94 22.20 11.46 73.78
CA LEU D 94 21.92 10.68 74.99
C LEU D 94 23.11 10.76 75.95
N TRP D 95 22.80 11.07 77.21
CA TRP D 95 23.84 11.23 78.24
C TRP D 95 23.58 10.33 79.43
N PHE D 96 24.65 9.72 79.91
CA PHE D 96 24.62 8.86 81.07
C PHE D 96 25.27 9.58 82.23
N ILE D 97 24.52 9.69 83.33
CA ILE D 97 25.05 10.23 84.58
C ILE D 97 25.12 9.12 85.60
N CYS D 98 26.31 8.91 86.17
CA CYS D 98 26.53 7.91 87.19
C CYS D 98 26.70 8.53 88.55
N SER D 99 25.71 8.34 89.42
CA SER D 99 25.76 8.87 90.77
C SER D 99 26.69 7.99 91.59
N GLY D 100 27.13 8.46 92.74
CA GLY D 100 28.02 7.66 93.58
C GLY D 100 27.78 7.82 95.07
N MET D 101 27.80 9.07 95.53
CA MET D 101 27.60 9.40 96.94
C MET D 101 26.41 8.65 97.57
N GLY D 102 26.73 7.55 98.26
CA GLY D 102 25.78 6.84 99.15
C GLY D 102 24.33 6.74 98.72
N THR D 103 24.10 6.21 97.52
CA THR D 103 22.75 6.00 97.01
C THR D 103 22.18 4.62 97.41
N GLN D 104 22.56 4.15 98.60
CA GLN D 104 22.30 2.77 99.07
C GLN D 104 20.96 2.67 99.80
N TRP D 105 20.35 1.48 99.74
CA TRP D 105 19.14 1.20 100.53
C TRP D 105 18.81 -0.29 100.62
N ARG D 106 18.13 -0.69 101.69
CA ARG D 106 17.90 -2.11 102.00
C ARG D 106 16.94 -2.75 101.00
N GLY D 107 17.49 -3.52 100.07
CA GLY D 107 16.70 -4.22 99.05
C GLY D 107 16.87 -3.71 97.63
N MET D 108 17.89 -2.88 97.40
CA MET D 108 18.18 -2.41 96.04
C MET D 108 18.31 -3.58 95.07
N GLY D 109 17.65 -3.47 93.92
CA GLY D 109 17.89 -4.39 92.81
C GLY D 109 17.16 -5.74 92.80
N LEU D 110 16.61 -6.16 93.94
CA LEU D 110 15.79 -7.37 93.99
C LEU D 110 14.68 -7.24 92.98
N SER D 111 14.02 -6.09 93.04
CA SER D 111 13.14 -5.57 91.99
C SER D 111 13.57 -5.99 90.58
N LEU D 112 14.75 -5.55 90.16
CA LEU D 112 15.25 -5.74 88.80
C LEU D 112 15.87 -7.10 88.52
N MET D 113 15.96 -7.94 89.54
CA MET D 113 16.67 -9.19 89.41
C MET D 113 15.92 -10.13 88.46
N ARG D 114 14.66 -9.84 88.23
CA ARG D 114 13.85 -10.66 87.35
C ARG D 114 14.27 -10.56 85.90
N LEU D 115 14.93 -9.46 85.52
CA LEU D 115 15.51 -9.36 84.19
C LEU D 115 16.79 -10.22 84.12
N ASP D 116 16.74 -11.27 83.30
CA ASP D 116 17.84 -12.22 83.19
C ASP D 116 19.15 -11.49 82.93
N ARG D 117 19.14 -10.56 81.98
CA ARG D 117 20.33 -9.81 81.63
C ARG D 117 20.90 -9.12 82.87
N PHE D 118 20.00 -8.59 83.70
CA PHE D 118 20.40 -7.91 84.94
C PHE D 118 20.96 -8.91 85.94
N ARG D 119 20.15 -9.91 86.27
CA ARG D 119 20.59 -11.02 87.12
C ARG D 119 21.95 -11.53 86.68
N ASP D 120 22.10 -11.81 85.39
CA ASP D 120 23.35 -12.38 84.88
C ASP D 120 24.56 -11.42 84.99
N SER D 121 24.32 -10.12 84.91
CA SER D 121 25.37 -9.13 85.18
C SER D 121 25.84 -9.17 86.63
N ILE D 122 24.88 -9.24 87.56
CA ILE D 122 25.20 -9.25 88.99
C ILE D 122 25.94 -10.52 89.41
N LEU D 123 25.54 -11.65 88.86
CA LEU D 123 26.24 -12.89 89.13
C LEU D 123 27.65 -12.83 88.55
N ARG D 124 27.79 -12.28 87.33
CA ARG D 124 29.11 -12.03 86.74
C ARG D 124 29.97 -11.15 87.65
N SER D 125 29.34 -10.21 88.34
CA SER D 125 30.03 -9.34 89.28
C SER D 125 30.47 -10.12 90.52
N ASP D 126 29.59 -10.99 91.01
CA ASP D 126 29.90 -11.88 92.14
C ASP D 126 31.18 -12.68 91.86
N GLU D 127 31.33 -13.15 90.62
CA GLU D 127 32.53 -13.89 90.19
C GLU D 127 33.80 -13.11 90.48
N ALA D 128 33.79 -11.80 90.23
CA ALA D 128 34.92 -10.92 90.55
C ALA D 128 35.21 -10.82 92.08
N VAL D 129 34.17 -10.97 92.90
CA VAL D 129 34.31 -10.93 94.37
C VAL D 129 34.07 -12.29 95.07
N LYS D 130 34.20 -13.40 94.32
CA LYS D 130 34.17 -14.76 94.90
C LYS D 130 35.25 -14.88 95.97
N PRO D 131 36.51 -14.57 95.60
CA PRO D 131 37.49 -14.28 96.65
C PRO D 131 37.04 -13.05 97.45
N PHE D 132 37.64 -12.84 98.60
CA PHE D 132 37.15 -11.89 99.59
C PHE D 132 35.81 -12.35 100.19
N GLY D 133 35.37 -13.55 99.80
CA GLY D 133 34.08 -14.10 100.23
C GLY D 133 32.97 -13.08 100.34
N LEU D 134 32.53 -12.54 99.19
CA LEU D 134 31.37 -11.65 99.14
C LEU D 134 30.47 -11.99 97.95
N LYS D 135 29.19 -12.21 98.24
CA LYS D 135 28.20 -12.45 97.19
C LYS D 135 27.31 -11.22 97.07
N VAL D 136 27.55 -10.38 96.05
CA VAL D 136 26.74 -9.17 95.84
C VAL D 136 25.24 -9.53 95.76
N SER D 137 24.94 -10.67 95.14
CA SER D 137 23.57 -11.21 95.16
C SER D 137 23.12 -11.50 96.59
N GLN D 138 23.94 -12.23 97.35
CA GLN D 138 23.63 -12.44 98.77
C GLN D 138 23.43 -11.08 99.45
N LEU D 139 24.28 -10.10 99.10
CA LEU D 139 24.19 -8.75 99.66
C LEU D 139 22.84 -8.15 99.40
N LEU D 140 22.43 -8.18 98.14
CA LEU D 140 21.15 -7.59 97.75
C LEU D 140 20.00 -8.44 98.31
N LEU D 141 20.13 -9.76 98.18
CA LEU D 141 19.12 -10.70 98.68
C LEU D 141 19.05 -10.70 100.21
N SER D 142 20.05 -10.13 100.88
CA SER D 142 20.03 -9.99 102.34
C SER D 142 18.84 -9.17 102.82
N THR D 143 18.57 -9.27 104.12
CA THR D 143 17.43 -8.58 104.74
C THR D 143 17.81 -7.95 106.08
N ASP D 144 19.10 -7.62 106.25
CA ASP D 144 19.57 -6.99 107.47
C ASP D 144 19.63 -5.48 107.26
N GLU D 145 18.97 -4.72 108.13
CA GLU D 145 18.91 -3.26 107.99
C GLU D 145 20.27 -2.57 108.11
N SER D 146 21.24 -3.27 108.72
CA SER D 146 22.61 -2.74 108.85
C SER D 146 23.54 -3.24 107.74
N THR D 147 23.01 -4.07 106.85
CA THR D 147 23.81 -4.71 105.82
C THR D 147 24.65 -3.72 105.00
N PHE D 148 24.04 -2.60 104.63
CA PHE D 148 24.71 -1.60 103.80
C PHE D 148 25.36 -0.49 104.62
N ASP D 149 25.45 -0.67 105.94
CA ASP D 149 26.21 0.25 106.79
C ASP D 149 27.72 0.00 106.64
N ASP D 150 28.09 -1.20 106.17
CA ASP D 150 29.48 -1.50 105.80
C ASP D 150 29.85 -0.78 104.51
N ILE D 151 31.02 -0.14 104.50
CA ILE D 151 31.49 0.66 103.36
C ILE D 151 31.73 -0.19 102.12
N VAL D 152 32.37 -1.34 102.29
CA VAL D 152 32.70 -2.22 101.17
C VAL D 152 31.42 -2.79 100.57
N HIS D 153 30.50 -3.23 101.43
CA HIS D 153 29.19 -3.70 100.99
C HIS D 153 28.55 -2.69 100.04
N SER D 154 28.32 -1.48 100.55
CA SER D 154 27.72 -0.43 99.77
C SER D 154 28.48 -0.19 98.46
N PHE D 155 29.75 0.20 98.58
CA PHE D 155 30.55 0.52 97.39
C PHE D 155 30.39 -0.51 96.27
N VAL D 156 30.64 -1.77 96.59
CA VAL D 156 30.54 -2.83 95.60
C VAL D 156 29.12 -2.93 95.05
N SER D 157 28.14 -2.94 95.94
CA SER D 157 26.75 -3.06 95.54
C SER D 157 26.29 -1.93 94.60
N LEU D 158 26.63 -0.71 94.98
CA LEU D 158 26.38 0.47 94.17
C LEU D 158 26.94 0.23 92.75
N THR D 159 28.23 -0.04 92.67
CA THR D 159 28.88 -0.21 91.37
C THR D 159 28.35 -1.42 90.59
N ALA D 160 28.07 -2.52 91.28
CA ALA D 160 27.44 -3.68 90.66
C ALA D 160 26.15 -3.30 89.94
N ILE D 161 25.28 -2.57 90.63
CA ILE D 161 23.99 -2.21 90.10
C ILE D 161 24.12 -1.29 88.90
N GLN D 162 25.01 -0.31 89.01
CA GLN D 162 25.25 0.60 87.89
C GLN D 162 25.64 -0.20 86.64
N ILE D 163 26.51 -1.20 86.80
CA ILE D 163 26.92 -2.02 85.65
C ILE D 163 25.71 -2.76 85.10
N GLY D 164 24.90 -3.33 85.98
CA GLY D 164 23.66 -3.97 85.57
C GLY D 164 22.81 -3.02 84.74
N LEU D 165 22.53 -1.85 85.29
CA LEU D 165 21.76 -0.86 84.53
C LEU D 165 22.42 -0.57 83.19
N ILE D 166 23.73 -0.39 83.18
CA ILE D 166 24.44 -0.10 81.93
C ILE D 166 24.23 -1.25 80.94
N ASP D 167 24.31 -2.48 81.44
CA ASP D 167 24.14 -3.64 80.58
C ASP D 167 22.73 -3.73 79.99
N LEU D 168 21.72 -3.48 80.82
CA LEU D 168 20.35 -3.43 80.32
C LEU D 168 20.23 -2.44 79.16
N LEU D 169 20.74 -1.24 79.37
CA LEU D 169 20.68 -0.20 78.34
C LEU D 169 21.48 -0.63 77.09
N SER D 170 22.67 -1.16 77.27
CA SER D 170 23.48 -1.53 76.11
C SER D 170 22.82 -2.66 75.31
N CYS D 171 22.01 -3.51 75.96
CA CYS D 171 21.36 -4.63 75.28
C CYS D 171 20.30 -4.13 74.30
N MET D 172 19.78 -2.94 74.56
CA MET D 172 18.86 -2.26 73.64
C MET D 172 19.63 -1.45 72.61
N GLY D 173 20.94 -1.60 72.57
CA GLY D 173 21.74 -0.88 71.60
C GLY D 173 21.84 0.61 71.88
N LEU D 174 21.86 0.98 73.15
CA LEU D 174 21.97 2.40 73.50
C LEU D 174 23.43 2.75 73.76
N ARG D 175 24.01 3.53 72.85
CA ARG D 175 25.37 4.05 72.99
C ARG D 175 25.30 5.51 73.42
N PRO D 176 25.85 5.85 74.61
CA PRO D 176 25.75 7.23 75.07
C PRO D 176 26.65 8.15 74.27
N ASP D 177 26.16 9.37 74.02
CA ASP D 177 26.94 10.40 73.35
C ASP D 177 27.82 11.16 74.34
N GLY D 178 27.47 11.07 75.63
CA GLY D 178 28.25 11.66 76.71
C GLY D 178 28.09 10.92 78.02
N ILE D 179 29.17 10.89 78.80
CA ILE D 179 29.21 10.18 80.08
C ILE D 179 29.81 11.09 81.15
N VAL D 180 29.14 11.19 82.29
CA VAL D 180 29.60 12.02 83.40
C VAL D 180 29.26 11.34 84.72
N GLY D 181 30.21 11.32 85.64
CA GLY D 181 30.06 10.59 86.89
C GLY D 181 30.30 11.44 88.11
N HIS D 182 29.88 10.89 89.26
CA HIS D 182 29.97 11.59 90.53
C HIS D 182 30.66 10.68 91.53
N SER D 183 31.83 11.13 92.01
CA SER D 183 32.68 10.34 92.87
C SER D 183 32.80 8.90 92.37
N LEU D 184 32.32 7.95 93.16
CA LEU D 184 32.39 6.53 92.85
C LEU D 184 31.81 6.25 91.46
N GLY D 185 30.76 6.98 91.10
CA GLY D 185 30.19 6.90 89.76
C GLY D 185 31.20 6.85 88.63
N GLU D 186 32.30 7.60 88.77
CA GLU D 186 33.36 7.58 87.75
C GLU D 186 33.90 6.20 87.48
N VAL D 187 33.69 5.25 88.39
CA VAL D 187 34.05 3.84 88.09
C VAL D 187 33.09 3.28 87.05
N ALA D 188 31.80 3.34 87.36
CA ALA D 188 30.78 2.92 86.40
C ALA D 188 31.04 3.57 85.06
N CYS D 189 31.38 4.86 85.08
CA CYS D 189 31.64 5.62 83.86
C CYS D 189 32.73 4.96 83.02
N GLY D 190 33.80 4.52 83.67
CA GLY D 190 34.85 3.78 83.00
C GLY D 190 34.29 2.60 82.25
N TYR D 191 33.47 1.81 82.96
CA TYR D 191 32.81 0.66 82.38
C TYR D 191 31.97 1.07 81.17
N ALA D 192 31.15 2.12 81.34
CA ALA D 192 30.31 2.64 80.24
C ALA D 192 31.14 3.14 79.05
N ASP D 193 32.29 3.75 79.32
CA ASP D 193 33.17 4.21 78.26
C ASP D 193 33.93 3.05 77.63
N GLY D 194 33.85 1.87 78.25
CA GLY D 194 34.63 0.72 77.83
C GLY D 194 36.10 0.89 78.11
N CYS D 195 36.41 1.52 79.24
CA CYS D 195 37.78 1.67 79.70
C CYS D 195 38.07 0.55 80.67
N LEU D 196 37.17 0.38 81.62
CA LEU D 196 37.23 -0.69 82.60
C LEU D 196 36.33 -1.84 82.18
N SER D 197 36.76 -3.05 82.51
CA SER D 197 35.91 -4.22 82.35
C SER D 197 35.00 -4.32 83.56
N GLN D 198 34.08 -5.27 83.50
CA GLN D 198 33.24 -5.55 84.66
C GLN D 198 34.10 -6.01 85.86
N GLU D 199 35.00 -6.99 85.63
CA GLU D 199 35.90 -7.46 86.68
C GLU D 199 36.68 -6.30 87.26
N GLU D 200 37.37 -5.57 86.39
CA GLU D 200 38.16 -4.41 86.82
C GLU D 200 37.32 -3.45 87.66
N ALA D 201 36.22 -2.98 87.10
CA ALA D 201 35.38 -1.98 87.74
C ALA D 201 34.84 -2.42 89.11
N VAL D 202 34.44 -3.68 89.20
CA VAL D 202 33.86 -4.22 90.45
C VAL D 202 34.90 -4.27 91.60
N LEU D 203 36.12 -4.65 91.29
CA LEU D 203 37.21 -4.70 92.26
C LEU D 203 37.64 -3.29 92.68
N ALA D 204 37.59 -2.34 91.74
CA ALA D 204 37.79 -0.93 92.05
C ALA D 204 36.85 -0.49 93.17
N ALA D 205 35.59 -0.91 93.09
CA ALA D 205 34.63 -0.66 94.15
C ALA D 205 35.07 -1.34 95.45
N TYR D 206 35.53 -2.59 95.35
CA TYR D 206 35.97 -3.32 96.54
C TYR D 206 37.12 -2.62 97.28
N TRP D 207 38.23 -2.41 96.58
CA TRP D 207 39.44 -1.94 97.24
C TRP D 207 39.24 -0.56 97.81
N ARG D 208 38.68 0.33 97.01
CA ARG D 208 38.23 1.63 97.50
C ARG D 208 37.54 1.46 98.85
N GLY D 209 36.60 0.52 98.91
CA GLY D 209 35.89 0.24 100.17
C GLY D 209 36.81 -0.33 101.22
N GLN D 210 37.63 -1.30 100.83
CA GLN D 210 38.46 -2.04 101.78
C GLN D 210 39.55 -1.18 102.41
N CYS D 211 40.30 -0.47 101.57
CA CYS D 211 41.33 0.46 102.04
C CYS D 211 40.81 1.45 103.07
N ILE D 212 39.61 1.99 102.82
CA ILE D 212 38.95 2.87 103.79
C ILE D 212 38.70 2.14 105.10
N LYS D 213 37.92 1.06 105.03
CA LYS D 213 37.59 0.25 106.21
C LYS D 213 38.86 0.00 107.07
N GLU D 214 39.91 -0.50 106.44
CA GLU D 214 41.16 -0.82 107.13
C GLU D 214 41.79 0.40 107.79
N ALA D 215 41.68 1.56 107.13
CA ALA D 215 42.34 2.80 107.58
C ALA D 215 42.03 3.21 109.02
N HIS D 216 40.77 3.09 109.42
CA HIS D 216 40.34 3.55 110.74
C HIS D 216 40.75 5.01 110.97
N LEU D 217 40.18 5.90 110.17
CA LEU D 217 40.49 7.33 110.22
C LEU D 217 39.69 8.01 111.33
N PRO D 218 40.05 9.26 111.69
CA PRO D 218 39.26 10.05 112.64
C PRO D 218 37.81 10.26 112.18
N PRO D 219 36.94 10.83 113.05
CA PRO D 219 35.54 11.01 112.68
C PRO D 219 35.34 12.21 111.75
N GLY D 220 34.85 11.95 110.53
CA GLY D 220 34.59 13.00 109.54
C GLY D 220 33.12 13.27 109.36
N ALA D 221 32.80 14.13 108.39
CA ALA D 221 31.40 14.45 108.08
C ALA D 221 31.32 15.28 106.81
N MET D 222 30.16 15.27 106.17
CA MET D 222 29.92 16.09 104.99
C MET D 222 28.52 16.67 105.04
N ALA D 223 28.29 17.76 104.32
CA ALA D 223 27.04 18.49 104.40
C ALA D 223 26.77 19.29 103.12
N ALA D 224 25.53 19.21 102.65
CA ALA D 224 25.10 20.01 101.52
C ALA D 224 24.79 21.42 102.02
N VAL D 225 25.24 22.43 101.27
CA VAL D 225 25.09 23.82 101.68
C VAL D 225 24.76 24.70 100.49
N GLY D 226 23.84 25.65 100.70
CA GLY D 226 23.34 26.49 99.63
C GLY D 226 24.17 27.73 99.34
N LEU D 227 25.50 27.61 99.47
CA LEU D 227 26.43 28.69 99.16
C LEU D 227 27.08 28.39 97.80
N SER D 228 27.68 29.40 97.19
CA SER D 228 28.44 29.19 95.95
C SER D 228 29.76 28.53 96.31
N TRP D 229 30.40 27.92 95.32
CA TRP D 229 31.70 27.28 95.51
C TRP D 229 32.74 28.29 96.03
N GLU D 230 32.73 29.49 95.46
CA GLU D 230 33.62 30.57 95.90
C GLU D 230 33.27 31.00 97.32
N GLU D 231 31.99 31.27 97.58
CA GLU D 231 31.52 31.64 98.93
C GLU D 231 31.85 30.54 99.94
N CYS D 232 31.74 29.28 99.52
CA CYS D 232 32.14 28.14 100.34
C CYS D 232 33.62 28.21 100.65
N LYS D 233 34.44 28.35 99.60
CA LYS D 233 35.89 28.51 99.77
C LYS D 233 36.20 29.56 100.85
N GLN D 234 35.60 30.75 100.71
CA GLN D 234 35.82 31.85 101.65
C GLN D 234 35.30 31.59 103.07
N ARG D 235 34.01 31.23 103.19
CA ARG D 235 33.38 31.12 104.52
C ARG D 235 33.70 29.84 105.30
N CYS D 236 34.59 29.00 104.75
CA CYS D 236 34.95 27.72 105.36
C CYS D 236 35.81 27.84 106.61
N PRO D 237 35.38 27.23 107.74
CA PRO D 237 36.29 27.09 108.87
C PRO D 237 37.47 26.15 108.57
N PRO D 238 38.53 26.20 109.40
CA PRO D 238 39.76 25.44 109.10
C PRO D 238 39.56 23.93 109.21
N GLY D 239 40.08 23.18 108.24
CA GLY D 239 39.92 21.74 108.20
C GLY D 239 38.70 21.26 107.44
N VAL D 240 37.76 22.17 107.17
CA VAL D 240 36.54 21.83 106.44
C VAL D 240 36.61 22.48 105.06
N VAL D 241 36.50 21.66 104.01
CA VAL D 241 36.74 22.08 102.63
C VAL D 241 35.52 21.84 101.73
N PRO D 242 35.41 22.60 100.63
CA PRO D 242 34.39 22.27 99.63
C PRO D 242 34.78 20.96 98.95
N ALA D 243 33.82 20.06 98.79
CA ALA D 243 34.10 18.70 98.34
C ALA D 243 33.43 18.39 97.01
N CYS D 244 32.15 18.74 96.87
CA CYS D 244 31.42 18.49 95.64
C CYS D 244 30.78 19.76 95.12
N HIS D 245 31.10 20.13 93.88
CA HIS D 245 30.45 21.24 93.19
C HIS D 245 29.25 20.71 92.42
N ASN D 246 28.15 20.53 93.15
CA ASN D 246 26.93 19.91 92.63
C ASN D 246 26.21 20.85 91.65
N SER D 247 25.88 22.05 92.10
CA SER D 247 25.27 23.07 91.26
C SER D 247 25.94 24.42 91.51
N LYS D 248 25.42 25.47 90.87
CA LYS D 248 25.96 26.84 91.02
C LYS D 248 25.77 27.40 92.44
N ASP D 249 24.66 27.05 93.07
CA ASP D 249 24.39 27.48 94.45
C ASP D 249 24.11 26.28 95.37
N THR D 250 24.75 25.15 95.11
CA THR D 250 24.75 24.01 96.03
C THR D 250 26.10 23.31 96.02
N VAL D 251 26.70 23.19 97.20
CA VAL D 251 28.02 22.60 97.37
C VAL D 251 28.01 21.67 98.57
N THR D 252 28.60 20.49 98.42
CA THR D 252 28.80 19.59 99.55
C THR D 252 30.16 19.89 100.16
N ILE D 253 30.18 20.27 101.44
CA ILE D 253 31.42 20.52 102.18
C ILE D 253 31.86 19.24 102.85
N SER D 254 33.12 19.19 103.28
CA SER D 254 33.70 17.94 103.81
C SER D 254 34.87 18.17 104.74
N GLY D 255 34.80 17.59 105.94
CA GLY D 255 35.86 17.71 106.91
C GLY D 255 35.56 16.92 108.18
N PRO D 256 36.36 17.16 109.26
CA PRO D 256 36.14 16.51 110.55
C PRO D 256 34.83 16.91 111.24
N GLN D 257 34.39 16.10 112.20
CA GLN D 257 33.02 16.17 112.72
C GLN D 257 32.73 17.38 113.64
N ALA D 258 33.73 17.83 114.40
CA ALA D 258 33.53 18.96 115.33
C ALA D 258 33.38 20.31 114.63
N PRO D 259 34.40 20.73 113.84
CA PRO D 259 34.23 21.92 112.97
C PRO D 259 33.02 21.79 112.06
N VAL D 260 32.74 20.57 111.59
CA VAL D 260 31.46 20.24 110.96
C VAL D 260 30.32 20.64 111.89
N PHE D 261 30.16 19.91 113.00
CA PHE D 261 29.08 20.17 113.96
C PHE D 261 29.03 21.65 114.38
N GLU D 262 30.20 22.25 114.60
CA GLU D 262 30.31 23.63 115.08
C GLU D 262 29.86 24.67 114.04
N PHE D 263 30.20 24.42 112.77
CA PHE D 263 29.88 25.35 111.68
C PHE D 263 28.54 25.07 111.01
N VAL D 264 28.09 23.83 111.08
CA VAL D 264 26.73 23.46 110.67
C VAL D 264 25.69 24.21 111.53
N GLU D 265 25.99 24.34 112.82
CA GLU D 265 25.14 25.08 113.76
C GLU D 265 25.47 26.58 113.79
N GLN D 266 26.63 26.96 113.25
CA GLN D 266 27.02 28.38 113.11
C GLN D 266 26.45 29.00 111.82
N LEU D 267 26.34 28.19 110.77
CA LEU D 267 25.69 28.61 109.52
C LEU D 267 24.15 28.63 109.64
N ARG D 268 23.60 27.58 110.28
CA ARG D 268 22.16 27.49 110.57
C ARG D 268 21.69 28.65 111.45
N LYS D 269 22.48 29.00 112.46
CA LYS D 269 22.16 30.11 113.35
C LYS D 269 22.23 31.46 112.61
N GLU D 270 23.08 31.56 111.59
CA GLU D 270 23.15 32.78 110.76
C GLU D 270 22.09 32.75 109.65
N GLY D 271 21.44 31.61 109.47
CA GLY D 271 20.33 31.46 108.53
C GLY D 271 20.79 30.99 107.17
N VAL D 272 21.21 29.73 107.09
CA VAL D 272 21.75 29.14 105.88
C VAL D 272 21.22 27.71 105.72
N PHE D 273 21.19 27.20 104.49
CA PHE D 273 20.95 25.77 104.25
C PHE D 273 22.18 25.01 104.74
N ALA D 274 21.96 23.97 105.54
CA ALA D 274 23.07 23.22 106.14
C ALA D 274 22.64 21.87 106.73
N LYS D 275 22.25 20.94 105.87
CA LYS D 275 21.89 19.60 106.32
C LYS D 275 23.15 18.77 106.38
N GLU D 276 23.38 18.13 107.53
CA GLU D 276 24.43 17.15 107.63
C GLU D 276 24.02 15.99 106.76
N VAL D 277 24.96 15.49 105.95
CA VAL D 277 24.70 14.31 105.14
C VAL D 277 25.28 13.09 105.86
N ARG D 278 24.48 12.03 105.95
CA ARG D 278 24.94 10.78 106.54
C ARG D 278 25.98 10.22 105.58
N THR D 279 27.24 10.22 106.02
CA THR D 279 28.37 9.78 105.18
C THR D 279 29.11 8.57 105.78
N GLY D 280 28.50 7.95 106.80
CA GLY D 280 29.20 6.97 107.62
C GLY D 280 30.33 7.63 108.37
N GLY D 281 30.08 8.85 108.86
CA GLY D 281 31.08 9.65 109.58
C GLY D 281 32.36 9.89 108.80
N MET D 282 32.22 10.15 107.50
CA MET D 282 33.38 10.22 106.59
C MET D 282 33.46 11.55 105.84
N ALA D 283 34.68 12.05 105.68
CA ALA D 283 34.94 13.22 104.88
C ALA D 283 35.62 12.78 103.59
N PHE D 284 34.81 12.49 102.57
CA PHE D 284 35.31 12.07 101.27
C PHE D 284 35.81 13.27 100.48
N HIS D 285 36.64 12.99 99.48
CA HIS D 285 37.15 14.02 98.58
C HIS D 285 37.74 15.17 99.36
N SER D 286 38.53 14.79 100.36
CA SER D 286 39.23 15.71 101.24
C SER D 286 40.58 15.10 101.64
N TYR D 287 41.43 15.90 102.29
CA TYR D 287 42.74 15.45 102.76
C TYR D 287 42.70 14.16 103.60
N PHE D 288 41.61 13.98 104.36
CA PHE D 288 41.41 12.74 105.13
C PHE D 288 41.72 11.50 104.29
N MET D 289 41.28 11.51 103.03
CA MET D 289 41.45 10.37 102.13
C MET D 289 42.91 10.17 101.69
N GLU D 290 43.72 11.24 101.79
CA GLU D 290 45.11 11.22 101.35
C GLU D 290 45.88 10.07 102.01
N ALA D 291 45.51 9.75 103.24
CA ALA D 291 46.10 8.62 103.97
C ALA D 291 45.88 7.29 103.23
N ILE D 292 44.76 7.19 102.53
CA ILE D 292 44.35 5.94 101.89
C ILE D 292 44.88 5.80 100.46
N ALA D 293 45.46 6.87 99.92
CA ALA D 293 45.93 6.88 98.53
C ALA D 293 46.99 5.80 98.23
N PRO D 294 48.11 5.80 98.98
CA PRO D 294 49.18 4.80 98.77
C PRO D 294 48.79 3.31 98.83
N PRO D 295 48.04 2.88 99.87
CA PRO D 295 47.54 1.50 99.81
C PRO D 295 46.59 1.23 98.61
N LEU D 296 45.63 2.12 98.36
CA LEU D 296 44.72 1.94 97.21
C LEU D 296 45.50 1.91 95.90
N LEU D 297 46.43 2.84 95.73
CA LEU D 297 47.25 2.90 94.50
C LEU D 297 47.93 1.57 94.26
N GLN D 298 48.46 0.96 95.33
CA GLN D 298 49.08 -0.37 95.25
C GLN D 298 48.09 -1.39 94.71
N GLU D 299 46.99 -1.61 95.44
CA GLU D 299 45.95 -2.57 95.02
C GLU D 299 45.49 -2.40 93.57
N LEU D 300 45.09 -1.19 93.21
CA LEU D 300 44.49 -0.95 91.88
C LEU D 300 45.50 -1.15 90.75
N LYS D 301 46.77 -0.81 90.99
CA LYS D 301 47.84 -1.09 90.00
C LYS D 301 47.87 -2.57 89.63
N LYS D 302 47.56 -3.42 90.61
CA LYS D 302 47.44 -4.86 90.36
C LYS D 302 46.23 -5.15 89.47
N VAL D 303 45.11 -4.52 89.77
CA VAL D 303 43.84 -4.77 89.05
C VAL D 303 43.80 -4.22 87.60
N ILE D 304 44.24 -2.98 87.44
CA ILE D 304 44.22 -2.32 86.13
C ILE D 304 45.61 -2.36 85.48
N ARG D 305 46.01 -3.54 85.02
CA ARG D 305 47.24 -3.69 84.23
C ARG D 305 46.91 -3.22 82.81
N GLU D 306 47.88 -2.59 82.14
CA GLU D 306 47.67 -1.99 80.80
C GLU D 306 46.37 -1.16 80.73
N PRO D 307 46.32 0.00 81.41
CA PRO D 307 45.12 0.83 81.51
C PRO D 307 44.66 1.41 80.17
N LYS D 308 43.35 1.46 79.94
CA LYS D 308 42.80 1.89 78.66
C LYS D 308 42.54 3.42 78.63
N PRO D 309 42.59 4.03 77.44
CA PRO D 309 42.40 5.47 77.30
C PRO D 309 40.94 5.87 77.35
N ARG D 310 40.67 7.02 77.95
CA ARG D 310 39.30 7.53 78.05
C ARG D 310 38.92 8.27 76.78
N SER D 311 37.64 8.26 76.44
CA SER D 311 37.17 8.90 75.21
C SER D 311 36.65 10.31 75.48
N ALA D 312 36.47 11.06 74.40
CA ALA D 312 35.92 12.40 74.46
C ALA D 312 34.49 12.43 75.00
N ARG D 313 33.78 11.30 74.96
CA ARG D 313 32.44 11.20 75.54
C ARG D 313 32.49 11.38 77.03
N TRP D 314 33.55 10.86 77.65
CA TRP D 314 33.61 10.76 79.09
C TRP D 314 34.27 11.98 79.74
N LEU D 315 33.45 12.98 80.04
CA LEU D 315 33.90 14.17 80.75
C LEU D 315 34.25 13.86 82.21
N SER D 316 35.48 14.21 82.63
CA SER D 316 35.95 13.92 83.99
C SER D 316 35.51 14.96 85.01
N THR D 317 35.11 14.48 86.18
CA THR D 317 34.72 15.32 87.32
C THR D 317 35.79 15.34 88.41
N SER D 318 36.75 14.44 88.31
CA SER D 318 37.89 14.39 89.24
C SER D 318 38.97 15.39 88.83
N ILE D 319 39.23 15.46 87.52
CA ILE D 319 40.21 16.40 86.94
C ILE D 319 39.45 17.60 86.35
N PRO D 320 39.95 18.84 86.56
CA PRO D 320 39.29 19.99 85.96
C PRO D 320 39.60 20.08 84.47
N GLU D 321 38.69 20.72 83.73
CA GLU D 321 38.79 20.84 82.29
C GLU D 321 40.20 21.24 81.82
N ALA D 322 40.83 22.18 82.52
CA ALA D 322 42.21 22.60 82.23
C ALA D 322 43.18 21.44 82.02
N GLN D 323 43.35 20.61 83.06
CA GLN D 323 44.29 19.49 82.99
C GLN D 323 43.66 18.23 82.39
N TRP D 324 43.00 18.39 81.24
CA TRP D 324 42.44 17.27 80.47
C TRP D 324 43.46 16.76 79.45
N HIS D 325 44.03 17.69 78.68
CA HIS D 325 45.13 17.36 77.76
C HIS D 325 46.37 16.99 78.57
N SER D 326 46.29 15.84 79.26
CA SER D 326 47.29 15.42 80.24
C SER D 326 47.31 13.90 80.45
N SER D 327 48.33 13.42 81.17
CA SER D 327 48.58 11.98 81.32
C SER D 327 47.63 11.28 82.28
N LEU D 328 47.39 11.89 83.44
CA LEU D 328 46.44 11.34 84.42
C LEU D 328 45.08 11.24 83.77
N ALA D 329 44.73 12.28 83.01
CA ALA D 329 43.49 12.30 82.25
C ALA D 329 43.46 11.21 81.18
N ARG D 330 44.50 11.17 80.34
CA ARG D 330 44.54 10.28 79.17
C ARG D 330 43.84 8.91 79.35
N THR D 331 44.07 8.25 80.47
CA THR D 331 43.58 6.89 80.69
C THR D 331 42.85 6.77 82.03
N SER D 332 42.12 5.68 82.21
CA SER D 332 41.49 5.35 83.49
C SER D 332 42.41 4.37 84.24
N SER D 333 43.47 4.91 84.81
CA SER D 333 44.47 4.13 85.53
C SER D 333 44.08 4.01 86.99
N ALA D 334 44.89 3.30 87.75
CA ALA D 334 44.78 3.33 89.20
C ALA D 334 45.08 4.76 89.66
N GLU D 335 46.02 5.42 88.98
CA GLU D 335 46.34 6.81 89.23
C GLU D 335 45.12 7.72 89.06
N TYR D 336 44.30 7.44 88.05
CA TYR D 336 43.09 8.24 87.80
C TYR D 336 42.06 8.04 88.91
N ASN D 337 41.86 6.78 89.30
CA ASN D 337 40.82 6.41 90.26
C ASN D 337 41.16 6.83 91.67
N VAL D 338 42.45 6.77 92.00
CA VAL D 338 42.91 7.21 93.31
C VAL D 338 42.71 8.71 93.44
N ASN D 339 43.10 9.46 92.39
CA ASN D 339 42.88 10.90 92.35
C ASN D 339 41.42 11.28 92.59
N ASN D 340 40.53 10.51 91.99
CA ASN D 340 39.08 10.65 92.21
C ASN D 340 38.73 10.73 93.70
N LEU D 341 39.16 9.72 94.44
CA LEU D 341 38.84 9.61 95.85
C LEU D 341 39.32 10.83 96.61
N VAL D 342 40.51 11.31 96.25
CA VAL D 342 41.13 12.43 96.95
C VAL D 342 40.60 13.77 96.48
N SER D 343 40.56 13.96 95.17
CA SER D 343 40.18 15.24 94.59
C SER D 343 38.66 15.49 94.75
N PRO D 344 38.26 16.78 94.77
CA PRO D 344 36.82 17.12 94.83
C PRO D 344 36.05 16.83 93.52
N VAL D 345 34.72 16.72 93.63
CA VAL D 345 33.88 16.34 92.49
C VAL D 345 33.46 17.59 91.71
N LEU D 346 34.07 17.77 90.55
CA LEU D 346 33.79 18.92 89.68
C LEU D 346 32.65 18.55 88.76
N PHE D 347 31.46 18.45 89.35
CA PHE D 347 30.26 17.95 88.69
C PHE D 347 29.58 19.03 87.85
N GLN D 348 29.19 20.12 88.51
CA GLN D 348 28.54 21.23 87.81
C GLN D 348 29.34 21.66 86.60
N GLU D 349 30.66 21.69 86.75
CA GLU D 349 31.55 22.15 85.70
C GLU D 349 31.42 21.26 84.44
N ALA D 350 31.20 19.97 84.65
CA ALA D 350 30.97 19.04 83.55
C ALA D 350 29.60 19.26 82.93
N LEU D 351 28.59 19.43 83.77
CA LEU D 351 27.22 19.62 83.32
C LEU D 351 27.12 20.77 82.34
N TRP D 352 27.97 21.79 82.48
CA TRP D 352 28.05 22.92 81.54
C TRP D 352 28.18 22.48 80.07
N HIS D 353 28.81 21.32 79.83
CA HIS D 353 29.04 20.83 78.47
C HIS D 353 27.90 20.04 77.85
N VAL D 354 26.97 19.56 78.66
CA VAL D 354 25.81 18.85 78.14
C VAL D 354 24.97 19.84 77.32
N PRO D 355 24.72 19.52 76.04
CA PRO D 355 24.03 20.41 75.11
C PRO D 355 22.52 20.57 75.37
N GLU D 356 21.86 21.37 74.53
CA GLU D 356 20.52 21.89 74.79
C GLU D 356 19.39 20.85 74.90
N HIS D 357 19.33 19.89 73.98
CA HIS D 357 18.20 18.98 73.95
C HIS D 357 18.63 17.57 74.36
N ALA D 358 19.47 17.48 75.38
CA ALA D 358 19.99 16.20 75.83
C ALA D 358 18.90 15.39 76.51
N VAL D 359 18.92 14.08 76.27
CA VAL D 359 18.20 13.14 77.10
C VAL D 359 19.23 12.63 78.07
N VAL D 360 18.87 12.64 79.35
CA VAL D 360 19.81 12.31 80.41
C VAL D 360 19.27 11.24 81.36
N LEU D 361 20.04 10.17 81.54
CA LEU D 361 19.63 9.02 82.34
C LEU D 361 20.43 8.92 83.63
N GLU D 362 19.78 9.03 84.78
CA GLU D 362 20.49 8.89 86.06
C GLU D 362 20.69 7.41 86.33
N ILE D 363 21.94 6.97 86.21
CA ILE D 363 22.32 5.60 86.40
C ILE D 363 22.73 5.44 87.83
N ALA D 364 21.81 4.93 88.66
CA ALA D 364 22.06 4.76 90.09
C ALA D 364 20.92 3.96 90.72
N PRO D 365 21.21 3.24 91.83
CA PRO D 365 20.18 2.49 92.57
C PRO D 365 19.11 3.41 93.16
N HIS D 366 19.44 4.68 93.33
CA HIS D 366 18.44 5.69 93.63
C HIS D 366 18.81 6.97 92.89
N ALA D 367 17.80 7.73 92.50
CA ALA D 367 18.03 8.94 91.71
C ALA D 367 18.26 10.17 92.60
N LEU D 368 19.32 10.14 93.40
CA LEU D 368 19.66 11.26 94.29
C LEU D 368 19.83 12.55 93.48
N LEU D 369 20.58 12.47 92.38
CA LEU D 369 20.95 13.65 91.63
C LEU D 369 19.86 14.23 90.72
N GLN D 370 18.63 13.73 90.78
CA GLN D 370 17.57 14.30 89.93
C GLN D 370 17.34 15.77 90.22
N ALA D 371 17.25 16.12 91.50
CA ALA D 371 17.08 17.52 91.88
C ALA D 371 18.17 18.35 91.23
N VAL D 372 19.43 18.03 91.56
CA VAL D 372 20.56 18.83 91.09
C VAL D 372 20.66 18.86 89.56
N LEU D 373 20.36 17.72 88.92
CA LEU D 373 20.45 17.59 87.48
C LEU D 373 19.43 18.53 86.81
N LYS D 374 18.19 18.54 87.29
CA LYS D 374 17.15 19.42 86.73
C LYS D 374 17.55 20.87 86.98
N ARG D 375 18.05 21.14 88.19
CA ARG D 375 18.47 22.48 88.58
C ARG D 375 19.61 23.00 87.72
N GLY D 376 20.55 22.12 87.41
CA GLY D 376 21.76 22.50 86.71
C GLY D 376 21.82 22.16 85.23
N LEU D 377 20.71 21.74 84.63
CA LEU D 377 20.72 21.47 83.20
C LEU D 377 19.84 22.44 82.45
N LYS D 378 20.07 22.54 81.14
CA LYS D 378 19.32 23.46 80.31
C LYS D 378 17.90 22.91 80.18
N PRO D 379 16.89 23.69 80.60
CA PRO D 379 15.54 23.14 80.79
C PRO D 379 14.98 22.38 79.58
N SER D 380 15.60 22.59 78.41
CA SER D 380 15.30 21.82 77.20
C SER D 380 15.68 20.33 77.32
N CYS D 381 16.49 20.01 78.32
CA CYS D 381 16.95 18.64 78.56
C CYS D 381 15.87 17.81 79.25
N THR D 382 15.87 16.52 78.96
CA THR D 382 14.98 15.58 79.63
C THR D 382 15.81 14.70 80.52
N ILE D 383 15.33 14.51 81.74
CA ILE D 383 16.09 13.80 82.75
C ILE D 383 15.27 12.63 83.24
N ILE D 384 15.83 11.44 83.12
CA ILE D 384 15.09 10.22 83.40
C ILE D 384 15.82 9.42 84.46
N PRO D 385 15.19 9.21 85.60
CA PRO D 385 15.72 8.31 86.58
C PRO D 385 15.33 6.88 86.26
N LEU D 386 16.24 5.96 86.59
CA LEU D 386 16.07 4.53 86.33
C LEU D 386 15.62 3.73 87.56
N MET D 387 15.93 4.22 88.77
CA MET D 387 15.50 3.56 90.02
C MET D 387 15.16 4.56 91.12
N LYS D 388 14.21 4.19 91.98
CA LYS D 388 13.86 4.98 93.16
C LYS D 388 14.05 4.16 94.43
N LYS D 389 14.68 4.77 95.43
CA LYS D 389 14.90 4.16 96.75
C LYS D 389 13.58 3.74 97.35
N ASP D 390 13.45 2.44 97.63
CA ASP D 390 12.28 1.86 98.29
C ASP D 390 10.99 1.88 97.44
N HIS D 391 11.14 2.02 96.13
CA HIS D 391 10.01 2.01 95.23
C HIS D 391 9.27 0.67 95.28
N ARG D 392 7.94 0.72 95.22
CA ARG D 392 7.11 -0.48 95.20
C ARG D 392 7.72 -1.58 94.30
N ASP D 393 8.06 -1.21 93.07
CA ASP D 393 8.61 -2.13 92.08
C ASP D 393 9.47 -1.43 91.03
N ASN D 394 10.79 -1.47 91.18
CA ASN D 394 11.68 -0.73 90.28
C ASN D 394 11.72 -1.22 88.84
N LEU D 395 11.29 -2.44 88.56
CA LEU D 395 11.21 -2.87 87.18
C LEU D 395 10.15 -2.02 86.45
N GLU D 396 8.96 -1.90 87.05
CA GLU D 396 7.92 -1.02 86.51
C GLU D 396 8.48 0.38 86.32
N PHE D 397 9.21 0.87 87.31
CA PHE D 397 9.78 2.21 87.25
C PHE D 397 10.81 2.32 86.15
N PHE D 398 11.73 1.37 86.09
CA PHE D 398 12.73 1.33 85.04
C PHE D 398 12.06 1.28 83.65
N LEU D 399 11.14 0.34 83.47
CA LEU D 399 10.45 0.22 82.20
C LEU D 399 9.77 1.54 81.80
N ALA D 400 9.05 2.15 82.73
CA ALA D 400 8.51 3.48 82.52
C ALA D 400 9.57 4.42 81.96
N GLY D 401 10.78 4.35 82.53
CA GLY D 401 11.87 5.21 82.10
C GLY D 401 12.24 4.96 80.65
N ILE D 402 12.26 3.67 80.27
CA ILE D 402 12.54 3.29 78.88
C ILE D 402 11.41 3.78 77.98
N GLY D 403 10.18 3.71 78.49
CA GLY D 403 9.07 4.31 77.80
C GLY D 403 9.35 5.78 77.53
N ARG D 404 9.93 6.48 78.49
CA ARG D 404 10.17 7.91 78.32
C ARG D 404 11.22 8.19 77.26
N LEU D 405 12.20 7.31 77.10
CA LEU D 405 13.12 7.41 75.96
C LEU D 405 12.38 7.41 74.62
N HIS D 406 11.40 6.52 74.51
CA HIS D 406 10.59 6.44 73.31
C HIS D 406 9.97 7.80 73.09
N LEU D 407 9.26 8.33 74.09
CA LEU D 407 8.56 9.61 73.94
C LEU D 407 9.48 10.78 73.62
N SER D 408 10.78 10.60 73.79
CA SER D 408 11.76 11.64 73.53
C SER D 408 12.56 11.40 72.26
N GLY D 409 12.06 10.55 71.37
CA GLY D 409 12.74 10.30 70.11
C GLY D 409 13.87 9.27 70.15
N ILE D 410 14.29 8.84 71.34
CA ILE D 410 15.32 7.81 71.41
C ILE D 410 14.73 6.43 71.12
N ASP D 411 15.40 5.71 70.24
CA ASP D 411 14.94 4.41 69.82
C ASP D 411 15.48 3.35 70.78
N ALA D 412 14.60 2.73 71.57
CA ALA D 412 15.02 1.71 72.54
C ALA D 412 13.98 0.60 72.65
N ASN D 413 14.23 -0.52 72.00
CA ASN D 413 13.22 -1.60 71.94
C ASN D 413 13.27 -2.51 73.16
N PRO D 414 12.20 -2.48 73.97
CA PRO D 414 12.24 -3.24 75.22
C PRO D 414 12.33 -4.74 74.97
N ASN D 415 11.92 -5.21 73.79
CA ASN D 415 11.97 -6.64 73.48
C ASN D 415 13.28 -7.26 73.94
N ALA D 416 14.37 -6.53 73.69
CA ALA D 416 15.73 -6.93 74.05
C ALA D 416 15.91 -7.34 75.54
N LEU D 417 15.13 -6.73 76.43
CA LEU D 417 15.28 -6.96 77.84
C LEU D 417 14.70 -8.31 78.26
N PHE D 418 13.87 -8.90 77.43
CA PHE D 418 13.18 -10.11 77.84
C PHE D 418 13.57 -11.31 77.00
N PRO D 419 13.24 -12.52 77.49
CA PRO D 419 13.44 -13.70 76.67
C PRO D 419 12.74 -13.62 75.33
N PRO D 420 13.34 -14.23 74.30
CA PRO D 420 12.75 -14.16 72.95
C PRO D 420 11.47 -15.02 72.81
N VAL D 421 10.66 -14.72 71.80
CA VAL D 421 9.36 -15.39 71.67
C VAL D 421 9.52 -16.90 71.38
#